data_8IBQ
# 
_entry.id   8IBQ 
# 
_audit_conform.dict_name       mmcif_pdbx.dic 
_audit_conform.dict_version    5.379 
_audit_conform.dict_location   http://mmcif.pdb.org/dictionaries/ascii/mmcif_pdbx.dic 
# 
loop_
_database_2.database_id 
_database_2.database_code 
_database_2.pdbx_database_accession 
_database_2.pdbx_DOI 
PDB   8IBQ         pdb_00008ibq 10.2210/pdb8ibq/pdb 
WWPDB D_1300035363 ?            ?                   
# 
_pdbx_database_status.status_code                     REL 
_pdbx_database_status.status_code_sf                  REL 
_pdbx_database_status.status_code_mr                  ? 
_pdbx_database_status.entry_id                        8IBQ 
_pdbx_database_status.recvd_initial_deposition_date   2023-02-10 
_pdbx_database_status.SG_entry                        N 
_pdbx_database_status.deposit_site                    PDBJ 
_pdbx_database_status.process_site                    PDBJ 
_pdbx_database_status.status_code_cs                  ? 
_pdbx_database_status.status_code_nmr_data            ? 
_pdbx_database_status.methods_development_category    ? 
_pdbx_database_status.pdb_format_compatible           Y 
# 
loop_
_audit_author.name 
_audit_author.pdbx_ordinal 
_audit_author.identifier_ORCID 
'Cao, D.'    1 ? 
'Zhiyan, D.' 2 ? 
'Xiong, B.'  3 ? 
# 
_citation.abstract                  ? 
_citation.abstract_id_CAS           ? 
_citation.book_id_ISBN              ? 
_citation.book_publisher            ? 
_citation.book_publisher_city       ? 
_citation.book_title                ? 
_citation.coordinate_linkage        ? 
_citation.country                   US 
_citation.database_id_Medline       ? 
_citation.details                   ? 
_citation.id                        primary 
_citation.journal_abbrev            J.Med.Chem. 
_citation.journal_id_ASTM           JMCMAR 
_citation.journal_id_CSD            0151 
_citation.journal_id_ISSN           0022-2623 
_citation.journal_full              ? 
_citation.journal_issue             ? 
_citation.journal_volume            66 
_citation.language                  ? 
_citation.page_first                8725 
_citation.page_last                 8744 
_citation.title                     
;Discovery of 1 H -Imidazo[4,5- b ]pyridine Derivatives as Potent and Selective BET Inhibitors for the Management of Neuropathic Pain.
;
_citation.year                      2023 
_citation.database_id_CSD           ? 
_citation.pdbx_database_id_DOI      10.1021/acs.jmedchem.3c00372 
_citation.pdbx_database_id_PubMed   37382379 
_citation.pdbx_database_id_patent   ? 
_citation.unpublished_flag          ? 
# 
loop_
_citation_author.citation_id 
_citation_author.name 
_citation_author.ordinal 
_citation_author.identifier_ORCID 
primary 'Chen, X.'  1  0000-0003-4137-3949 
primary 'Cao, D.'   2  ?                   
primary 'Liu, C.'   3  ?                   
primary 'Meng, F.'  4  ?                   
primary 'Zhang, Z.' 5  ?                   
primary 'Xu, R.'    6  ?                   
primary 'Tong, Y.'  7  ?                   
primary 'Xin, Y.'   8  ?                   
primary 'Zhang, W.' 9  ?                   
primary 'Kang, W.'  10 ?                   
primary 'Bao, Q.'   11 ?                   
primary 'Shen, J.'  12 ?                   
primary 'Xiong, B.' 13 0000-0001-9776-8136 
primary 'You, Q.'   14 0000-0002-8587-0122 
primary 'Jiang, Z.' 15 0000-0002-1671-1582 
# 
_cell.angle_alpha                  90.00 
_cell.angle_alpha_esd              ? 
_cell.angle_beta                   90.00 
_cell.angle_beta_esd               ? 
_cell.angle_gamma                  90.00 
_cell.angle_gamma_esd              ? 
_cell.entry_id                     8IBQ 
_cell.details                      ? 
_cell.formula_units_Z              ? 
_cell.length_a                     34.198 
_cell.length_a_esd                 ? 
_cell.length_b                     47.155 
_cell.length_b_esd                 ? 
_cell.length_c                     78.152 
_cell.length_c_esd                 ? 
_cell.volume                       ? 
_cell.volume_esd                   ? 
_cell.Z_PDB                        4 
_cell.reciprocal_angle_alpha       ? 
_cell.reciprocal_angle_beta        ? 
_cell.reciprocal_angle_gamma       ? 
_cell.reciprocal_angle_alpha_esd   ? 
_cell.reciprocal_angle_beta_esd    ? 
_cell.reciprocal_angle_gamma_esd   ? 
_cell.reciprocal_length_a          ? 
_cell.reciprocal_length_b          ? 
_cell.reciprocal_length_c          ? 
_cell.reciprocal_length_a_esd      ? 
_cell.reciprocal_length_b_esd      ? 
_cell.reciprocal_length_c_esd      ? 
_cell.pdbx_unique_axis             ? 
_cell.pdbx_esd_method              ? 
# 
_symmetry.entry_id                         8IBQ 
_symmetry.cell_setting                     ? 
_symmetry.Int_Tables_number                19 
_symmetry.space_group_name_Hall            ? 
_symmetry.space_group_name_H-M             'P 21 21 21' 
_symmetry.pdbx_full_space_group_name_H-M   ? 
# 
loop_
_entity.id 
_entity.type 
_entity.src_method 
_entity.pdbx_description 
_entity.formula_weight 
_entity.pdbx_number_of_molecules 
_entity.pdbx_ec 
_entity.pdbx_mutation 
_entity.pdbx_fragment 
_entity.details 
1 polymer     man 'Bromodomain-containing protein 4'                                                   14652.970 1  ? ? ? ? 
2 non-polymer syn '7-[2-fluoranyl-3-(1,3,5-trimethylpyrazol-4-yl)phenyl]-1~{H}-imidazo[4,5-b]pyridine' 321.352   1  ? ? ? ? 
3 water       nat water                                                                                18.015    58 ? ? ? ? 
# 
_entity_name_com.entity_id   1 
_entity_name_com.name        'Protein HUNK1' 
# 
_entity_poly.entity_id                      1 
_entity_poly.type                           'polypeptide(L)' 
_entity_poly.nstd_linkage                   no 
_entity_poly.nstd_monomer                   no 
_entity_poly.pdbx_seq_one_letter_code       
;MNPPPPETSNPNKPKRQTNQLQYLLRVVLKTLWKHQFAWPFQQPVDAVKLNLPDYYKIIKTPMDMGTIKKRLENNYYWNA
QECIQDFNTMFTNCYIYNKPGDDIVLMAEALEKLFLQKINELP
;
_entity_poly.pdbx_seq_one_letter_code_can   
;MNPPPPETSNPNKPKRQTNQLQYLLRVVLKTLWKHQFAWPFQQPVDAVKLNLPDYYKIIKTPMDMGTIKKRLENNYYWNA
QECIQDFNTMFTNCYIYNKPGDDIVLMAEALEKLFLQKINELP
;
_entity_poly.pdbx_strand_id                 A 
_entity_poly.pdbx_target_identifier         ? 
# 
loop_
_entity_poly_seq.entity_id 
_entity_poly_seq.num 
_entity_poly_seq.mon_id 
_entity_poly_seq.hetero 
1 1   MET n 
1 2   ASN n 
1 3   PRO n 
1 4   PRO n 
1 5   PRO n 
1 6   PRO n 
1 7   GLU n 
1 8   THR n 
1 9   SER n 
1 10  ASN n 
1 11  PRO n 
1 12  ASN n 
1 13  LYS n 
1 14  PRO n 
1 15  LYS n 
1 16  ARG n 
1 17  GLN n 
1 18  THR n 
1 19  ASN n 
1 20  GLN n 
1 21  LEU n 
1 22  GLN n 
1 23  TYR n 
1 24  LEU n 
1 25  LEU n 
1 26  ARG n 
1 27  VAL n 
1 28  VAL n 
1 29  LEU n 
1 30  LYS n 
1 31  THR n 
1 32  LEU n 
1 33  TRP n 
1 34  LYS n 
1 35  HIS n 
1 36  GLN n 
1 37  PHE n 
1 38  ALA n 
1 39  TRP n 
1 40  PRO n 
1 41  PHE n 
1 42  GLN n 
1 43  GLN n 
1 44  PRO n 
1 45  VAL n 
1 46  ASP n 
1 47  ALA n 
1 48  VAL n 
1 49  LYS n 
1 50  LEU n 
1 51  ASN n 
1 52  LEU n 
1 53  PRO n 
1 54  ASP n 
1 55  TYR n 
1 56  TYR n 
1 57  LYS n 
1 58  ILE n 
1 59  ILE n 
1 60  LYS n 
1 61  THR n 
1 62  PRO n 
1 63  MET n 
1 64  ASP n 
1 65  MET n 
1 66  GLY n 
1 67  THR n 
1 68  ILE n 
1 69  LYS n 
1 70  LYS n 
1 71  ARG n 
1 72  LEU n 
1 73  GLU n 
1 74  ASN n 
1 75  ASN n 
1 76  TYR n 
1 77  TYR n 
1 78  TRP n 
1 79  ASN n 
1 80  ALA n 
1 81  GLN n 
1 82  GLU n 
1 83  CYS n 
1 84  ILE n 
1 85  GLN n 
1 86  ASP n 
1 87  PHE n 
1 88  ASN n 
1 89  THR n 
1 90  MET n 
1 91  PHE n 
1 92  THR n 
1 93  ASN n 
1 94  CYS n 
1 95  TYR n 
1 96  ILE n 
1 97  TYR n 
1 98  ASN n 
1 99  LYS n 
1 100 PRO n 
1 101 GLY n 
1 102 ASP n 
1 103 ASP n 
1 104 ILE n 
1 105 VAL n 
1 106 LEU n 
1 107 MET n 
1 108 ALA n 
1 109 GLU n 
1 110 ALA n 
1 111 LEU n 
1 112 GLU n 
1 113 LYS n 
1 114 LEU n 
1 115 PHE n 
1 116 LEU n 
1 117 GLN n 
1 118 LYS n 
1 119 ILE n 
1 120 ASN n 
1 121 GLU n 
1 122 LEU n 
1 123 PRO n 
# 
_entity_src_gen.entity_id                          1 
_entity_src_gen.pdbx_src_id                        1 
_entity_src_gen.pdbx_alt_source_flag               sample 
_entity_src_gen.pdbx_seq_type                      'Biological sequence' 
_entity_src_gen.pdbx_beg_seq_num                   1 
_entity_src_gen.pdbx_end_seq_num                   123 
_entity_src_gen.gene_src_common_name               human 
_entity_src_gen.gene_src_genus                     ? 
_entity_src_gen.pdbx_gene_src_gene                 'BRD4, HUNK1' 
_entity_src_gen.gene_src_species                   ? 
_entity_src_gen.gene_src_strain                    ? 
_entity_src_gen.gene_src_tissue                    ? 
_entity_src_gen.gene_src_tissue_fraction           ? 
_entity_src_gen.gene_src_details                   ? 
_entity_src_gen.pdbx_gene_src_fragment             ? 
_entity_src_gen.pdbx_gene_src_scientific_name      'Homo sapiens' 
_entity_src_gen.pdbx_gene_src_ncbi_taxonomy_id     9606 
_entity_src_gen.pdbx_gene_src_variant              ? 
_entity_src_gen.pdbx_gene_src_cell_line            ? 
_entity_src_gen.pdbx_gene_src_atcc                 ? 
_entity_src_gen.pdbx_gene_src_organ                ? 
_entity_src_gen.pdbx_gene_src_organelle            ? 
_entity_src_gen.pdbx_gene_src_cell                 ? 
_entity_src_gen.pdbx_gene_src_cellular_location    ? 
_entity_src_gen.host_org_common_name               ? 
_entity_src_gen.pdbx_host_org_scientific_name      'Escherichia coli' 
_entity_src_gen.pdbx_host_org_ncbi_taxonomy_id     562 
_entity_src_gen.host_org_genus                     ? 
_entity_src_gen.pdbx_host_org_gene                 ? 
_entity_src_gen.pdbx_host_org_organ                ? 
_entity_src_gen.host_org_species                   ? 
_entity_src_gen.pdbx_host_org_tissue               ? 
_entity_src_gen.pdbx_host_org_tissue_fraction      ? 
_entity_src_gen.pdbx_host_org_strain               ? 
_entity_src_gen.pdbx_host_org_variant              ? 
_entity_src_gen.pdbx_host_org_cell_line            ? 
_entity_src_gen.pdbx_host_org_atcc                 ? 
_entity_src_gen.pdbx_host_org_culture_collection   ? 
_entity_src_gen.pdbx_host_org_cell                 ? 
_entity_src_gen.pdbx_host_org_organelle            ? 
_entity_src_gen.pdbx_host_org_cellular_location    ? 
_entity_src_gen.pdbx_host_org_vector_type          ? 
_entity_src_gen.pdbx_host_org_vector               ? 
_entity_src_gen.host_org_details                   ? 
_entity_src_gen.expression_system_id               ? 
_entity_src_gen.plasmid_name                       ? 
_entity_src_gen.plasmid_details                    ? 
_entity_src_gen.pdbx_description                   ? 
# 
_struct_ref.id                         1 
_struct_ref.db_name                    UNP 
_struct_ref.db_code                    BRD4_HUMAN 
_struct_ref.pdbx_db_accession          O60885 
_struct_ref.pdbx_db_isoform            O60885-2 
_struct_ref.entity_id                  1 
_struct_ref.pdbx_seq_one_letter_code   
;NPPPPETSNPNKPKRQTNQLQYLLRVVLKTLWKHQFAWPFQQPVDAVKLNLPDYYKIIKTPMDMGTIKKRLENNYYWNAQ
ECIQDFNTMFTNCYIYNKPGDDIVLMAEALEKLFLQKINELP
;
_struct_ref.pdbx_align_begin           44 
# 
_struct_ref_seq.align_id                      1 
_struct_ref_seq.ref_id                        1 
_struct_ref_seq.pdbx_PDB_id_code              8IBQ 
_struct_ref_seq.pdbx_strand_id                A 
_struct_ref_seq.seq_align_beg                 2 
_struct_ref_seq.pdbx_seq_align_beg_ins_code   ? 
_struct_ref_seq.seq_align_end                 123 
_struct_ref_seq.pdbx_seq_align_end_ins_code   ? 
_struct_ref_seq.pdbx_db_accession             O60885 
_struct_ref_seq.db_align_beg                  44 
_struct_ref_seq.pdbx_db_align_beg_ins_code    ? 
_struct_ref_seq.db_align_end                  165 
_struct_ref_seq.pdbx_db_align_end_ins_code    ? 
_struct_ref_seq.pdbx_auth_seq_align_beg       44 
_struct_ref_seq.pdbx_auth_seq_align_end       165 
# 
_struct_ref_seq_dif.align_id                     1 
_struct_ref_seq_dif.pdbx_pdb_id_code             8IBQ 
_struct_ref_seq_dif.mon_id                       MET 
_struct_ref_seq_dif.pdbx_pdb_strand_id           A 
_struct_ref_seq_dif.seq_num                      1 
_struct_ref_seq_dif.pdbx_pdb_ins_code            ? 
_struct_ref_seq_dif.pdbx_seq_db_name             UNP 
_struct_ref_seq_dif.pdbx_seq_db_accession_code   O60885 
_struct_ref_seq_dif.db_mon_id                    ? 
_struct_ref_seq_dif.pdbx_seq_db_seq_num          ? 
_struct_ref_seq_dif.details                      'initiating methionine' 
_struct_ref_seq_dif.pdbx_auth_seq_num            43 
_struct_ref_seq_dif.pdbx_ordinal                 1 
# 
loop_
_chem_comp.id 
_chem_comp.type 
_chem_comp.mon_nstd_flag 
_chem_comp.name 
_chem_comp.pdbx_synonyms 
_chem_comp.formula 
_chem_comp.formula_weight 
ALA 'L-peptide linking' y ALANINE                                                                              ? 'C3 H7 N O2'     
89.093  
ARG 'L-peptide linking' y ARGININE                                                                             ? 'C6 H15 N4 O2 1' 
175.209 
ASN 'L-peptide linking' y ASPARAGINE                                                                           ? 'C4 H8 N2 O3'    
132.118 
ASP 'L-peptide linking' y 'ASPARTIC ACID'                                                                      ? 'C4 H7 N O4'     
133.103 
CYS 'L-peptide linking' y CYSTEINE                                                                             ? 'C3 H7 N O2 S'   
121.158 
GLN 'L-peptide linking' y GLUTAMINE                                                                            ? 'C5 H10 N2 O3'   
146.144 
GLU 'L-peptide linking' y 'GLUTAMIC ACID'                                                                      ? 'C5 H9 N O4'     
147.129 
GLY 'peptide linking'   y GLYCINE                                                                              ? 'C2 H5 N O2'     
75.067  
HIS 'L-peptide linking' y HISTIDINE                                                                            ? 'C6 H10 N3 O2 1' 
156.162 
HOH non-polymer         . WATER                                                                                ? 'H2 O'           
18.015  
ILE 'L-peptide linking' y ISOLEUCINE                                                                           ? 'C6 H13 N O2'    
131.173 
LEU 'L-peptide linking' y LEUCINE                                                                              ? 'C6 H13 N O2'    
131.173 
LYS 'L-peptide linking' y LYSINE                                                                               ? 'C6 H15 N2 O2 1' 
147.195 
MET 'L-peptide linking' y METHIONINE                                                                           ? 'C5 H11 N O2 S'  
149.211 
OWO non-polymer         . '7-[2-fluoranyl-3-(1,3,5-trimethylpyrazol-4-yl)phenyl]-1~{H}-imidazo[4,5-b]pyridine' ? 'C18 H16 F N5'   
321.352 
PHE 'L-peptide linking' y PHENYLALANINE                                                                        ? 'C9 H11 N O2'    
165.189 
PRO 'L-peptide linking' y PROLINE                                                                              ? 'C5 H9 N O2'     
115.130 
SER 'L-peptide linking' y SERINE                                                                               ? 'C3 H7 N O3'     
105.093 
THR 'L-peptide linking' y THREONINE                                                                            ? 'C4 H9 N O3'     
119.119 
TRP 'L-peptide linking' y TRYPTOPHAN                                                                           ? 'C11 H12 N2 O2'  
204.225 
TYR 'L-peptide linking' y TYROSINE                                                                             ? 'C9 H11 N O3'    
181.189 
VAL 'L-peptide linking' y VALINE                                                                               ? 'C5 H11 N O2'    
117.146 
# 
_exptl.absorpt_coefficient_mu     ? 
_exptl.absorpt_correction_T_max   ? 
_exptl.absorpt_correction_T_min   ? 
_exptl.absorpt_correction_type    ? 
_exptl.absorpt_process_details    ? 
_exptl.entry_id                   8IBQ 
_exptl.crystals_number            1 
_exptl.details                    ? 
_exptl.method                     'X-RAY DIFFRACTION' 
_exptl.method_details             ? 
# 
_exptl_crystal.colour                       ? 
_exptl_crystal.density_diffrn               ? 
_exptl_crystal.density_Matthews             2.12 
_exptl_crystal.density_method               ? 
_exptl_crystal.density_percent_sol          41.96 
_exptl_crystal.description                  ? 
_exptl_crystal.F_000                        ? 
_exptl_crystal.id                           1 
_exptl_crystal.preparation                  ? 
_exptl_crystal.size_max                     ? 
_exptl_crystal.size_mid                     ? 
_exptl_crystal.size_min                     ? 
_exptl_crystal.size_rad                     ? 
_exptl_crystal.colour_lustre                ? 
_exptl_crystal.colour_modifier              ? 
_exptl_crystal.colour_primary               ? 
_exptl_crystal.density_meas                 ? 
_exptl_crystal.density_meas_esd             ? 
_exptl_crystal.density_meas_gt              ? 
_exptl_crystal.density_meas_lt              ? 
_exptl_crystal.density_meas_temp            ? 
_exptl_crystal.density_meas_temp_esd        ? 
_exptl_crystal.density_meas_temp_gt         ? 
_exptl_crystal.density_meas_temp_lt         ? 
_exptl_crystal.pdbx_crystal_image_url       ? 
_exptl_crystal.pdbx_crystal_image_format    ? 
_exptl_crystal.pdbx_mosaicity               ? 
_exptl_crystal.pdbx_mosaicity_esd           ? 
_exptl_crystal.pdbx_mosaic_method           ? 
_exptl_crystal.pdbx_mosaic_block_size       ? 
_exptl_crystal.pdbx_mosaic_block_size_esd   ? 
# 
_exptl_crystal_grow.apparatus       ? 
_exptl_crystal_grow.atmosphere      ? 
_exptl_crystal_grow.crystal_id      1 
_exptl_crystal_grow.details         ? 
_exptl_crystal_grow.method          'VAPOR DIFFUSION, HANGING DROP' 
_exptl_crystal_grow.method_ref      ? 
_exptl_crystal_grow.pH              ? 
_exptl_crystal_grow.pressure        ? 
_exptl_crystal_grow.pressure_esd    ? 
_exptl_crystal_grow.seeding         ? 
_exptl_crystal_grow.seeding_ref     ? 
_exptl_crystal_grow.temp_details    ? 
_exptl_crystal_grow.temp_esd        ? 
_exptl_crystal_grow.time            ? 
_exptl_crystal_grow.pdbx_details    '3.6M Naformate 10% glycerol' 
_exptl_crystal_grow.pdbx_pH_range   ? 
_exptl_crystal_grow.temp            289 
# 
_diffrn.ambient_environment              ? 
_diffrn.ambient_temp                     100 
_diffrn.ambient_temp_details             ? 
_diffrn.ambient_temp_esd                 ? 
_diffrn.crystal_id                       1 
_diffrn.crystal_support                  ? 
_diffrn.crystal_treatment                ? 
_diffrn.details                          ? 
_diffrn.id                               1 
_diffrn.ambient_pressure                 ? 
_diffrn.ambient_pressure_esd             ? 
_diffrn.ambient_pressure_gt              ? 
_diffrn.ambient_pressure_lt              ? 
_diffrn.ambient_temp_gt                  ? 
_diffrn.ambient_temp_lt                  ? 
_diffrn.pdbx_serial_crystal_experiment   N 
# 
_diffrn_detector.details                      ? 
_diffrn_detector.detector                     PIXEL 
_diffrn_detector.diffrn_id                    1 
_diffrn_detector.type                         'DECTRIS EIGER2 S 9M' 
_diffrn_detector.area_resol_mean              ? 
_diffrn_detector.dtime                        ? 
_diffrn_detector.pdbx_frames_total            ? 
_diffrn_detector.pdbx_collection_time_total   ? 
_diffrn_detector.pdbx_collection_date         2021-06-21 
_diffrn_detector.pdbx_frequency               ? 
_diffrn_detector.id                           ? 
_diffrn_detector.number_of_axes               ? 
# 
_diffrn_radiation.collimation                      ? 
_diffrn_radiation.diffrn_id                        1 
_diffrn_radiation.filter_edge                      ? 
_diffrn_radiation.inhomogeneity                    ? 
_diffrn_radiation.monochromator                    Si111 
_diffrn_radiation.polarisn_norm                    ? 
_diffrn_radiation.polarisn_ratio                   ? 
_diffrn_radiation.probe                            ? 
_diffrn_radiation.type                             ? 
_diffrn_radiation.xray_symbol                      ? 
_diffrn_radiation.wavelength_id                    1 
_diffrn_radiation.pdbx_monochromatic_or_laue_m_l   M 
_diffrn_radiation.pdbx_wavelength_list             ? 
_diffrn_radiation.pdbx_wavelength                  ? 
_diffrn_radiation.pdbx_diffrn_protocol             'SINGLE WAVELENGTH' 
_diffrn_radiation.pdbx_analyzer                    ? 
_diffrn_radiation.pdbx_scattering_type             x-ray 
# 
_diffrn_radiation_wavelength.id           1 
_diffrn_radiation_wavelength.wavelength   0.987 
_diffrn_radiation_wavelength.wt           1.0 
# 
_diffrn_source.current                     ? 
_diffrn_source.details                     ? 
_diffrn_source.diffrn_id                   1 
_diffrn_source.power                       ? 
_diffrn_source.size                        ? 
_diffrn_source.source                      SYNCHROTRON 
_diffrn_source.target                      ? 
_diffrn_source.type                        'SSRF BEAMLINE BL02U1' 
_diffrn_source.voltage                     ? 
_diffrn_source.take-off_angle              ? 
_diffrn_source.pdbx_wavelength_list        0.987 
_diffrn_source.pdbx_wavelength             ? 
_diffrn_source.pdbx_synchrotron_beamline   BL02U1 
_diffrn_source.pdbx_synchrotron_site       SSRF 
# 
_reflns.B_iso_Wilson_estimate                          ? 
_reflns.entry_id                                       8IBQ 
_reflns.data_reduction_details                         ? 
_reflns.data_reduction_method                          ? 
_reflns.d_resolution_high                              1.45 
_reflns.d_resolution_low                               39.08 
_reflns.details                                        ? 
_reflns.limit_h_max                                    ? 
_reflns.limit_h_min                                    ? 
_reflns.limit_k_max                                    ? 
_reflns.limit_k_min                                    ? 
_reflns.limit_l_max                                    ? 
_reflns.limit_l_min                                    ? 
_reflns.number_all                                     ? 
_reflns.number_obs                                     43187 
_reflns.observed_criterion                             ? 
_reflns.observed_criterion_F_max                       ? 
_reflns.observed_criterion_F_min                       ? 
_reflns.observed_criterion_I_max                       ? 
_reflns.observed_criterion_I_min                       ? 
_reflns.observed_criterion_sigma_F                     ? 
_reflns.observed_criterion_sigma_I                     ? 
_reflns.percent_possible_obs                           99.5 
_reflns.R_free_details                                 ? 
_reflns.Rmerge_F_all                                   ? 
_reflns.Rmerge_F_obs                                   ? 
_reflns.Friedel_coverage                               ? 
_reflns.number_gt                                      ? 
_reflns.threshold_expression                           ? 
_reflns.pdbx_redundancy                                12.1 
_reflns.pdbx_netI_over_av_sigmaI                       ? 
_reflns.pdbx_netI_over_sigmaI                          17.0 
_reflns.pdbx_res_netI_over_av_sigmaI_2                 ? 
_reflns.pdbx_res_netI_over_sigmaI_2                    ? 
_reflns.pdbx_chi_squared                               0.76 
_reflns.pdbx_scaling_rejects                           ? 
_reflns.pdbx_d_res_high_opt                            ? 
_reflns.pdbx_d_res_low_opt                             ? 
_reflns.pdbx_d_res_opt_method                          ? 
_reflns.phase_calculation_details                      ? 
_reflns.pdbx_Rrim_I_all                                0.064 
_reflns.pdbx_Rpim_I_all                                0.018 
_reflns.pdbx_d_opt                                     ? 
_reflns.pdbx_number_measured_all                       ? 
_reflns.pdbx_diffrn_id                                 1 
_reflns.pdbx_ordinal                                   1 
_reflns.pdbx_CC_half                                   0.999 
_reflns.pdbx_CC_star                                   ? 
_reflns.pdbx_R_split                                   ? 
_reflns.pdbx_Rmerge_I_obs                              0.061 
_reflns.pdbx_Rmerge_I_all                              ? 
_reflns.pdbx_Rsym_value                                ? 
_reflns.pdbx_CC_split_method                           ? 
_reflns.pdbx_aniso_diffraction_limit_axis_1_ortho[1]   ? 
_reflns.pdbx_aniso_diffraction_limit_axis_1_ortho[2]   ? 
_reflns.pdbx_aniso_diffraction_limit_axis_1_ortho[3]   ? 
_reflns.pdbx_aniso_diffraction_limit_axis_2_ortho[1]   ? 
_reflns.pdbx_aniso_diffraction_limit_axis_2_ortho[2]   ? 
_reflns.pdbx_aniso_diffraction_limit_axis_2_ortho[3]   ? 
_reflns.pdbx_aniso_diffraction_limit_axis_3_ortho[1]   ? 
_reflns.pdbx_aniso_diffraction_limit_axis_3_ortho[2]   ? 
_reflns.pdbx_aniso_diffraction_limit_axis_3_ortho[3]   ? 
_reflns.pdbx_aniso_diffraction_limit_1                 ? 
_reflns.pdbx_aniso_diffraction_limit_2                 ? 
_reflns.pdbx_aniso_diffraction_limit_3                 ? 
_reflns.pdbx_aniso_B_tensor_eigenvector_1_ortho[1]     ? 
_reflns.pdbx_aniso_B_tensor_eigenvector_1_ortho[2]     ? 
_reflns.pdbx_aniso_B_tensor_eigenvector_1_ortho[3]     ? 
_reflns.pdbx_aniso_B_tensor_eigenvector_2_ortho[1]     ? 
_reflns.pdbx_aniso_B_tensor_eigenvector_2_ortho[2]     ? 
_reflns.pdbx_aniso_B_tensor_eigenvector_2_ortho[3]     ? 
_reflns.pdbx_aniso_B_tensor_eigenvector_3_ortho[1]     ? 
_reflns.pdbx_aniso_B_tensor_eigenvector_3_ortho[2]     ? 
_reflns.pdbx_aniso_B_tensor_eigenvector_3_ortho[3]     ? 
_reflns.pdbx_aniso_B_tensor_eigenvalue_1               ? 
_reflns.pdbx_aniso_B_tensor_eigenvalue_2               ? 
_reflns.pdbx_aniso_B_tensor_eigenvalue_3               ? 
_reflns.pdbx_orthogonalization_convention              ? 
_reflns.pdbx_percent_possible_ellipsoidal              ? 
_reflns.pdbx_percent_possible_spherical                ? 
_reflns.pdbx_percent_possible_ellipsoidal_anomalous    ? 
_reflns.pdbx_percent_possible_spherical_anomalous      ? 
_reflns.pdbx_redundancy_anomalous                      ? 
_reflns.pdbx_CC_half_anomalous                         ? 
_reflns.pdbx_absDiff_over_sigma_anomalous              ? 
_reflns.pdbx_percent_possible_anomalous                ? 
_reflns.pdbx_observed_signal_threshold                 ? 
_reflns.pdbx_signal_type                               ? 
_reflns.pdbx_signal_details                            ? 
_reflns.pdbx_signal_software_id                        ? 
# 
_reflns_shell.d_res_high                                    1.45 
_reflns_shell.d_res_low                                     1.53 
_reflns_shell.meanI_over_sigI_all                           ? 
_reflns_shell.meanI_over_sigI_obs                           ? 
_reflns_shell.number_measured_all                           30347 
_reflns_shell.number_measured_obs                           ? 
_reflns_shell.number_possible                               ? 
_reflns_shell.number_unique_all                             ? 
_reflns_shell.number_unique_obs                             3342 
_reflns_shell.percent_possible_obs                          99.8 
_reflns_shell.Rmerge_F_all                                  ? 
_reflns_shell.Rmerge_F_obs                                  ? 
_reflns_shell.meanI_over_sigI_gt                            ? 
_reflns_shell.meanI_over_uI_all                             ? 
_reflns_shell.meanI_over_uI_gt                              ? 
_reflns_shell.number_measured_gt                            ? 
_reflns_shell.number_unique_gt                              ? 
_reflns_shell.percent_possible_gt                           ? 
_reflns_shell.Rmerge_F_gt                                   ? 
_reflns_shell.Rmerge_I_gt                                   ? 
_reflns_shell.pdbx_redundancy                               9.1 
_reflns_shell.pdbx_chi_squared                              0.43 
_reflns_shell.pdbx_netI_over_sigmaI_all                     ? 
_reflns_shell.pdbx_netI_over_sigmaI_obs                     2.8 
_reflns_shell.pdbx_Rrim_I_all                               0.499 
_reflns_shell.pdbx_Rpim_I_all                               0.163 
_reflns_shell.pdbx_rejects                                  ? 
_reflns_shell.pdbx_ordinal                                  1 
_reflns_shell.pdbx_diffrn_id                                1 
_reflns_shell.pdbx_CC_half                                  0.972 
_reflns_shell.pdbx_CC_star                                  ? 
_reflns_shell.pdbx_R_split                                  ? 
_reflns_shell.percent_possible_all                          ? 
_reflns_shell.Rmerge_I_all                                  ? 
_reflns_shell.Rmerge_I_obs                                  0.470 
_reflns_shell.pdbx_Rsym_value                               ? 
_reflns_shell.pdbx_percent_possible_ellipsoidal             ? 
_reflns_shell.pdbx_percent_possible_spherical               ? 
_reflns_shell.pdbx_percent_possible_ellipsoidal_anomalous   ? 
_reflns_shell.pdbx_percent_possible_spherical_anomalous     ? 
_reflns_shell.pdbx_redundancy_anomalous                     ? 
_reflns_shell.pdbx_CC_half_anomalous                        ? 
_reflns_shell.pdbx_absDiff_over_sigma_anomalous             ? 
_reflns_shell.pdbx_percent_possible_anomalous               ? 
# 
_refine.aniso_B[1][1]                            ? 
_refine.aniso_B[1][2]                            ? 
_refine.aniso_B[1][3]                            ? 
_refine.aniso_B[2][2]                            ? 
_refine.aniso_B[2][3]                            ? 
_refine.aniso_B[3][3]                            ? 
_refine.B_iso_max                                ? 
_refine.B_iso_mean                               ? 
_refine.B_iso_min                                ? 
_refine.correlation_coeff_Fo_to_Fc               ? 
_refine.correlation_coeff_Fo_to_Fc_free          ? 
_refine.details                                  ? 
_refine.diff_density_max                         ? 
_refine.diff_density_max_esd                     ? 
_refine.diff_density_min                         ? 
_refine.diff_density_min_esd                     ? 
_refine.diff_density_rms                         ? 
_refine.diff_density_rms_esd                     ? 
_refine.entry_id                                 8IBQ 
_refine.pdbx_refine_id                           'X-RAY DIFFRACTION' 
_refine.ls_abs_structure_details                 ? 
_refine.ls_abs_structure_Flack                   ? 
_refine.ls_abs_structure_Flack_esd               ? 
_refine.ls_abs_structure_Rogers                  ? 
_refine.ls_abs_structure_Rogers_esd              ? 
_refine.ls_d_res_high                            1.45 
_refine.ls_d_res_low                             17.48 
_refine.ls_extinction_coef                       ? 
_refine.ls_extinction_coef_esd                   ? 
_refine.ls_extinction_expression                 ? 
_refine.ls_extinction_method                     ? 
_refine.ls_goodness_of_fit_all                   ? 
_refine.ls_goodness_of_fit_all_esd               ? 
_refine.ls_goodness_of_fit_obs                   ? 
_refine.ls_goodness_of_fit_obs_esd               ? 
_refine.ls_hydrogen_treatment                    ? 
_refine.ls_matrix_type                           ? 
_refine.ls_number_constraints                    ? 
_refine.ls_number_parameters                     ? 
_refine.ls_number_reflns_all                     ? 
_refine.ls_number_reflns_obs                     43187 
_refine.ls_number_reflns_R_free                  1125 
_refine.ls_number_reflns_R_work                  ? 
_refine.ls_number_restraints                     ? 
_refine.ls_percent_reflns_obs                    99.26 
_refine.ls_percent_reflns_R_free                 8.66 
_refine.ls_R_factor_all                          ? 
_refine.ls_R_factor_obs                          0.2260 
_refine.ls_R_factor_R_free                       0.2437 
_refine.ls_R_factor_R_free_error                 ? 
_refine.ls_R_factor_R_free_error_details         ? 
_refine.ls_R_factor_R_work                       0.2242 
_refine.ls_R_Fsqd_factor_obs                     ? 
_refine.ls_R_I_factor_obs                        ? 
_refine.ls_redundancy_reflns_all                 ? 
_refine.ls_redundancy_reflns_obs                 ? 
_refine.ls_restrained_S_all                      ? 
_refine.ls_restrained_S_obs                      ? 
_refine.ls_shift_over_esd_max                    ? 
_refine.ls_shift_over_esd_mean                   ? 
_refine.ls_structure_factor_coef                 ? 
_refine.ls_weighting_details                     ? 
_refine.ls_weighting_scheme                      ? 
_refine.ls_wR_factor_all                         ? 
_refine.ls_wR_factor_obs                         ? 
_refine.ls_wR_factor_R_free                      ? 
_refine.ls_wR_factor_R_work                      ? 
_refine.occupancy_max                            ? 
_refine.occupancy_min                            ? 
_refine.solvent_model_details                    'FLAT BULK SOLVENT MODEL' 
_refine.solvent_model_param_bsol                 ? 
_refine.solvent_model_param_ksol                 ? 
_refine.pdbx_R_complete                          ? 
_refine.ls_R_factor_gt                           ? 
_refine.ls_goodness_of_fit_gt                    ? 
_refine.ls_goodness_of_fit_ref                   ? 
_refine.ls_shift_over_su_max                     ? 
_refine.ls_shift_over_su_max_lt                  ? 
_refine.ls_shift_over_su_mean                    ? 
_refine.ls_shift_over_su_mean_lt                 ? 
_refine.pdbx_ls_sigma_I                          ? 
_refine.pdbx_ls_sigma_F                          1.36 
_refine.pdbx_ls_sigma_Fsqd                       ? 
_refine.pdbx_data_cutoff_high_absF               ? 
_refine.pdbx_data_cutoff_high_rms_absF           ? 
_refine.pdbx_data_cutoff_low_absF                ? 
_refine.pdbx_isotropic_thermal_model             ? 
_refine.pdbx_ls_cross_valid_method               THROUGHOUT 
_refine.pdbx_method_to_determine_struct          'MOLECULAR REPLACEMENT' 
_refine.pdbx_starting_model                      ? 
_refine.pdbx_stereochemistry_target_values       ML 
_refine.pdbx_R_Free_selection_details            ? 
_refine.pdbx_stereochem_target_val_spec_case     ? 
_refine.pdbx_overall_ESU_R                       ? 
_refine.pdbx_overall_ESU_R_Free                  ? 
_refine.pdbx_solvent_vdw_probe_radii             1.11 
_refine.pdbx_solvent_ion_probe_radii             ? 
_refine.pdbx_solvent_shrinkage_radii             0.90 
_refine.pdbx_real_space_R                        ? 
_refine.pdbx_density_correlation                 ? 
_refine.pdbx_pd_number_of_powder_patterns        ? 
_refine.pdbx_pd_number_of_points                 ? 
_refine.pdbx_pd_meas_number_of_points            ? 
_refine.pdbx_pd_proc_ls_prof_R_factor            ? 
_refine.pdbx_pd_proc_ls_prof_wR_factor           ? 
_refine.pdbx_pd_Marquardt_correlation_coeff      ? 
_refine.pdbx_pd_Fsqrd_R_factor                   ? 
_refine.pdbx_pd_ls_matrix_band_width             ? 
_refine.pdbx_overall_phase_error                 31.76 
_refine.pdbx_overall_SU_R_free_Cruickshank_DPI   ? 
_refine.pdbx_overall_SU_R_free_Blow_DPI          ? 
_refine.pdbx_overall_SU_R_Blow_DPI               ? 
_refine.pdbx_TLS_residual_ADP_flag               ? 
_refine.pdbx_diffrn_id                           1 
_refine.overall_SU_B                             ? 
_refine.overall_SU_ML                            0.15 
_refine.overall_SU_R_Cruickshank_DPI             ? 
_refine.overall_SU_R_free                        ? 
_refine.overall_FOM_free_R_set                   ? 
_refine.overall_FOM_work_R_set                   ? 
_refine.pdbx_average_fsc_overall                 ? 
_refine.pdbx_average_fsc_work                    ? 
_refine.pdbx_average_fsc_free                    ? 
# 
_refine_hist.pdbx_refine_id                   'X-RAY DIFFRACTION' 
_refine_hist.cycle_id                         LAST 
_refine_hist.details                          ? 
_refine_hist.d_res_high                       1.45 
_refine_hist.d_res_low                        17.48 
_refine_hist.number_atoms_solvent             58 
_refine_hist.number_atoms_total               1093 
_refine_hist.number_reflns_all                ? 
_refine_hist.number_reflns_obs                ? 
_refine_hist.number_reflns_R_free             ? 
_refine_hist.number_reflns_R_work             ? 
_refine_hist.R_factor_all                     ? 
_refine_hist.R_factor_obs                     ? 
_refine_hist.R_factor_R_free                  ? 
_refine_hist.R_factor_R_work                  ? 
_refine_hist.pdbx_number_residues_total       ? 
_refine_hist.pdbx_B_iso_mean_ligand           ? 
_refine_hist.pdbx_B_iso_mean_solvent          ? 
_refine_hist.pdbx_number_atoms_protein        1035 
_refine_hist.pdbx_number_atoms_nucleic_acid   0 
_refine_hist.pdbx_number_atoms_ligand         0 
_refine_hist.pdbx_number_atoms_lipid          ? 
_refine_hist.pdbx_number_atoms_carb           ? 
_refine_hist.pdbx_pseudo_atom_details         ? 
# 
loop_
_refine_ls_restr.pdbx_refine_id 
_refine_ls_restr.criterion 
_refine_ls_restr.dev_ideal 
_refine_ls_restr.dev_ideal_target 
_refine_ls_restr.number 
_refine_ls_restr.rejects 
_refine_ls_restr.type 
_refine_ls_restr.weight 
_refine_ls_restr.pdbx_restraint_function 
'X-RAY DIFFRACTION' ? 0.008 ? 1089 ? f_bond_d           ? ? 
'X-RAY DIFFRACTION' ? 1.046 ? 1496 ? f_angle_d          ? ? 
'X-RAY DIFFRACTION' ? 6.949 ? 142  ? f_dihedral_angle_d ? ? 
'X-RAY DIFFRACTION' ? 0.082 ? 160  ? f_chiral_restr     ? ? 
'X-RAY DIFFRACTION' ? 0.008 ? 190  ? f_plane_restr      ? ? 
# 
loop_
_refine_ls_shell.pdbx_refine_id 
_refine_ls_shell.d_res_high 
_refine_ls_shell.d_res_low 
_refine_ls_shell.number_reflns_all 
_refine_ls_shell.number_reflns_obs 
_refine_ls_shell.number_reflns_R_free 
_refine_ls_shell.number_reflns_R_work 
_refine_ls_shell.percent_reflns_obs 
_refine_ls_shell.percent_reflns_R_free 
_refine_ls_shell.R_factor_all 
_refine_ls_shell.R_factor_obs 
_refine_ls_shell.R_factor_R_free_error 
_refine_ls_shell.R_factor_R_work 
_refine_ls_shell.redundancy_reflns_all 
_refine_ls_shell.redundancy_reflns_obs 
_refine_ls_shell.wR_factor_all 
_refine_ls_shell.wR_factor_obs 
_refine_ls_shell.wR_factor_R_free 
_refine_ls_shell.wR_factor_R_work 
_refine_ls_shell.pdbx_R_complete 
_refine_ls_shell.pdbx_total_number_of_bins_used 
_refine_ls_shell.pdbx_phase_error 
_refine_ls_shell.pdbx_fsc_work 
_refine_ls_shell.pdbx_fsc_free 
_refine_ls_shell.R_factor_R_free 
'X-RAY DIFFRACTION' 1.45 1.47  . . 133 1409 98.00  . . . . 0.3587 . . . . . . . . . . . 0.3516 
'X-RAY DIFFRACTION' 1.47 1.48  . . 140 1492 99.00  . . . . 0.3424 . . . . . . . . . . . 0.3773 
'X-RAY DIFFRACTION' 1.48 1.51  . . 138 1462 100.00 . . . . 0.3110 . . . . . . . . . . . 0.3631 
'X-RAY DIFFRACTION' 1.51 1.53  . . 144 1479 100.00 . . . . 0.2844 . . . . . . . . . . . 0.3146 
'X-RAY DIFFRACTION' 1.53 1.55  . . 138 1471 99.00  . . . . 0.2712 . . . . . . . . . . . 0.3574 
'X-RAY DIFFRACTION' 1.55 1.57  . . 142 1472 100.00 . . . . 0.2656 . . . . . . . . . . . 0.2609 
'X-RAY DIFFRACTION' 1.57 1.60  . . 136 1424 100.00 . . . . 0.2560 . . . . . . . . . . . 0.2768 
'X-RAY DIFFRACTION' 1.60 1.63  . . 146 1522 100.00 . . . . 0.2488 . . . . . . . . . . . 0.3025 
'X-RAY DIFFRACTION' 1.63 1.66  . . 136 1424 100.00 . . . . 0.2417 . . . . . . . . . . . 0.2951 
'X-RAY DIFFRACTION' 1.66 1.69  . . 135 1473 100.00 . . . . 0.2443 . . . . . . . . . . . 0.2727 
'X-RAY DIFFRACTION' 1.69 1.72  . . 136 1479 100.00 . . . . 0.2486 . . . . . . . . . . . 0.2873 
'X-RAY DIFFRACTION' 1.72 1.76  . . 139 1462 100.00 . . . . 0.2431 . . . . . . . . . . . 0.2628 
'X-RAY DIFFRACTION' 1.76 1.80  . . 141 1467 100.00 . . . . 0.2338 . . . . . . . . . . . 0.3025 
'X-RAY DIFFRACTION' 1.80 1.85  . . 135 1473 100.00 . . . . 0.2433 . . . . . . . . . . . 0.2815 
'X-RAY DIFFRACTION' 1.85 1.90  . . 147 1510 100.00 . . . . 0.2424 . . . . . . . . . . . 0.3063 
'X-RAY DIFFRACTION' 1.90 1.95  . . 140 1429 100.00 . . . . 0.2376 . . . . . . . . . . . 0.2732 
'X-RAY DIFFRACTION' 1.95 2.01  . . 138 1494 100.00 . . . . 0.2336 . . . . . . . . . . . 0.2627 
'X-RAY DIFFRACTION' 2.01 2.09  . . 137 1454 100.00 . . . . 0.2221 . . . . . . . . . . . 0.2371 
'X-RAY DIFFRACTION' 2.09 2.17  . . 140 1480 100.00 . . . . 0.2305 . . . . . . . . . . . 0.2485 
'X-RAY DIFFRACTION' 2.17 2.27  . . 134 1464 100.00 . . . . 0.2348 . . . . . . . . . . . 0.2778 
'X-RAY DIFFRACTION' 2.27 2.39  . . 143 1473 100.00 . . . . 0.2304 . . . . . . . . . . . 0.2194 
'X-RAY DIFFRACTION' 2.39 2.54  . . 141 1480 100.00 . . . . 0.2513 . . . . . . . . . . . 0.2725 
'X-RAY DIFFRACTION' 2.54 2.73  . . 138 1460 100.00 . . . . 0.2320 . . . . . . . . . . . 0.2154 
'X-RAY DIFFRACTION' 2.73 3.01  . . 137 1465 100.00 . . . . 0.2357 . . . . . . . . . . . 0.2652 
'X-RAY DIFFRACTION' 3.01 3.44  . . 144 1485 100.00 . . . . 0.2312 . . . . . . . . . . . 0.2467 
'X-RAY DIFFRACTION' 3.44 4.32  . . 123 1270 87.00  . . . . 0.1795 . . . . . . . . . . . 0.1779 
'X-RAY DIFFRACTION' 4.32 17.48 . . 141 1472 100.00 . . . . 0.1756 . . . . . . . . . . . 0.2124 
# 
_struct.entry_id                     8IBQ 
_struct.title                        'Bromodomain and Extra-terminal Domain (BET) BRD4' 
_struct.pdbx_model_details           ? 
_struct.pdbx_formula_weight          ? 
_struct.pdbx_formula_weight_method   ? 
_struct.pdbx_model_type_details      ? 
_struct.pdbx_CASP_flag               N 
# 
_struct_keywords.entry_id        8IBQ 
_struct_keywords.text            'binds acetylated lysine residues, DNA BINDING PROTEIN' 
_struct_keywords.pdbx_keywords   'DNA BINDING PROTEIN' 
# 
loop_
_struct_asym.id 
_struct_asym.pdbx_blank_PDB_chainid_flag 
_struct_asym.pdbx_modified 
_struct_asym.entity_id 
_struct_asym.details 
A N N 1 ? 
B N N 2 ? 
C N N 3 ? 
# 
loop_
_struct_conf.conf_type_id 
_struct_conf.id 
_struct_conf.pdbx_PDB_helix_id 
_struct_conf.beg_label_comp_id 
_struct_conf.beg_label_asym_id 
_struct_conf.beg_label_seq_id 
_struct_conf.pdbx_beg_PDB_ins_code 
_struct_conf.end_label_comp_id 
_struct_conf.end_label_asym_id 
_struct_conf.end_label_seq_id 
_struct_conf.pdbx_end_PDB_ins_code 
_struct_conf.beg_auth_comp_id 
_struct_conf.beg_auth_asym_id 
_struct_conf.beg_auth_seq_id 
_struct_conf.end_auth_comp_id 
_struct_conf.end_auth_asym_id 
_struct_conf.end_auth_seq_id 
_struct_conf.pdbx_PDB_helix_class 
_struct_conf.details 
_struct_conf.pdbx_PDB_helix_length 
HELX_P HELX_P1 AA1 THR A 18  ? VAL A 27  ? THR A 60  VAL A 69  1 ? 10 
HELX_P HELX_P2 AA2 VAL A 27  ? LYS A 34  ? VAL A 69  LYS A 76  1 ? 8  
HELX_P HELX_P3 AA3 ALA A 38  ? GLN A 42  ? ALA A 80  GLN A 84  5 ? 5  
HELX_P HELX_P4 AA4 ASP A 54  ? ILE A 59  ? ASP A 96  ILE A 101 1 ? 6  
HELX_P HELX_P5 AA5 ASP A 64  ? ASN A 74  ? ASP A 106 ASN A 116 1 ? 11 
HELX_P HELX_P6 AA6 ASN A 79  ? ASN A 98  ? ASN A 121 ASN A 140 1 ? 20 
HELX_P HELX_P7 AA7 ASP A 102 ? ASN A 120 ? ASP A 144 ASN A 162 1 ? 19 
# 
_struct_conf_type.id          HELX_P 
_struct_conf_type.criteria    ? 
_struct_conf_type.reference   ? 
# 
_atom_sites.entry_id                    8IBQ 
_atom_sites.Cartn_transf_matrix[1][1]   ? 
_atom_sites.Cartn_transf_matrix[1][2]   ? 
_atom_sites.Cartn_transf_matrix[1][3]   ? 
_atom_sites.Cartn_transf_matrix[2][1]   ? 
_atom_sites.Cartn_transf_matrix[2][2]   ? 
_atom_sites.Cartn_transf_matrix[2][3]   ? 
_atom_sites.Cartn_transf_matrix[3][1]   ? 
_atom_sites.Cartn_transf_matrix[3][2]   ? 
_atom_sites.Cartn_transf_matrix[3][3]   ? 
_atom_sites.Cartn_transf_vector[1]      ? 
_atom_sites.Cartn_transf_vector[2]      ? 
_atom_sites.Cartn_transf_vector[3]      ? 
_atom_sites.fract_transf_matrix[1][1]   -0.00832909 
_atom_sites.fract_transf_matrix[1][2]   0.02643330 
_atom_sites.fract_transf_matrix[1][3]   -0.00932432 
_atom_sites.fract_transf_matrix[2][1]   -0.01785676 
_atom_sites.fract_transf_matrix[2][2]   -0.00837546 
_atom_sites.fract_transf_matrix[2][3]   -0.00779259 
_atom_sites.fract_transf_matrix[3][1]   -0.00586196 
_atom_sites.fract_transf_matrix[3][2]   0.00209644 
_atom_sites.fract_transf_matrix[3][3]   0.01117945 
_atom_sites.fract_transf_vector[1]      -0.655105 
_atom_sites.fract_transf_vector[2]      0.059777 
_atom_sites.fract_transf_vector[3]      1.102778 
_atom_sites.solution_primary            ? 
_atom_sites.solution_secondary          ? 
_atom_sites.solution_hydrogens          ? 
_atom_sites.special_details             ? 
# 
loop_
_atom_type.symbol 
C 
F 
H 
N 
O 
S 
# 
loop_
_atom_site.group_PDB 
_atom_site.id 
_atom_site.type_symbol 
_atom_site.label_atom_id 
_atom_site.label_alt_id 
_atom_site.label_comp_id 
_atom_site.label_asym_id 
_atom_site.label_entity_id 
_atom_site.label_seq_id 
_atom_site.pdbx_PDB_ins_code 
_atom_site.Cartn_x 
_atom_site.Cartn_y 
_atom_site.Cartn_z 
_atom_site.occupancy 
_atom_site.B_iso_or_equiv 
_atom_site.pdbx_formal_charge 
_atom_site.auth_seq_id 
_atom_site.auth_comp_id 
_atom_site.auth_asym_id 
_atom_site.auth_atom_id 
_atom_site.pdbx_PDB_model_num 
ATOM   1    N N    . MET A 1 1   ? 15.970  12.643  7.149   1.00 43.48 ? 43  MET A N    1 
ATOM   2    C CA   . MET A 1 1   ? 15.538  11.612  8.079   1.00 41.48 ? 43  MET A CA   1 
ATOM   3    C C    . MET A 1 1   ? 14.170  11.038  7.694   1.00 32.63 ? 43  MET A C    1 
ATOM   4    O O    . MET A 1 1   ? 13.369  11.689  7.027   1.00 32.03 ? 43  MET A O    1 
ATOM   5    C CB   . MET A 1 1   ? 15.504  12.173  9.497   1.00 36.41 ? 43  MET A CB   1 
ATOM   6    C CG   . MET A 1 1   ? 16.754  12.984  9.848   1.00 50.74 ? 43  MET A CG   1 
ATOM   7    S SD   . MET A 1 1   ? 16.575  14.758  9.537   1.00 48.14 ? 43  MET A SD   1 
ATOM   8    C CE   . MET A 1 1   ? 18.233  15.341  9.882   1.00 49.67 ? 43  MET A CE   1 
ATOM   9    N N    . ASN A 1 2   ? 13.910  9.832   8.126   1.00 27.26 ? 44  ASN A N    1 
ATOM   10   C CA   . ASN A 1 2   ? 12.651  9.204   7.780   1.00 22.18 ? 44  ASN A CA   1 
ATOM   11   C C    . ASN A 1 2   ? 11.566  9.694   8.740   1.00 24.95 ? 44  ASN A C    1 
ATOM   12   O O    . ASN A 1 2   ? 11.843  9.915   9.927   1.00 25.19 ? 44  ASN A O    1 
ATOM   13   C CB   . ASN A 1 2   ? 12.794  7.701   7.945   1.00 23.92 ? 44  ASN A CB   1 
ATOM   14   C CG   . ASN A 1 2   ? 13.556  7.057   6.805   1.00 25.26 ? 44  ASN A CG   1 
ATOM   15   O OD1  . ASN A 1 2   ? 13.539  7.533   5.665   1.00 26.13 ? 44  ASN A OD1  1 
ATOM   16   N ND2  . ASN A 1 2   ? 14.282  6.004   7.126   1.00 23.97 ? 44  ASN A ND2  1 
ATOM   17   N N    . PRO A 1 3   ? 10.335  9.875   8.268   1.00 18.40 ? 45  PRO A N    1 
ATOM   18   C CA   . PRO A 1 3   ? 9.247   10.214  9.180   1.00 20.66 ? 45  PRO A CA   1 
ATOM   19   C C    . PRO A 1 3   ? 8.786   8.974   9.915   1.00 22.63 ? 45  PRO A C    1 
ATOM   20   O O    . PRO A 1 3   ? 9.115   7.840   9.525   1.00 22.82 ? 45  PRO A O    1 
ATOM   21   C CB   . PRO A 1 3   ? 8.144   10.719  8.243   1.00 22.02 ? 45  PRO A CB   1 
ATOM   22   C CG   . PRO A 1 3   ? 8.391   9.946   6.964   1.00 20.35 ? 45  PRO A CG   1 
ATOM   23   C CD   . PRO A 1 3   ? 9.882   9.774   6.861   1.00 22.57 ? 45  PRO A CD   1 
ATOM   24   N N    . PRO A 1 4   ? 7.994   9.138   10.966  1.00 21.66 ? 46  PRO A N    1 
ATOM   25   C CA   . PRO A 1 4   ? 7.313   7.996   11.533  1.00 21.13 ? 46  PRO A CA   1 
ATOM   26   C C    . PRO A 1 4   ? 6.424   7.389   10.464  1.00 20.33 ? 46  PRO A C    1 
ATOM   27   O O    . PRO A 1 4   ? 5.971   8.100   9.550   1.00 21.89 ? 46  PRO A O    1 
ATOM   28   C CB   . PRO A 1 4   ? 6.478   8.606   12.666  1.00 18.95 ? 46  PRO A CB   1 
ATOM   29   C CG   . PRO A 1 4   ? 6.948   9.999   12.830  1.00 31.46 ? 46  PRO A CG   1 
ATOM   30   C CD   . PRO A 1 4   ? 7.595   10.419  11.567  1.00 22.76 ? 46  PRO A CD   1 
ATOM   31   N N    . PRO A 1 5   ? 6.189   6.082   10.514  1.00 20.59 ? 47  PRO A N    1 
ATOM   32   C CA   . PRO A 1 5   ? 5.304   5.429   9.527   1.00 19.98 ? 47  PRO A CA   1 
ATOM   33   C C    . PRO A 1 5   ? 3.865   5.869   9.718   1.00 22.14 ? 47  PRO A C    1 
ATOM   34   O O    . PRO A 1 5   ? 3.527   6.463   10.751  1.00 22.59 ? 47  PRO A O    1 
ATOM   35   C CB   . PRO A 1 5   ? 5.458   3.939   9.863   1.00 21.05 ? 47  PRO A CB   1 
ATOM   36   C CG   . PRO A 1 5   ? 5.771   3.939   11.367  1.00 28.94 ? 47  PRO A CG   1 
ATOM   37   C CD   . PRO A 1 5   ? 6.640   5.168   11.580  1.00 22.44 ? 47  PRO A CD   1 
ATOM   38   N N    . PRO A 1 6   ? 2.982   5.604   8.759   1.00 19.36 ? 48  PRO A N    1 
ATOM   39   C CA   . PRO A 1 6   ? 1.564   5.913   8.973   1.00 20.84 ? 48  PRO A CA   1 
ATOM   40   C C    . PRO A 1 6   ? 1.029   5.114   10.149  1.00 21.49 ? 48  PRO A C    1 
ATOM   41   O O    . PRO A 1 6   ? 1.556   4.056   10.492  1.00 20.95 ? 48  PRO A O    1 
ATOM   42   C CB   . PRO A 1 6   ? 0.905   5.473   7.654   1.00 19.47 ? 48  PRO A CB   1 
ATOM   43   C CG   . PRO A 1 6   ? 2.043   5.438   6.647   1.00 21.81 ? 48  PRO A CG   1 
ATOM   44   C CD   . PRO A 1 6   ? 3.221   4.995   7.437   1.00 19.19 ? 48  PRO A CD   1 
ATOM   45   N N    . GLU A 1 7   ? -0.018  5.632   10.792  1.00 22.88 ? 49  GLU A N    1 
ATOM   46   C CA   . GLU A 1 7   ? -0.552  4.897   11.928  1.00 24.69 ? 49  GLU A CA   1 
ATOM   47   C C    . GLU A 1 7   ? -1.173  3.585   11.467  1.00 22.95 ? 49  GLU A C    1 
ATOM   48   O O    . GLU A 1 7   ? -1.785  3.504   10.395  1.00 20.84 ? 49  GLU A O    1 
ATOM   49   C CB   . GLU A 1 7   ? -1.546  5.720   12.743  1.00 31.41 ? 49  GLU A CB   1 
ATOM   50   C CG   . GLU A 1 7   ? -2.920  5.969   12.176  1.00 37.94 ? 49  GLU A CG   1 
ATOM   51   C CD   . GLU A 1 7   ? -3.891  6.369   13.299  1.00 37.26 ? 49  GLU A CD   1 
ATOM   52   O OE1  . GLU A 1 7   ? -5.045  6.745   13.020  1.00 36.39 ? 49  GLU A OE1  1 
ATOM   53   O OE2  . GLU A 1 7   ? -3.485  6.324   14.479  1.00 40.88 ? 49  GLU A OE2  1 
ATOM   54   N N    . THR A 1 8   ? -0.964  2.541   12.263  1.00 22.41 ? 50  THR A N    1 
ATOM   55   C CA   . THR A 1 8   ? -1.546  1.235   12.008  1.00 25.34 ? 50  THR A CA   1 
ATOM   56   C C    . THR A 1 8   ? -2.395  0.729   13.162  1.00 24.79 ? 50  THR A C    1 
ATOM   57   O O    . THR A 1 8   ? -3.097  -0.271  13.002  1.00 25.71 ? 50  THR A O    1 
ATOM   58   C CB   . THR A 1 8   ? -0.448  0.206   11.689  1.00 23.51 ? 50  THR A CB   1 
ATOM   59   O OG1  . THR A 1 8   ? 0.494   0.177   12.774  1.00 27.77 ? 50  THR A OG1  1 
ATOM   60   C CG2  . THR A 1 8   ? 0.270   0.542   10.359  1.00 26.06 ? 50  THR A CG2  1 
ATOM   61   N N    . SER A 1 9   ? -2.345  1.382   14.312  1.00 24.37 ? 51  SER A N    1 
ATOM   62   C CA   . SER A 1 9   ? -3.110  0.957   15.467  1.00 27.59 ? 51  SER A CA   1 
ATOM   63   C C    . SER A 1 9   ? -3.873  2.182   15.931  1.00 22.55 ? 51  SER A C    1 
ATOM   64   O O    . SER A 1 9   ? -3.282  3.255   16.069  1.00 27.43 ? 51  SER A O    1 
ATOM   65   C CB   . SER A 1 9   ? -2.155  0.436   16.557  1.00 25.98 ? 51  SER A CB   1 
ATOM   66   O OG   . SER A 1 9   ? -2.653  0.674   17.869  1.00 29.21 ? 51  SER A OG   1 
ATOM   67   N N    . ASN A 1 10  ? -5.186  2.027   16.156  1.00 25.07 ? 52  ASN A N    1 
ATOM   68   C CA   . ASN A 1 10  ? -5.960  3.101   16.752  1.00 23.93 ? 52  ASN A CA   1 
ATOM   69   C C    . ASN A 1 10  ? -7.213  2.499   17.376  1.00 22.82 ? 52  ASN A C    1 
ATOM   70   O O    . ASN A 1 10  ? -8.218  2.305   16.689  1.00 23.97 ? 52  ASN A O    1 
ATOM   71   C CB   . ASN A 1 10  ? -6.395  4.134   15.716  1.00 23.97 ? 52  ASN A CB   1 
ATOM   72   C CG   . ASN A 1 10  ? -6.939  5.398   16.355  1.00 26.28 ? 52  ASN A CG   1 
ATOM   73   O OD1  . ASN A 1 10  ? -7.486  5.374   17.471  1.00 26.50 ? 52  ASN A OD1  1 
ATOM   74   N ND2  . ASN A 1 10  ? -6.818  6.510   15.643  1.00 31.00 ? 52  ASN A ND2  1 
ATOM   75   N N    . PRO A 1 11  ? -7.195  2.237   18.683  1.00 21.29 ? 53  PRO A N    1 
ATOM   76   C CA   . PRO A 1 11  ? -8.379  1.666   19.358  1.00 22.95 ? 53  PRO A CA   1 
ATOM   77   C C    . PRO A 1 11  ? -9.610  2.541   19.317  1.00 23.47 ? 53  PRO A C    1 
ATOM   78   O O    . PRO A 1 11  ? -10.710 2.047   19.633  1.00 25.39 ? 53  PRO A O    1 
ATOM   79   C CB   . PRO A 1 11  ? -7.904  1.432   20.801  1.00 26.07 ? 53  PRO A CB   1 
ATOM   80   C CG   . PRO A 1 11  ? -6.487  1.881   20.868  1.00 28.83 ? 53  PRO A CG   1 
ATOM   81   C CD   . PRO A 1 11  ? -6.110  2.596   19.611  1.00 21.03 ? 53  PRO A CD   1 
ATOM   82   N N    . ASN A 1 12  ? -9.495  3.808   18.949  1.00 22.00 ? 54  ASN A N    1 
ATOM   83   C CA   . ASN A 1 12  ? -10.668 4.667   18.892  1.00 25.09 ? 54  ASN A CA   1 
ATOM   84   C C    . ASN A 1 12  ? -11.382 4.617   17.546  1.00 30.41 ? 54  ASN A C    1 
ATOM   85   O O    . ASN A 1 12  ? -12.493 5.150   17.432  1.00 32.21 ? 54  ASN A O    1 
ATOM   86   C CB   . ASN A 1 12  ? -10.299 6.106   19.228  1.00 24.55 ? 54  ASN A CB   1 
ATOM   87   C CG   . ASN A 1 12  ? -10.080 6.303   20.698  1.00 26.03 ? 54  ASN A CG   1 
ATOM   88   O OD1  . ASN A 1 12  ? -10.497 5.477   21.506  1.00 29.40 ? 54  ASN A OD1  1 
ATOM   89   N ND2  . ASN A 1 12  ? -9.458  7.412   21.062  1.00 26.36 ? 54  ASN A ND2  1 
ATOM   90   N N    . LYS A 1 13  ? -10.780 3.987   16.546  1.00 25.55 ? 55  LYS A N    1 
ATOM   91   C CA   . LYS A 1 13  ? -11.405 3.897   15.236  1.00 24.60 ? 55  LYS A CA   1 
ATOM   92   C C    . LYS A 1 13  ? -12.637 2.994   15.314  1.00 26.57 ? 55  LYS A C    1 
ATOM   93   O O    . LYS A 1 13  ? -12.667 2.038   16.093  1.00 26.77 ? 55  LYS A O    1 
ATOM   94   C CB   . LYS A 1 13  ? -10.410 3.294   14.248  1.00 32.02 ? 55  LYS A CB   1 
ATOM   95   C CG   . LYS A 1 13  ? -9.566  4.317   13.492  1.00 34.26 ? 55  LYS A CG   1 
ATOM   96   C CD   . LYS A 1 13  ? -10.394 5.186   12.568  1.00 40.08 ? 55  LYS A CD   1 
ATOM   97   C CE   . LYS A 1 13  ? -9.741  5.309   11.207  1.00 38.01 ? 55  LYS A CE   1 
ATOM   98   N NZ   . LYS A 1 13  ? -9.864  4.055   10.437  1.00 37.74 ? 55  LYS A NZ   1 
ATOM   99   N N    . PRO A 1 14  ? -13.668 3.278   14.515  1.00 22.69 ? 56  PRO A N    1 
ATOM   100  C CA   . PRO A 1 14  ? -14.804 2.347   14.401  1.00 24.33 ? 56  PRO A CA   1 
ATOM   101  C C    . PRO A 1 14  ? -14.297 1.160   13.610  1.00 31.98 ? 56  PRO A C    1 
ATOM   102  O O    . PRO A 1 14  ? -13.682 1.343   12.567  1.00 30.58 ? 56  PRO A O    1 
ATOM   103  C CB   . PRO A 1 14  ? -15.816 3.134   13.557  1.00 25.87 ? 56  PRO A CB   1 
ATOM   104  C CG   . PRO A 1 14  ? -15.011 4.207   12.858  1.00 27.61 ? 56  PRO A CG   1 
ATOM   105  C CD   . PRO A 1 14  ? -13.905 4.547   13.806  1.00 29.55 ? 56  PRO A CD   1 
ATOM   106  N N    . LYS A 1 15  ? -14.513 -0.052  14.102  1.00 35.18 ? 57  LYS A N    1 
ATOM   107  C CA   . LYS A 1 15  ? -13.822 -1.186  13.499  1.00 37.20 ? 57  LYS A CA   1 
ATOM   108  C C    . LYS A 1 15  ? -14.786 -2.236  12.981  1.00 41.83 ? 57  LYS A C    1 
ATOM   109  O O    . LYS A 1 15  ? -15.798 -2.532  13.620  1.00 39.99 ? 57  LYS A O    1 
ATOM   110  C CB   . LYS A 1 15  ? -12.829 -1.808  14.466  1.00 42.78 ? 57  LYS A CB   1 
ATOM   111  C CG   . LYS A 1 15  ? -11.715 -0.862  14.798  1.00 32.71 ? 57  LYS A CG   1 
ATOM   112  C CD   . LYS A 1 15  ? -10.606 -1.580  15.494  1.00 31.39 ? 57  LYS A CD   1 
ATOM   113  C CE   . LYS A 1 15  ? -9.364  -0.735  15.550  1.00 30.02 ? 57  LYS A CE   1 
ATOM   114  N NZ   . LYS A 1 15  ? -8.350  -1.456  16.344  1.00 32.49 ? 57  LYS A NZ   1 
ATOM   115  N N    . ARG A 1 16  ? -14.446 -2.806  11.823  1.00 38.13 ? 58  ARG A N    1 
ATOM   116  C CA   . ARG A 1 16  ? -15.268 -3.840  11.214  1.00 41.74 ? 58  ARG A CA   1 
ATOM   117  C C    . ARG A 1 16  ? -14.381 -4.866  10.525  1.00 37.76 ? 58  ARG A C    1 
ATOM   118  O O    . ARG A 1 16  ? -13.285 -4.548  10.051  1.00 43.87 ? 58  ARG A O    1 
ATOM   119  C CB   . ARG A 1 16  ? -16.270 -3.254  10.210  1.00 35.39 ? 58  ARG A CB   1 
ATOM   120  C CG   . ARG A 1 16  ? -17.687 -3.508  10.603  1.00 34.74 ? 58  ARG A CG   1 
ATOM   121  C CD   . ARG A 1 16  ? -18.721 -2.775  9.768   1.00 24.85 ? 58  ARG A CD   1 
ATOM   122  N NE   . ARG A 1 16  ? -18.285 -2.356  8.443   1.00 22.47 ? 58  ARG A NE   1 
ATOM   123  C CZ   . ARG A 1 16  ? -19.122 -2.085  7.453   1.00 22.48 ? 58  ARG A CZ   1 
ATOM   124  N NH1  . ARG A 1 16  ? -20.430 -2.236  7.596   1.00 24.93 ? 58  ARG A NH1  1 
ATOM   125  N NH2  . ARG A 1 16  ? -18.636 -1.695  6.276   1.00 24.76 ? 58  ARG A NH2  1 
ATOM   126  N N    . GLN A 1 17  ? -14.874 -6.100  10.466  1.00 49.67 ? 59  GLN A N    1 
ATOM   127  C CA   . GLN A 1 17  ? -14.247 -7.180  9.705   1.00 46.28 ? 59  GLN A CA   1 
ATOM   128  C C    . GLN A 1 17  ? -15.284 -7.709  8.717   1.00 45.70 ? 59  GLN A C    1 
ATOM   129  O O    . GLN A 1 17  ? -15.877 -8.769  8.922   1.00 45.41 ? 59  GLN A O    1 
ATOM   130  C CB   . GLN A 1 17  ? -13.718 -8.290  10.632  1.00 48.17 ? 59  GLN A CB   1 
ATOM   131  N N    . THR A 1 18  ? -15.498 -6.961  7.636   1.00 43.52 ? 60  THR A N    1 
ATOM   132  C CA   . THR A 1 18  ? -16.474 -7.366  6.638   1.00 30.44 ? 60  THR A CA   1 
ATOM   133  C C    . THR A 1 18  ? -15.924 -8.535  5.822   1.00 37.75 ? 60  THR A C    1 
ATOM   134  O O    . THR A 1 18  ? -14.735 -8.859  5.865   1.00 35.04 ? 60  THR A O    1 
ATOM   135  C CB   . THR A 1 18  ? -16.821 -6.193  5.722   1.00 29.91 ? 60  THR A CB   1 
ATOM   136  O OG1  . THR A 1 18  ? -15.658 -5.789  4.992   1.00 32.18 ? 60  THR A OG1  1 
ATOM   137  C CG2  . THR A 1 18  ? -17.287 -5.001  6.552   1.00 27.51 ? 60  THR A CG2  1 
ATOM   138  N N    . ASN A 1 19  ? -16.817 -9.188  5.080   1.00 33.30 ? 61  ASN A N    1 
ATOM   139  C CA   . ASN A 1 19  ? -16.369 -10.247 4.187   1.00 34.44 ? 61  ASN A CA   1 
ATOM   140  C C    . ASN A 1 19  ? -15.335 -9.717  3.212   1.00 30.08 ? 61  ASN A C    1 
ATOM   141  O O    . ASN A 1 19  ? -14.328 -10.384 2.940   1.00 30.66 ? 61  ASN A O    1 
ATOM   142  C CB   . ASN A 1 19  ? -17.560 -10.820 3.424   1.00 37.68 ? 61  ASN A CB   1 
ATOM   143  C CG   . ASN A 1 19  ? -18.189 -11.991 4.135   1.00 45.11 ? 61  ASN A CG   1 
ATOM   144  O OD1  . ASN A 1 19  ? -17.612 -12.546 5.071   1.00 41.40 ? 61  ASN A OD1  1 
ATOM   145  N ND2  . ASN A 1 19  ? -19.376 -12.383 3.689   1.00 47.60 ? 61  ASN A ND2  1 
ATOM   146  N N    . GLN A 1 20  ? -15.579 -8.522  2.664   1.00 30.23 ? 62  GLN A N    1 
ATOM   147  C CA   . GLN A 1 20  ? -14.644 -7.928  1.713   1.00 28.04 ? 62  GLN A CA   1 
ATOM   148  C C    . GLN A 1 20  ? -13.311 -7.596  2.364   1.00 28.61 ? 62  GLN A C    1 
ATOM   149  O O    . GLN A 1 20  ? -12.259 -7.762  1.740   1.00 27.44 ? 62  GLN A O    1 
ATOM   150  C CB   . GLN A 1 20  ? -15.239 -6.679  1.070   1.00 29.83 ? 62  GLN A CB   1 
ATOM   151  C CG   . GLN A 1 20  ? -16.585 -6.896  0.428   1.00 31.21 ? 62  GLN A CG   1 
ATOM   152  C CD   . GLN A 1 20  ? -17.026 -5.698  -0.373  1.00 39.71 ? 62  GLN A CD   1 
ATOM   153  O OE1  . GLN A 1 20  ? -16.632 -4.566  -0.089  1.00 42.71 ? 62  GLN A OE1  1 
ATOM   154  N NE2  . GLN A 1 20  ? -17.858 -5.933  -1.369  1.00 38.66 ? 62  GLN A NE2  1 
ATOM   155  N N    . LEU A 1 21  ? -13.331 -7.106  3.598   1.00 31.77 ? 63  LEU A N    1 
ATOM   156  C CA   . LEU A 1 21  ? -12.069 -6.789  4.257   1.00 29.06 ? 63  LEU A CA   1 
ATOM   157  C C    . LEU A 1 21  ? -11.286 -8.052  4.597   1.00 27.37 ? 63  LEU A C    1 
ATOM   158  O O    . LEU A 1 21  ? -10.065 -8.093  4.424   1.00 28.73 ? 63  LEU A O    1 
ATOM   159  C CB   . LEU A 1 21  ? -12.306 -5.906  5.479   1.00 31.86 ? 63  LEU A CB   1 
ATOM   160  C CG   . LEU A 1 21  ? -12.485 -4.412  5.163   1.00 27.72 ? 63  LEU A CG   1 
ATOM   161  C CD1  . LEU A 1 21  ? -13.102 -3.680  6.340   1.00 28.42 ? 63  LEU A CD1  1 
ATOM   162  C CD2  . LEU A 1 21  ? -11.168 -3.760  4.763   1.00 27.96 ? 63  LEU A CD2  1 
ATOM   163  N N    . GLN A 1 22  ? -11.961 -9.101  5.074   1.00 28.34 ? 64  GLN A N    1 
ATOM   164  C CA   . GLN A 1 22  ? -11.270 -10.378 5.225   1.00 27.54 ? 64  GLN A CA   1 
ATOM   165  C C    . GLN A 1 22  ? -10.665 -10.821 3.899   1.00 29.78 ? 64  GLN A C    1 
ATOM   166  O O    . GLN A 1 22  ? -9.517  -11.281 3.851   1.00 30.95 ? 64  GLN A O    1 
ATOM   167  C CB   . GLN A 1 22  ? -12.226 -11.446 5.760   1.00 36.24 ? 64  GLN A CB   1 
ATOM   168  C CG   . GLN A 1 22  ? -12.534 -11.298 7.241   1.00 32.22 ? 64  GLN A CG   1 
ATOM   169  C CD   . GLN A 1 22  ? -13.696 -12.168 7.686   1.00 44.81 ? 64  GLN A CD   1 
ATOM   170  O OE1  . GLN A 1 22  ? -14.392 -12.765 6.864   1.00 40.25 ? 64  GLN A OE1  1 
ATOM   171  N NE2  . GLN A 1 22  ? -13.910 -12.240 8.995   1.00 49.11 ? 64  GLN A NE2  1 
ATOM   172  N N    . TYR A 1 23  ? -11.427 -10.692 2.809   1.00 27.73 ? 65  TYR A N    1 
ATOM   173  C CA   . TYR A 1 23  ? -10.928 -11.074 1.494   1.00 29.07 ? 65  TYR A CA   1 
ATOM   174  C C    . TYR A 1 23  ? -9.740  -10.213 1.090   1.00 28.09 ? 65  TYR A C    1 
ATOM   175  O O    . TYR A 1 23  ? -8.742  -10.723 0.578   1.00 28.37 ? 65  TYR A O    1 
ATOM   176  C CB   . TYR A 1 23  ? -12.074 -10.999 0.480   1.00 30.16 ? 65  TYR A CB   1 
ATOM   177  C CG   . TYR A 1 23  ? -11.750 -11.258 -0.970  1.00 30.34 ? 65  TYR A CG   1 
ATOM   178  C CD1  . TYR A 1 23  ? -11.934 -12.518 -1.518  1.00 30.82 ? 65  TYR A CD1  1 
ATOM   179  C CD2  . TYR A 1 23  ? -11.389 -10.224 -1.828  1.00 27.34 ? 65  TYR A CD2  1 
ATOM   180  C CE1  . TYR A 1 23  ? -11.670 -12.764 -2.852  1.00 27.59 ? 65  TYR A CE1  1 
ATOM   181  C CE2  . TYR A 1 23  ? -11.138 -10.460 -3.163  1.00 29.37 ? 65  TYR A CE2  1 
ATOM   182  C CZ   . TYR A 1 23  ? -11.295 -11.737 -3.672  1.00 32.03 ? 65  TYR A CZ   1 
ATOM   183  O OH   . TYR A 1 23  ? -11.053 -12.006 -4.996  1.00 32.68 ? 65  TYR A OH   1 
ATOM   184  N N    . LEU A 1 24  ? -9.819  -8.907  1.342   1.00 26.47 ? 66  LEU A N    1 
ATOM   185  C CA   . LEU A 1 24  ? -8.694  -8.040  1.013   1.00 27.61 ? 66  LEU A CA   1 
ATOM   186  C C    . LEU A 1 24  ? -7.405  -8.482  1.701   1.00 28.72 ? 66  LEU A C    1 
ATOM   187  O O    . LEU A 1 24  ? -6.322  -8.317  1.138   1.00 28.32 ? 66  LEU A O    1 
ATOM   188  C CB   . LEU A 1 24  ? -9.026  -6.585  1.350   1.00 28.19 ? 66  LEU A CB   1 
ATOM   189  C CG   . LEU A 1 24  ? -9.839  -5.821  0.306   1.00 29.93 ? 66  LEU A CG   1 
ATOM   190  C CD1  . LEU A 1 24  ? -10.213 -4.438  0.825   1.00 30.09 ? 66  LEU A CD1  1 
ATOM   191  C CD2  . LEU A 1 24  ? -9.049  -5.718  -0.991  1.00 33.44 ? 66  LEU A CD2  1 
ATOM   192  N N    . LEU A 1 25  ? -7.489  -9.032  2.911   1.00 25.71 ? 67  LEU A N    1 
ATOM   193  C CA   . LEU A 1 25  ? -6.282  -9.532  3.566   1.00 28.52 ? 67  LEU A CA   1 
ATOM   194  C C    . LEU A 1 25  ? -5.898  -10.922 3.065   1.00 32.14 ? 67  LEU A C    1 
ATOM   195  O O    . LEU A 1 25  ? -4.765  -11.143 2.617   1.00 27.85 ? 67  LEU A O    1 
ATOM   196  C CB   . LEU A 1 25  ? -6.463  -9.542  5.087   1.00 28.80 ? 67  LEU A CB   1 
ATOM   197  C CG   . LEU A 1 25  ? -5.299  -10.056 5.944   1.00 29.42 ? 67  LEU A CG   1 
ATOM   198  C CD1  . LEU A 1 25  ? -4.018  -9.276  5.701   1.00 27.93 ? 67  LEU A CD1  1 
ATOM   199  C CD2  . LEU A 1 25  ? -5.686  -9.993  7.414   1.00 29.48 ? 67  LEU A CD2  1 
ATOM   200  N N    . ARG A 1 26  ? -6.838  -11.868 3.135   1.00 27.66 ? 68  ARG A N    1 
ATOM   201  C CA   . ARG A 1 26  ? -6.519  -13.268 2.889   1.00 30.93 ? 68  ARG A CA   1 
ATOM   202  C C    . ARG A 1 26  ? -6.146  -13.511 1.436   1.00 34.78 ? 68  ARG A C    1 
ATOM   203  O O    . ARG A 1 26  ? -5.290  -14.356 1.150   1.00 34.48 ? 68  ARG A O    1 
ATOM   204  C CB   . ARG A 1 26  ? -7.715  -14.165 3.249   1.00 34.29 ? 68  ARG A CB   1 
ATOM   205  C CG   . ARG A 1 26  ? -7.359  -15.654 3.318   1.00 36.95 ? 68  ARG A CG   1 
ATOM   206  C CD   . ARG A 1 26  ? -8.574  -16.556 3.539   1.00 39.22 ? 68  ARG A CD   1 
ATOM   207  N NE   . ARG A 1 26  ? -9.696  -16.229 2.662   1.00 44.03 ? 68  ARG A NE   1 
ATOM   208  C CZ   . ARG A 1 26  ? -9.887  -16.762 1.461   1.00 38.15 ? 68  ARG A CZ   1 
ATOM   209  N NH1  . ARG A 1 26  ? -9.014  -17.603 0.928   1.00 43.50 ? 68  ARG A NH1  1 
ATOM   210  N NH2  . ARG A 1 26  ? -10.982 -16.439 0.775   1.00 29.59 ? 68  ARG A NH2  1 
ATOM   211  N N    . VAL A 1 27  ? -6.763  -12.790 0.511   1.00 28.15 ? 69  VAL A N    1 
ATOM   212  C CA   . VAL A 1 27  ? -6.630  -13.069 -0.917  1.00 30.06 ? 69  VAL A CA   1 
ATOM   213  C C    . VAL A 1 27  ? -5.855  -11.972 -1.645  1.00 30.46 ? 69  VAL A C    1 
ATOM   214  O O    . VAL A 1 27  ? -4.842  -12.242 -2.296  1.00 31.75 ? 69  VAL A O    1 
ATOM   215  C CB   . VAL A 1 27  ? -8.006  -13.326 -1.570  1.00 27.57 ? 69  VAL A CB   1 
ATOM   216  C CG1  . VAL A 1 27  ? -7.923  -13.161 -3.086  1.00 34.47 ? 69  VAL A CG1  1 
ATOM   217  C CG2  . VAL A 1 27  ? -8.543  -14.696 -1.169  1.00 34.21 ? 69  VAL A CG2  1 
ATOM   218  N N    . VAL A 1 28  ? -6.320  -10.726 -1.561  1.00 29.58 ? 70  VAL A N    1 
ATOM   219  C CA   . VAL A 1 28  ? -5.728  -9.673  -2.387  1.00 28.68 ? 70  VAL A CA   1 
ATOM   220  C C    . VAL A 1 28  ? -4.319  -9.332  -1.906  1.00 30.39 ? 70  VAL A C    1 
ATOM   221  O O    . VAL A 1 28  ? -3.340  -9.470  -2.651  1.00 29.10 ? 70  VAL A O    1 
ATOM   222  C CB   . VAL A 1 28  ? -6.636  -8.433  -2.439  1.00 27.66 ? 70  VAL A CB   1 
ATOM   223  C CG1  . VAL A 1 28  ? -5.941  -7.310  -3.203  1.00 30.56 ? 70  VAL A CG1  1 
ATOM   224  C CG2  . VAL A 1 28  ? -7.976  -8.778  -3.068  1.00 30.13 ? 70  VAL A CG2  1 
ATOM   225  N N    . LEU A 1 29  ? -4.191  -8.883  -0.654  1.00 29.30 ? 71  LEU A N    1 
ATOM   226  C CA   A LEU A 1 29  ? -2.882  -8.475  -0.147  0.42 30.08 ? 71  LEU A CA   1 
ATOM   227  C CA   B LEU A 1 29  ? -2.882  -8.471  -0.155  0.58 30.07 ? 71  LEU A CA   1 
ATOM   228  C C    . LEU A 1 29  ? -1.898  -9.635  -0.134  1.00 32.68 ? 71  LEU A C    1 
ATOM   229  O O    . LEU A 1 29  ? -0.740  -9.481  -0.533  1.00 29.53 ? 71  LEU A O    1 
ATOM   230  C CB   A LEU A 1 29  ? -3.000  -7.890  1.259   0.42 29.23 ? 71  LEU A CB   1 
ATOM   231  C CB   B LEU A 1 29  ? -3.018  -7.840  1.231   0.58 29.19 ? 71  LEU A CB   1 
ATOM   232  C CG   A LEU A 1 29  ? -1.624  -7.537  1.840   0.42 31.62 ? 71  LEU A CG   1 
ATOM   233  C CG   B LEU A 1 29  ? -1.728  -7.305  1.854   0.58 31.77 ? 71  LEU A CG   1 
ATOM   234  C CD1  A LEU A 1 29  ? -1.251  -6.083  1.582   0.42 27.14 ? 71  LEU A CD1  1 
ATOM   235  C CD1  B LEU A 1 29  ? -2.041  -6.089  2.698   0.58 31.28 ? 71  LEU A CD1  1 
ATOM   236  C CD2  A LEU A 1 29  ? -1.541  -7.880  3.321   0.42 29.67 ? 71  LEU A CD2  1 
ATOM   237  C CD2  B LEU A 1 29  ? -1.046  -8.384  2.693   0.58 26.18 ? 71  LEU A CD2  1 
ATOM   238  N N    . LYS A 1 30  ? -2.332  -10.804 0.335   1.00 35.24 ? 72  LYS A N    1 
ATOM   239  C CA   . LYS A 1 30  ? -1.393  -11.917 0.428   1.00 37.38 ? 72  LYS A CA   1 
ATOM   240  C C    . LYS A 1 30  ? -0.974  -12.450 -0.937  1.00 39.11 ? 72  LYS A C    1 
ATOM   241  O O    . LYS A 1 30  ? 0.125   -13.005 -1.065  1.00 41.16 ? 72  LYS A O    1 
ATOM   242  C CB   . LYS A 1 30  ? -1.918  -12.995 1.372   1.00 41.89 ? 72  LYS A CB   1 
ATOM   243  C CG   . LYS A 1 30  ? -1.700  -12.613 2.825   1.00 44.98 ? 72  LYS A CG   1 
ATOM   244  C CD   . LYS A 1 30  ? -2.836  -13.024 3.728   1.00 38.32 ? 72  LYS A CD   1 
ATOM   245  C CE   . LYS A 1 30  ? -2.466  -12.784 5.181   1.00 47.49 ? 72  LYS A CE   1 
ATOM   246  N NZ   . LYS A 1 30  ? -2.651  -13.996 6.020   1.00 47.28 ? 72  LYS A NZ   1 
ATOM   247  N N    . THR A 1 31  ? -1.807  -12.280 -1.969  1.00 38.57 ? 73  THR A N    1 
ATOM   248  C CA   . THR A 1 31  ? -1.387  -12.637 -3.321  1.00 39.11 ? 73  THR A CA   1 
ATOM   249  C C    . THR A 1 31  ? -0.412  -11.611 -3.885  1.00 34.26 ? 73  THR A C    1 
ATOM   250  O O    . THR A 1 31  ? 0.652   -11.974 -4.402  1.00 30.95 ? 73  THR A O    1 
ATOM   251  C CB   . THR A 1 31  ? -2.603  -12.798 -4.239  1.00 40.02 ? 73  THR A CB   1 
ATOM   252  O OG1  . THR A 1 31  ? -3.502  -13.749 -3.659  1.00 44.86 ? 73  THR A OG1  1 
ATOM   253  C CG2  . THR A 1 31  ? -2.175  -13.279 -5.618  1.00 43.45 ? 73  THR A CG2  1 
ATOM   254  N N    . LEU A 1 32  ? -0.759  -10.324 -3.795  1.00 29.72 ? 74  LEU A N    1 
ATOM   255  C CA   . LEU A 1 32  ? 0.177   -9.286  -4.209  1.00 28.12 ? 74  LEU A CA   1 
ATOM   256  C C    . LEU A 1 32  ? 1.509   -9.427  -3.479  1.00 30.02 ? 74  LEU A C    1 
ATOM   257  O O    . LEU A 1 32  ? 2.573   -9.211  -4.064  1.00 27.53 ? 74  LEU A O    1 
ATOM   258  C CB   . LEU A 1 32  ? -0.424  -7.904  -3.940  1.00 32.87 ? 74  LEU A CB   1 
ATOM   259  C CG   . LEU A 1 32  ? -1.124  -7.206  -5.107  1.00 34.95 ? 74  LEU A CG   1 
ATOM   260  C CD1  . LEU A 1 32  ? -1.988  -8.185  -5.905  1.00 35.30 ? 74  LEU A CD1  1 
ATOM   261  C CD2  . LEU A 1 32  ? -1.953  -6.032  -4.606  1.00 39.05 ? 74  LEU A CD2  1 
ATOM   262  N N    . TRP A 1 33  ? 1.463   -9.812  -2.204  1.00 24.57 ? 75  TRP A N    1 
ATOM   263  C CA   . TRP A 1 33  ? 2.665   -9.860  -1.378  1.00 25.52 ? 75  TRP A CA   1 
ATOM   264  C C    . TRP A 1 33  ? 3.706   -10.795 -1.974  1.00 34.39 ? 75  TRP A C    1 
ATOM   265  O O    . TRP A 1 33  ? 4.911   -10.534 -1.883  1.00 31.28 ? 75  TRP A O    1 
ATOM   266  C CB   . TRP A 1 33  ? 2.268   -10.296 0.030   1.00 28.26 ? 75  TRP A CB   1 
ATOM   267  C CG   . TRP A 1 33  ? 3.329   -10.109 1.061   1.00 30.69 ? 75  TRP A CG   1 
ATOM   268  C CD1  . TRP A 1 33  ? 4.327   -10.983 1.379   1.00 33.79 ? 75  TRP A CD1  1 
ATOM   269  C CD2  . TRP A 1 33  ? 3.520   -8.959  1.891   1.00 28.04 ? 75  TRP A CD2  1 
ATOM   270  N NE1  . TRP A 1 33  ? 5.114   -10.456 2.379   1.00 36.80 ? 75  TRP A NE1  1 
ATOM   271  C CE2  . TRP A 1 33  ? 4.636   -9.216  2.712   1.00 34.38 ? 75  TRP A CE2  1 
ATOM   272  C CE3  . TRP A 1 33  ? 2.840   -7.747  2.035   1.00 28.76 ? 75  TRP A CE3  1 
ATOM   273  C CZ2  . TRP A 1 33  ? 5.097   -8.298  3.648   1.00 32.85 ? 75  TRP A CZ2  1 
ATOM   274  C CZ3  . TRP A 1 33  ? 3.296   -6.843  2.966   1.00 25.90 ? 75  TRP A CZ3  1 
ATOM   275  C CH2  . TRP A 1 33  ? 4.412   -7.122  3.764   1.00 28.94 ? 75  TRP A CH2  1 
ATOM   276  N N    . LYS A 1 34  ? 3.258   -11.881 -2.597  1.00 31.21 ? 76  LYS A N    1 
ATOM   277  C CA   . LYS A 1 34  ? 4.136   -12.894 -3.173  1.00 33.92 ? 76  LYS A CA   1 
ATOM   278  C C    . LYS A 1 34  ? 4.578   -12.581 -4.598  1.00 29.03 ? 76  LYS A C    1 
ATOM   279  O O    . LYS A 1 34  ? 5.386   -13.328 -5.163  1.00 32.85 ? 76  LYS A O    1 
ATOM   280  C CB   . LYS A 1 34  ? 3.442   -14.260 -3.150  1.00 33.18 ? 76  LYS A CB   1 
ATOM   281  C CG   . LYS A 1 34  ? 3.195   -14.839 -1.767  1.00 32.76 ? 76  LYS A CG   1 
ATOM   282  C CD   . LYS A 1 34  ? 2.669   -16.275 -1.855  1.00 41.73 ? 76  LYS A CD   1 
ATOM   283  C CE   . LYS A 1 34  ? 2.268   -16.838 -0.487  1.00 37.77 ? 76  LYS A CE   1 
ATOM   284  N NZ   . LYS A 1 34  ? 3.263   -16.539 0.591   1.00 45.66 ? 76  LYS A NZ   1 
ATOM   285  N N    . HIS A 1 35  ? 4.053   -11.522 -5.212  1.00 29.46 ? 77  HIS A N    1 
ATOM   286  C CA   . HIS A 1 35  ? 4.464   -11.177 -6.564  1.00 29.26 ? 77  HIS A CA   1 
ATOM   287  C C    . HIS A 1 35  ? 5.963   -10.881 -6.587  1.00 26.44 ? 77  HIS A C    1 
ATOM   288  O O    . HIS A 1 35  ? 6.543   -10.429 -5.598  1.00 28.87 ? 77  HIS A O    1 
ATOM   289  C CB   . HIS A 1 35  ? 3.682   -9.951  -7.038  1.00 29.86 ? 77  HIS A CB   1 
ATOM   290  C CG   . HIS A 1 35  ? 3.870   -9.632  -8.489  1.00 30.44 ? 77  HIS A CG   1 
ATOM   291  N ND1  . HIS A 1 35  ? 4.991   -9.001  -8.979  1.00 30.31 ? 77  HIS A ND1  1 
ATOM   292  C CD2  . HIS A 1 35  ? 3.059   -9.832  -9.554  1.00 30.36 ? 77  HIS A CD2  1 
ATOM   293  C CE1  . HIS A 1 35  ? 4.875   -8.842  -10.284 1.00 29.56 ? 77  HIS A CE1  1 
ATOM   294  N NE2  . HIS A 1 35  ? 3.711   -9.339  -10.659 1.00 36.53 ? 77  HIS A NE2  1 
ATOM   295  N N    . GLN A 1 36  ? 6.601   -11.149 -7.733  1.00 32.40 ? 78  GLN A N    1 
ATOM   296  C CA   A GLN A 1 36  ? 8.045   -10.961 -7.829  0.18 29.95 ? 78  GLN A CA   1 
ATOM   297  C CA   B GLN A 1 36  ? 8.046   -10.961 -7.819  0.82 29.99 ? 78  GLN A CA   1 
ATOM   298  C C    . GLN A 1 36  ? 8.456   -9.500  -7.681  1.00 30.59 ? 78  GLN A C    1 
ATOM   299  O O    . GLN A 1 36  ? 9.622   -9.224  -7.357  1.00 26.70 ? 78  GLN A O    1 
ATOM   300  C CB   A GLN A 1 36  ? 8.573   -11.527 -9.151  0.18 29.11 ? 78  GLN A CB   1 
ATOM   301  C CB   B GLN A 1 36  ? 8.581   -11.534 -9.136  0.82 29.13 ? 78  GLN A CB   1 
ATOM   302  C CG   A GLN A 1 36  ? 8.489   -13.039 -9.258  0.18 30.46 ? 78  GLN A CG   1 
ATOM   303  C CG   B GLN A 1 36  ? 8.070   -10.810 -10.366 0.82 27.46 ? 78  GLN A CG   1 
ATOM   304  N N    . PHE A 1 37  ? 7.535   -8.562  -7.915  1.00 29.72 ? 79  PHE A N    1 
ATOM   305  C CA   . PHE A 1 37  ? 7.828   -7.136  -7.838  1.00 25.87 ? 79  PHE A CA   1 
ATOM   306  C C    . PHE A 1 37  ? 7.249   -6.490  -6.586  1.00 27.02 ? 79  PHE A C    1 
ATOM   307  O O    . PHE A 1 37  ? 7.229   -5.260  -6.497  1.00 25.01 ? 79  PHE A O    1 
ATOM   308  C CB   . PHE A 1 37  ? 7.280   -6.408  -9.068  1.00 26.79 ? 79  PHE A CB   1 
ATOM   309  C CG   . PHE A 1 37  ? 7.910   -6.830  -10.369 1.00 27.82 ? 79  PHE A CG   1 
ATOM   310  C CD1  . PHE A 1 37  ? 9.155   -7.443  -10.403 1.00 30.24 ? 79  PHE A CD1  1 
ATOM   311  C CD2  . PHE A 1 37  ? 7.225   -6.641  -11.562 1.00 29.66 ? 79  PHE A CD2  1 
ATOM   312  C CE1  . PHE A 1 37  ? 9.706   -7.840  -11.615 1.00 32.23 ? 79  PHE A CE1  1 
ATOM   313  C CE2  . PHE A 1 37  ? 7.764   -7.034  -12.763 1.00 30.02 ? 79  PHE A CE2  1 
ATOM   314  C CZ   . PHE A 1 37  ? 9.003   -7.635  -12.791 1.00 31.64 ? 79  PHE A CZ   1 
ATOM   315  N N    . ALA A 1 38  ? 6.804   -7.285  -5.615  1.00 25.16 ? 80  ALA A N    1 
ATOM   316  C CA   . ALA A 1 38  ? 6.188   -6.726  -4.416  1.00 19.23 ? 80  ALA A CA   1 
ATOM   317  C C    . ALA A 1 38  ? 7.207   -6.123  -3.458  1.00 23.22 ? 80  ALA A C    1 
ATOM   318  O O    . ALA A 1 38  ? 6.871   -5.196  -2.712  1.00 22.61 ? 80  ALA A O    1 
ATOM   319  C CB   . ALA A 1 38  ? 5.388   -7.806  -3.688  1.00 26.62 ? 80  ALA A CB   1 
ATOM   320  N N    . TRP A 1 39  ? 8.430   -6.642  -3.446  1.00 23.67 ? 81  TRP A N    1 
ATOM   321  C CA   . TRP A 1 39  ? 9.379   -6.318  -2.383  1.00 27.15 ? 81  TRP A CA   1 
ATOM   322  C C    . TRP A 1 39  ? 9.586   -4.831  -2.134  1.00 23.06 ? 81  TRP A C    1 
ATOM   323  O O    . TRP A 1 39  ? 9.744   -4.460  -0.964  1.00 24.31 ? 81  TRP A O    1 
ATOM   324  C CB   . TRP A 1 39  ? 10.731  -7.028  -2.573  1.00 25.60 ? 81  TRP A CB   1 
ATOM   325  C CG   . TRP A 1 39  ? 11.446  -6.727  -3.848  1.00 25.65 ? 81  TRP A CG   1 
ATOM   326  C CD1  . TRP A 1 39  ? 11.335  -7.400  -5.043  1.00 26.95 ? 81  TRP A CD1  1 
ATOM   327  C CD2  . TRP A 1 39  ? 12.363  -5.655  -4.074  1.00 22.79 ? 81  TRP A CD2  1 
ATOM   328  N NE1  . TRP A 1 39  ? 12.152  -6.818  -5.988  1.00 26.23 ? 81  TRP A NE1  1 
ATOM   329  C CE2  . TRP A 1 39  ? 12.788  -5.742  -5.424  1.00 25.15 ? 81  TRP A CE2  1 
ATOM   330  C CE3  . TRP A 1 39  ? 12.869  -4.625  -3.271  1.00 26.98 ? 81  TRP A CE3  1 
ATOM   331  C CZ2  . TRP A 1 39  ? 13.698  -4.844  -5.980  1.00 28.00 ? 81  TRP A CZ2  1 
ATOM   332  C CZ3  . TRP A 1 39  ? 13.777  -3.737  -3.829  1.00 25.61 ? 81  TRP A CZ3  1 
ATOM   333  C CH2  . TRP A 1 39  ? 14.178  -3.849  -5.171  1.00 26.58 ? 81  TRP A CH2  1 
ATOM   334  N N    . PRO A 1 40  ? 9.636   -3.945  -3.135  1.00 22.50 ? 82  PRO A N    1 
ATOM   335  C CA   . PRO A 1 40  ? 9.877   -2.530  -2.815  1.00 20.13 ? 82  PRO A CA   1 
ATOM   336  C C    . PRO A 1 40  ? 8.746   -1.912  -2.028  1.00 19.77 ? 82  PRO A C    1 
ATOM   337  O O    . PRO A 1 40  ? 8.946   -0.852  -1.422  1.00 22.11 ? 82  PRO A O    1 
ATOM   338  C CB   . PRO A 1 40  ? 10.010  -1.853  -4.183  1.00 21.61 ? 82  PRO A CB   1 
ATOM   339  C CG   . PRO A 1 40  ? 10.298  -2.993  -5.144  1.00 20.98 ? 82  PRO A CG   1 
ATOM   340  C CD   . PRO A 1 40  ? 9.599   -4.183  -4.590  1.00 22.29 ? 82  PRO A CD   1 
ATOM   341  N N    . PHE A 1 41  ? 7.570   -2.540  -2.031  1.00 19.36 ? 83  PHE A N    1 
ATOM   342  C CA   . PHE A 1 41  ? 6.343   -1.981  -1.481  1.00 21.77 ? 83  PHE A CA   1 
ATOM   343  C C    . PHE A 1 41  ? 5.908   -2.676  -0.200  1.00 21.79 ? 83  PHE A C    1 
ATOM   344  O O    . PHE A 1 41  ? 4.799   -2.420  0.298   1.00 20.41 ? 83  PHE A O    1 
ATOM   345  C CB   . PHE A 1 41  ? 5.245   -2.040  -2.545  1.00 22.30 ? 83  PHE A CB   1 
ATOM   346  C CG   . PHE A 1 41  ? 5.647   -1.405  -3.844  1.00 20.98 ? 83  PHE A CG   1 
ATOM   347  C CD1  . PHE A 1 41  ? 5.556   -0.032  -4.005  1.00 21.21 ? 83  PHE A CD1  1 
ATOM   348  C CD2  . PHE A 1 41  ? 6.091   -2.175  -4.907  1.00 20.96 ? 83  PHE A CD2  1 
ATOM   349  C CE1  . PHE A 1 41  ? 5.922   0.574   -5.177  1.00 22.16 ? 83  PHE A CE1  1 
ATOM   350  C CE2  . PHE A 1 41  ? 6.456   -1.577  -6.100  1.00 19.76 ? 83  PHE A CE2  1 
ATOM   351  C CZ   . PHE A 1 41  ? 6.374   -0.201  -6.237  1.00 23.02 ? 83  PHE A CZ   1 
ATOM   352  N N    . GLN A 1 42  ? 6.749   -3.545  0.352   1.00 22.10 ? 84  GLN A N    1 
ATOM   353  C CA   . GLN A 1 42  ? 6.393   -4.332  1.526   1.00 23.19 ? 84  GLN A CA   1 
ATOM   354  C C    . GLN A 1 42  ? 6.633   -3.589  2.842   1.00 23.20 ? 84  GLN A C    1 
ATOM   355  O O    . GLN A 1 42  ? 6.337   -4.129  3.923   1.00 21.80 ? 84  GLN A O    1 
ATOM   356  C CB   . GLN A 1 42  ? 7.135   -5.670  1.511   1.00 25.10 ? 84  GLN A CB   1 
ATOM   357  C CG   . GLN A 1 42  ? 6.529   -6.686  0.565   1.00 24.82 ? 84  GLN A CG   1 
ATOM   358  C CD   . GLN A 1 42  ? 7.383   -7.928  0.419   1.00 27.35 ? 84  GLN A CD   1 
ATOM   359  O OE1  . GLN A 1 42  ? 8.546   -7.944  0.817   1.00 31.62 ? 84  GLN A OE1  1 
ATOM   360  N NE2  . GLN A 1 42  ? 6.812   -8.975  -0.176  1.00 30.51 ? 84  GLN A NE2  1 
ATOM   361  N N    . GLN A 1 43  ? 7.148   -2.365  2.775   1.00 22.21 ? 85  GLN A N    1 
ATOM   362  C CA   . GLN A 1 43  ? 7.433   -1.555  3.953   1.00 22.36 ? 85  GLN A CA   1 
ATOM   363  C C    . GLN A 1 43  ? 7.566   -0.113  3.500   1.00 22.13 ? 85  GLN A C    1 
ATOM   364  O O    . GLN A 1 43  ? 7.737   0.150   2.306   1.00 19.81 ? 85  GLN A O    1 
ATOM   365  C CB   . GLN A 1 43  ? 8.724   -2.019  4.638   1.00 22.72 ? 85  GLN A CB   1 
ATOM   366  C CG   . GLN A 1 43  ? 9.986   -2.001  3.746   1.00 20.37 ? 85  GLN A CG   1 
ATOM   367  C CD   . GLN A 1 43  ? 9.994   -3.138  2.747   1.00 27.24 ? 85  GLN A CD   1 
ATOM   368  O OE1  . GLN A 1 43  ? 9.790   -4.299  3.114   1.00 26.45 ? 85  GLN A OE1  1 
ATOM   369  N NE2  . GLN A 1 43  ? 10.293  -2.820  1.488   1.00 24.60 ? 85  GLN A NE2  1 
ATOM   370  N N    . PRO A 1 44  ? 7.497   0.842   4.421   1.00 19.72 ? 86  PRO A N    1 
ATOM   371  C CA   . PRO A 1 44  ? 7.595   2.250   4.027   1.00 18.40 ? 86  PRO A CA   1 
ATOM   372  C C    . PRO A 1 44  ? 8.894   2.536   3.300   1.00 17.77 ? 86  PRO A C    1 
ATOM   373  O O    . PRO A 1 44  ? 9.930   1.929   3.572   1.00 22.14 ? 86  PRO A O    1 
ATOM   374  C CB   . PRO A 1 44  ? 7.549   2.993   5.370   1.00 21.78 ? 86  PRO A CB   1 
ATOM   375  C CG   . PRO A 1 44  ? 6.753   2.084   6.256   1.00 22.78 ? 86  PRO A CG   1 
ATOM   376  C CD   . PRO A 1 44  ? 7.126   0.679   5.839   1.00 21.72 ? 86  PRO A CD   1 
ATOM   377  N N    . VAL A 1 45  ? 8.822   3.476   2.361   1.00 19.86 ? 87  VAL A N    1 
ATOM   378  C CA   . VAL A 1 45  ? 10.026  3.925   1.672   1.00 21.10 ? 87  VAL A CA   1 
ATOM   379  C C    . VAL A 1 45  ? 11.034  4.374   2.724   1.00 21.93 ? 87  VAL A C    1 
ATOM   380  O O    . VAL A 1 45  ? 10.746  5.250   3.549   1.00 21.24 ? 87  VAL A O    1 
ATOM   381  C CB   . VAL A 1 45  ? 9.697   5.043   0.686   1.00 19.85 ? 87  VAL A CB   1 
ATOM   382  C CG1  . VAL A 1 45  ? 10.983  5.685   0.167   1.00 23.99 ? 87  VAL A CG1  1 
ATOM   383  C CG2  . VAL A 1 45  ? 8.879   4.496   -0.510  1.00 21.66 ? 87  VAL A CG2  1 
ATOM   384  N N    . ASP A 1 46  ? 12.215  3.762   2.709   1.00 20.78 ? 88  ASP A N    1 
ATOM   385  C CA   . ASP A 1 46  ? 13.318  4.148   3.588   1.00 20.52 ? 88  ASP A CA   1 
ATOM   386  C C    . ASP A 1 46  ? 14.161  5.170   2.836   1.00 22.27 ? 88  ASP A C    1 
ATOM   387  O O    . ASP A 1 46  ? 15.079  4.826   2.090   1.00 22.78 ? 88  ASP A O    1 
ATOM   388  C CB   . ASP A 1 46  ? 14.138  2.923   3.981   1.00 23.60 ? 88  ASP A CB   1 
ATOM   389  C CG   . ASP A 1 46  ? 15.188  3.224   5.029   1.00 24.99 ? 88  ASP A CG   1 
ATOM   390  O OD1  . ASP A 1 46  ? 15.583  4.399   5.153   1.00 23.17 ? 88  ASP A OD1  1 
ATOM   391  O OD2  . ASP A 1 46  ? 15.658  2.275   5.691   1.00 25.04 ? 88  ASP A OD2  1 
ATOM   392  N N    . ALA A 1 47  ? 13.810  6.445   2.999   1.00 23.69 ? 89  ALA A N    1 
ATOM   393  C CA   . ALA A 1 47  ? 14.473  7.487   2.221   1.00 24.03 ? 89  ALA A CA   1 
ATOM   394  C C    . ALA A 1 47  ? 15.943  7.613   2.582   1.00 24.83 ? 89  ALA A C    1 
ATOM   395  O O    . ALA A 1 47  ? 16.754  8.023   1.746   1.00 24.34 ? 89  ALA A O    1 
ATOM   396  C CB   . ALA A 1 47  ? 13.773  8.826   2.437   1.00 29.78 ? 89  ALA A CB   1 
ATOM   397  N N    . VAL A 1 48  ? 16.295  7.295   3.824   1.00 26.29 ? 90  VAL A N    1 
ATOM   398  C CA   . VAL A 1 48  ? 17.693  7.343   4.234   1.00 26.14 ? 90  VAL A CA   1 
ATOM   399  C C    . VAL A 1 48  ? 18.489  6.242   3.540   1.00 27.56 ? 90  VAL A C    1 
ATOM   400  O O    . VAL A 1 48  ? 19.495  6.508   2.872   1.00 25.42 ? 90  VAL A O    1 
ATOM   401  C CB   . VAL A 1 48  ? 17.786  7.262   5.768   1.00 25.00 ? 90  VAL A CB   1 
ATOM   402  C CG1  . VAL A 1 48  ? 19.231  7.148   6.196   1.00 31.60 ? 90  VAL A CG1  1 
ATOM   403  C CG2  . VAL A 1 48  ? 17.124  8.481   6.406   1.00 26.02 ? 90  VAL A CG2  1 
ATOM   404  N N    . LYS A 1 49  ? 18.031  4.993   3.662   1.00 26.06 ? 91  LYS A N    1 
ATOM   405  C CA   . LYS A 1 49  ? 18.708  3.884   2.997   1.00 24.48 ? 91  LYS A CA   1 
ATOM   406  C C    . LYS A 1 49  ? 18.791  4.105   1.493   1.00 21.98 ? 91  LYS A C    1 
ATOM   407  O O    . LYS A 1 49  ? 19.837  3.861   0.874   1.00 25.18 ? 91  LYS A O    1 
ATOM   408  C CB   . LYS A 1 49  ? 17.974  2.569   3.283   1.00 22.12 ? 91  LYS A CB   1 
ATOM   409  C CG   . LYS A 1 49  ? 18.572  1.387   2.529   1.00 26.27 ? 91  LYS A CG   1 
ATOM   410  N N    . LEU A 1 50  ? 17.692  4.541   0.876   1.00 23.40 ? 92  LEU A N    1 
ATOM   411  C CA   . LEU A 1 50  ? 17.638  4.622   -0.580  1.00 20.65 ? 92  LEU A CA   1 
ATOM   412  C C    . LEU A 1 50  ? 18.202  5.927   -1.131  1.00 23.04 ? 92  LEU A C    1 
ATOM   413  O O    . LEU A 1 50  ? 18.121  6.159   -2.343  1.00 24.99 ? 92  LEU A O    1 
ATOM   414  C CB   . LEU A 1 50  ? 16.212  4.377   -1.102  1.00 21.90 ? 92  LEU A CB   1 
ATOM   415  C CG   . LEU A 1 50  ? 15.587  3.032   -0.713  1.00 21.38 ? 92  LEU A CG   1 
ATOM   416  C CD1  . LEU A 1 50  ? 14.072  3.065   -0.891  1.00 23.04 ? 92  LEU A CD1  1 
ATOM   417  C CD2  . LEU A 1 50  ? 16.195  1.880   -1.511  1.00 25.09 ? 92  LEU A CD2  1 
ATOM   418  N N    . ASN A 1 51  ? 18.797  6.757   -0.279  1.00 24.19 ? 93  ASN A N    1 
ATOM   419  C CA   . ASN A 1 51  ? 19.316  8.081   -0.657  1.00 25.69 ? 93  ASN A CA   1 
ATOM   420  C C    . ASN A 1 51  ? 18.324  8.887   -1.490  1.00 25.90 ? 93  ASN A C    1 
ATOM   421  O O    . ASN A 1 51  ? 18.642  9.396   -2.568  1.00 26.50 ? 93  ASN A O    1 
ATOM   422  C CB   . ASN A 1 51  ? 20.710  8.030   -1.292  1.00 33.60 ? 93  ASN A CB   1 
ATOM   423  C CG   . ASN A 1 51  ? 21.602  6.979   -0.668  1.00 35.68 ? 93  ASN A CG   1 
ATOM   424  O OD1  . ASN A 1 51  ? 21.895  7.038   0.529   1.00 39.06 ? 93  ASN A OD1  1 
ATOM   425  N ND2  . ASN A 1 51  ? 22.053  6.019   -1.473  1.00 44.08 ? 93  ASN A ND2  1 
ATOM   426  N N    . LEU A 1 52  ? 17.110  9.025   -0.953  1.00 24.86 ? 94  LEU A N    1 
ATOM   427  C CA   . LEU A 1 52  ? 16.041  9.806   -1.572  1.00 23.84 ? 94  LEU A CA   1 
ATOM   428  C C    . LEU A 1 52  ? 15.646  10.912  -0.603  1.00 25.30 ? 94  LEU A C    1 
ATOM   429  O O    . LEU A 1 52  ? 14.517  10.945  -0.095  1.00 23.44 ? 94  LEU A O    1 
ATOM   430  C CB   . LEU A 1 52  ? 14.846  8.911   -1.884  1.00 22.66 ? 94  LEU A CB   1 
ATOM   431  C CG   . LEU A 1 52  ? 15.079  7.750   -2.845  1.00 23.33 ? 94  LEU A CG   1 
ATOM   432  C CD1  . LEU A 1 52  ? 13.804  6.902   -2.916  1.00 23.16 ? 94  LEU A CD1  1 
ATOM   433  C CD2  . LEU A 1 52  ? 15.480  8.231   -4.240  1.00 28.66 ? 94  LEU A CD2  1 
ATOM   434  N N    . PRO A 1 53  ? 16.569  11.831  -0.304  1.00 22.21 ? 95  PRO A N    1 
ATOM   435  C CA   . PRO A 1 53  ? 16.291  12.839  0.731   1.00 21.43 ? 95  PRO A CA   1 
ATOM   436  C C    . PRO A 1 53  ? 15.135  13.758  0.405   1.00 22.96 ? 95  PRO A C    1 
ATOM   437  O O    . PRO A 1 53  ? 14.669  14.476  1.301   1.00 26.29 ? 95  PRO A O    1 
ATOM   438  C CB   . PRO A 1 53  ? 17.619  13.601  0.854   1.00 22.03 ? 95  PRO A CB   1 
ATOM   439  C CG   . PRO A 1 53  ? 18.251  13.451  -0.507  1.00 23.98 ? 95  PRO A CG   1 
ATOM   440  C CD   . PRO A 1 53  ? 17.820  12.102  -1.034  1.00 25.14 ? 95  PRO A CD   1 
ATOM   441  N N    . ASP A 1 54  ? 14.654  13.758  -0.840  1.00 23.30 ? 96  ASP A N    1 
ATOM   442  C CA   . ASP A 1 54  ? 13.507  14.570  -1.219  1.00 22.89 ? 96  ASP A CA   1 
ATOM   443  C C    . ASP A 1 54  ? 12.200  13.794  -1.267  1.00 23.05 ? 96  ASP A C    1 
ATOM   444  O O    . ASP A 1 54  ? 11.149  14.410  -1.478  1.00 23.70 ? 96  ASP A O    1 
ATOM   445  C CB   . ASP A 1 54  ? 13.783  15.313  -2.532  1.00 25.31 ? 96  ASP A CB   1 
ATOM   446  C CG   . ASP A 1 54  ? 14.096  14.375  -3.690  1.00 27.80 ? 96  ASP A CG   1 
ATOM   447  O OD1  . ASP A 1 54  ? 14.147  13.143  -3.495  1.00 26.21 ? 96  ASP A OD1  1 
ATOM   448  O OD2  . ASP A 1 54  ? 14.389  14.891  -4.790  1.00 35.03 ? 96  ASP A OD2  1 
ATOM   449  N N    . TYR A 1 55  ? 12.225  12.484  -0.987  1.00 20.03 ? 97  TYR A N    1 
ATOM   450  C CA   . TYR A 1 55  ? 11.012  11.677  -1.117  1.00 21.22 ? 97  TYR A CA   1 
ATOM   451  C C    . TYR A 1 55  ? 9.905   12.199  -0.216  1.00 23.55 ? 97  TYR A C    1 
ATOM   452  O O    . TYR A 1 55  ? 8.786   12.472  -0.675  1.00 22.39 ? 97  TYR A O    1 
ATOM   453  C CB   . TYR A 1 55  ? 11.288  10.198  -0.813  1.00 20.63 ? 97  TYR A CB   1 
ATOM   454  C CG   . TYR A 1 55  ? 10.051  9.340   -1.068  1.00 19.13 ? 97  TYR A CG   1 
ATOM   455  C CD1  . TYR A 1 55  ? 9.749   8.858   -2.346  1.00 20.38 ? 97  TYR A CD1  1 
ATOM   456  C CD2  . TYR A 1 55  ? 9.136   9.102   -0.044  1.00 20.29 ? 97  TYR A CD2  1 
ATOM   457  C CE1  . TYR A 1 55  ? 8.603   8.106   -2.562  1.00 20.80 ? 97  TYR A CE1  1 
ATOM   458  C CE2  . TYR A 1 55  ? 7.995   8.360   -0.257  1.00 19.34 ? 97  TYR A CE2  1 
ATOM   459  C CZ   . TYR A 1 55  ? 7.725   7.869   -1.517  1.00 18.73 ? 97  TYR A CZ   1 
ATOM   460  O OH   . TYR A 1 55  ? 6.588   7.136   -1.760  1.00 18.45 ? 97  TYR A OH   1 
ATOM   461  N N    . TYR A 1 56  ? 10.195  12.344  1.075   1.00 20.31 ? 98  TYR A N    1 
ATOM   462  C CA   . TYR A 1 56  ? 9.177   12.796  2.008   1.00 23.12 ? 98  TYR A CA   1 
ATOM   463  C C    . TYR A 1 56  ? 9.053   14.287  2.029   1.00 21.70 ? 98  TYR A C    1 
ATOM   464  O O    . TYR A 1 56  ? 8.442   14.844  2.946   1.00 31.34 ? 98  TYR A O    1 
ATOM   465  C CB   . TYR A 1 56  ? 9.470   12.279  3.408   1.00 20.75 ? 98  TYR A CB   1 
ATOM   466  C CG   . TYR A 1 56  ? 9.250   10.807  3.466   1.00 22.14 ? 98  TYR A CG   1 
ATOM   467  C CD1  . TYR A 1 56  ? 7.980   10.287  3.347   1.00 20.41 ? 98  TYR A CD1  1 
ATOM   468  C CD2  . TYR A 1 56  ? 10.321  9.936   3.625   1.00 21.23 ? 98  TYR A CD2  1 
ATOM   469  C CE1  . TYR A 1 56  ? 7.759   8.947   3.394   1.00 19.96 ? 98  TYR A CE1  1 
ATOM   470  C CE2  . TYR A 1 56  ? 10.111  8.574   3.681   1.00 20.07 ? 98  TYR A CE2  1 
ATOM   471  C CZ   . TYR A 1 56  ? 8.818   8.094   3.569   1.00 19.56 ? 98  TYR A CZ   1 
ATOM   472  O OH   . TYR A 1 56  ? 8.580   6.756   3.644   1.00 19.84 ? 98  TYR A OH   1 
ATOM   473  N N    . LYS A 1 57  ? 9.629   14.941  1.056   1.00 26.27 ? 99  LYS A N    1 
ATOM   474  C CA   . LYS A 1 57  ? 9.433   16.354  0.874   1.00 23.49 ? 99  LYS A CA   1 
ATOM   475  C C    . LYS A 1 57  ? 8.497   16.583  -0.298  1.00 24.28 ? 99  LYS A C    1 
ATOM   476  O O    . LYS A 1 57  ? 7.956   17.681  -0.453  1.00 23.23 ? 99  LYS A O    1 
ATOM   477  C CB   . LYS A 1 57  ? 10.836  16.891  0.652   1.00 29.86 ? 99  LYS A CB   1 
ATOM   478  C CG   . LYS A 1 57  ? 11.259  17.314  2.014   1.00 39.37 ? 99  LYS A CG   1 
ATOM   479  C CD   . LYS A 1 57  ? 12.280  18.309  2.168   1.00 41.88 ? 99  LYS A CD   1 
ATOM   480  C CE   . LYS A 1 57  ? 13.073  17.873  3.396   1.00 37.36 ? 99  LYS A CE   1 
ATOM   481  N NZ   . LYS A 1 57  ? 13.296  19.069  4.236   1.00 42.52 ? 99  LYS A NZ   1 
ATOM   482  N N    . ILE A 1 58  ? 8.191   15.521  -1.020  1.00 22.40 ? 100 ILE A N    1 
ATOM   483  C CA   A ILE A 1 58  ? 7.251   15.562  -2.123  0.63 22.51 ? 100 ILE A CA   1 
ATOM   484  C CA   B ILE A 1 58  ? 7.255   15.558  -2.124  0.37 22.52 ? 100 ILE A CA   1 
ATOM   485  C C    . ILE A 1 58  ? 6.005   14.743  -1.824  1.00 21.83 ? 100 ILE A C    1 
ATOM   486  O O    . ILE A 1 58  ? 4.895   15.170  -2.135  1.00 25.24 ? 100 ILE A O    1 
ATOM   487  C CB   A ILE A 1 58  ? 7.925   15.091  -3.429  0.63 19.51 ? 100 ILE A CB   1 
ATOM   488  C CB   B ILE A 1 58  ? 7.939   15.077  -3.424  0.37 19.55 ? 100 ILE A CB   1 
ATOM   489  C CG1  A ILE A 1 58  ? 9.087   16.007  -3.816  0.63 22.12 ? 100 ILE A CG1  1 
ATOM   490  C CG1  B ILE A 1 58  ? 9.087   16.010  -3.825  0.37 22.12 ? 100 ILE A CG1  1 
ATOM   491  C CG2  A ILE A 1 58  ? 6.922   14.945  -4.544  0.63 23.05 ? 100 ILE A CG2  1 
ATOM   492  C CG2  B ILE A 1 58  ? 6.943   14.917  -4.537  0.37 23.04 ? 100 ILE A CG2  1 
ATOM   493  C CD1  A ILE A 1 58  ? 10.043  15.333  -4.738  0.63 23.32 ? 100 ILE A CD1  1 
ATOM   494  C CD1  B ILE A 1 58  ? 8.659   17.455  -3.973  0.37 25.34 ? 100 ILE A CD1  1 
ATOM   495  N N    . ILE A 1 59  ? 6.179   13.584  -1.202  1.00 19.32 ? 101 ILE A N    1 
ATOM   496  C CA   . ILE A 1 59  ? 5.091   12.668  -0.885  1.00 21.42 ? 101 ILE A CA   1 
ATOM   497  C C    . ILE A 1 59  ? 4.589   12.984  0.522   1.00 21.00 ? 101 ILE A C    1 
ATOM   498  O O    . ILE A 1 59  ? 5.309   12.794  1.504   1.00 23.69 ? 101 ILE A O    1 
ATOM   499  C CB   . ILE A 1 59  ? 5.567   11.217  -1.005  1.00 20.64 ? 101 ILE A CB   1 
ATOM   500  C CG1  . ILE A 1 59  ? 6.008   10.931  -2.442  1.00 22.27 ? 101 ILE A CG1  1 
ATOM   501  C CG2  . ILE A 1 59  ? 4.462   10.286  -0.534  1.00 21.82 ? 101 ILE A CG2  1 
ATOM   502  C CD1  . ILE A 1 59  ? 4.922   11.144  -3.453  1.00 21.52 ? 101 ILE A CD1  1 
ATOM   503  N N    . LYS A 1 60  ? 3.354   13.470  0.615   1.00 19.85 ? 102 LYS A N    1 
ATOM   504  C CA   . LYS A 1 60  ? 2.782   13.876  1.894   1.00 21.32 ? 102 LYS A CA   1 
ATOM   505  C C    . LYS A 1 60  ? 1.901   12.820  2.559   1.00 25.73 ? 102 LYS A C    1 
ATOM   506  O O    . LYS A 1 60  ? 1.678   12.911  3.764   1.00 22.05 ? 102 LYS A O    1 
ATOM   507  C CB   . LYS A 1 60  ? 2.007   15.194  1.742   1.00 33.49 ? 102 LYS A CB   1 
ATOM   508  N N    . THR A 1 61  ? 1.389   11.830  1.829   1.00 22.98 ? 103 THR A N    1 
ATOM   509  C CA   A THR A 1 61  ? 0.590   10.745  2.397   0.51 21.66 ? 103 THR A CA   1 
ATOM   510  C CA   B THR A 1 61  ? 0.595   10.744  2.406   0.49 21.67 ? 103 THR A CA   1 
ATOM   511  C C    . THR A 1 61  ? 1.245   9.430   1.992   1.00 21.73 ? 103 THR A C    1 
ATOM   512  O O    . THR A 1 61  ? 0.759   8.731   1.079   1.00 20.21 ? 103 THR A O    1 
ATOM   513  C CB   A THR A 1 61  ? -0.852  10.792  1.894   0.51 23.26 ? 103 THR A CB   1 
ATOM   514  C CB   B THR A 1 61  ? -0.885  10.825  2.016   0.49 23.31 ? 103 THR A CB   1 
ATOM   515  O OG1  A THR A 1 61  ? -1.343  12.137  1.956   0.51 29.24 ? 103 THR A OG1  1 
ATOM   516  O OG1  B THR A 1 61  ? -1.029  10.950  0.597   0.49 26.00 ? 103 THR A OG1  1 
ATOM   517  C CG2  A THR A 1 61  ? -1.739  9.883   2.730   0.51 25.93 ? 103 THR A CG2  1 
ATOM   518  C CG2  B THR A 1 61  ? -1.542  12.020  2.685   0.49 24.37 ? 103 THR A CG2  1 
ATOM   519  N N    . PRO A 1 62  ? 2.358   9.066   2.630   1.00 21.10 ? 104 PRO A N    1 
ATOM   520  C CA   . PRO A 1 62  ? 3.038   7.811   2.294   1.00 20.64 ? 104 PRO A CA   1 
ATOM   521  C C    . PRO A 1 62  ? 2.162   6.599   2.559   1.00 21.55 ? 104 PRO A C    1 
ATOM   522  O O    . PRO A 1 62  ? 1.338   6.583   3.477   1.00 19.33 ? 104 PRO A O    1 
ATOM   523  C CB   . PRO A 1 62  ? 4.263   7.806   3.218   1.00 27.18 ? 104 PRO A CB   1 
ATOM   524  C CG   . PRO A 1 62  ? 4.342   9.192   3.792   1.00 22.69 ? 104 PRO A CG   1 
ATOM   525  C CD   . PRO A 1 62  ? 3.001   9.764   3.761   1.00 22.97 ? 104 PRO A CD   1 
ATOM   526  N N    . MET A 1 63  ? 2.382   5.559   1.765   1.00 18.68 ? 105 MET A N    1 
ATOM   527  C CA   . MET A 1 63  ? 1.699   4.291   1.973   1.00 19.17 ? 105 MET A CA   1 
ATOM   528  C C    . MET A 1 63  ? 2.447   3.134   1.356   1.00 18.22 ? 105 MET A C    1 
ATOM   529  O O    . MET A 1 63  ? 3.175   3.308   0.381   1.00 20.16 ? 105 MET A O    1 
ATOM   530  C CB   . MET A 1 63  ? 0.252   4.339   1.472   1.00 20.32 ? 105 MET A CB   1 
ATOM   531  C CG   . MET A 1 63  ? -0.603  3.111   1.804   1.00 19.61 ? 105 MET A CG   1 
ATOM   532  S SD   . MET A 1 63  ? -0.750  2.823   3.568   1.00 19.82 ? 105 MET A SD   1 
ATOM   533  C CE   . MET A 1 63  ? -1.246  4.411   4.182   1.00 21.14 ? 105 MET A CE   1 
ATOM   534  N N    . ASP A 1 64  ? 2.269   1.958   1.964   1.00 20.37 ? 106 ASP A N    1 
ATOM   535  C CA   . ASP A 1 64  ? 2.969   0.758   1.523   1.00 19.68 ? 106 ASP A CA   1 
ATOM   536  C C    . ASP A 1 64  ? 2.135   -0.447  1.953   1.00 21.87 ? 106 ASP A C    1 
ATOM   537  O O    . ASP A 1 64  ? 1.244   -0.338  2.805   1.00 19.28 ? 106 ASP A O    1 
ATOM   538  C CB   . ASP A 1 64  ? 4.357   0.677   2.173   1.00 21.70 ? 106 ASP A CB   1 
ATOM   539  C CG   . ASP A 1 64  ? 4.273   0.592   3.683   1.00 22.37 ? 106 ASP A CG   1 
ATOM   540  O OD1  . ASP A 1 64  ? 4.099   1.627   4.365   1.00 21.56 ? 106 ASP A OD1  1 
ATOM   541  O OD2  . ASP A 1 64  ? 4.315   -0.546  4.180   1.00 22.01 ? 106 ASP A OD2  1 
ATOM   542  N N    . MET A 1 65  ? 2.454   -1.611  1.384   1.00 21.41 ? 107 MET A N    1 
ATOM   543  C CA   . MET A 1 65  ? 1.689   -2.824  1.693   1.00 21.38 ? 107 MET A CA   1 
ATOM   544  C C    . MET A 1 65  ? 1.959   -3.330  3.104   1.00 22.82 ? 107 MET A C    1 
ATOM   545  O O    . MET A 1 65  ? 1.106   -4.025  3.671   1.00 24.65 ? 107 MET A O    1 
ATOM   546  C CB   . MET A 1 65  ? 2.014   -3.926  0.685   1.00 22.83 ? 107 MET A CB   1 
ATOM   547  C CG   . MET A 1 65  ? 1.689   -3.600  -0.762  1.00 28.76 ? 107 MET A CG   1 
ATOM   548  S SD   . MET A 1 65  ? 1.187   -5.068  -1.692  1.00 25.61 ? 107 MET A SD   1 
ATOM   549  C CE   . MET A 1 65  ? 2.837   -5.660  -2.106  1.00 29.92 ? 107 MET A CE   1 
ATOM   550  N N    . GLY A 1 66  ? 3.125   -3.025  3.688   1.00 22.73 ? 108 GLY A N    1 
ATOM   551  C CA   . GLY A 1 66  ? 3.344   -3.402  5.074   1.00 26.30 ? 108 GLY A CA   1 
ATOM   552  C C    . GLY A 1 66  ? 2.386   -2.682  5.999   1.00 23.65 ? 108 GLY A C    1 
ATOM   553  O O    . GLY A 1 66  ? 1.811   -3.282  6.917   1.00 25.59 ? 108 GLY A O    1 
ATOM   554  N N    . THR A 1 67  ? 2.164   -1.394  5.734   1.00 19.45 ? 109 THR A N    1 
ATOM   555  C CA   . THR A 1 67  ? 1.245   -0.601  6.534   1.00 19.68 ? 109 THR A CA   1 
ATOM   556  C C    . THR A 1 67  ? -0.189  -1.068  6.313   1.00 20.71 ? 109 THR A C    1 
ATOM   557  O O    . THR A 1 67  ? -0.983  -1.154  7.261   1.00 21.28 ? 109 THR A O    1 
ATOM   558  C CB   . THR A 1 67  ? 1.408   0.865   6.130   1.00 18.24 ? 109 THR A CB   1 
ATOM   559  O OG1  . THR A 1 67  ? 2.701   1.325   6.541   1.00 20.83 ? 109 THR A OG1  1 
ATOM   560  C CG2  . THR A 1 67  ? 0.337   1.735   6.826   1.00 21.11 ? 109 THR A CG2  1 
ATOM   561  N N    . ILE A 1 68  ? -0.545  -1.385  5.066   1.00 18.67 ? 110 ILE A N    1 
ATOM   562  C CA   . ILE A 1 68  ? -1.890  -1.862  4.763   1.00 17.62 ? 110 ILE A CA   1 
ATOM   563  C C    . ILE A 1 68  ? -2.149  -3.189  5.466   1.00 23.25 ? 110 ILE A C    1 
ATOM   564  O O    . ILE A 1 68  ? -3.224  -3.416  6.037   1.00 22.55 ? 110 ILE A O    1 
ATOM   565  C CB   . ILE A 1 68  ? -2.055  -1.992  3.241   1.00 19.42 ? 110 ILE A CB   1 
ATOM   566  C CG1  . ILE A 1 68  ? -2.033  -0.607  2.574   1.00 21.02 ? 110 ILE A CG1  1 
ATOM   567  C CG2  . ILE A 1 68  ? -3.322  -2.782  2.925   1.00 22.08 ? 110 ILE A CG2  1 
ATOM   568  C CD1  . ILE A 1 68  ? -1.886  -0.661  1.020   1.00 18.16 ? 110 ILE A CD1  1 
ATOM   569  N N    . LYS A 1 69  ? -1.171  -4.094  5.419   1.00 23.52 ? 111 LYS A N    1 
ATOM   570  C CA   . LYS A 1 69  ? -1.314  -5.384  6.084   1.00 24.04 ? 111 LYS A CA   1 
ATOM   571  C C    . LYS A 1 69  ? -1.533  -5.192  7.575   1.00 25.18 ? 111 LYS A C    1 
ATOM   572  O O    . LYS A 1 69  ? -2.441  -5.792  8.169   1.00 27.15 ? 111 LYS A O    1 
ATOM   573  C CB   . LYS A 1 69  ? -0.052  -6.209  5.848   1.00 24.89 ? 111 LYS A CB   1 
ATOM   574  C CG   . LYS A 1 69  ? -0.071  -7.601  6.458   1.00 32.44 ? 111 LYS A CG   1 
ATOM   575  C CD   . LYS A 1 69  ? 1.042   -8.434  5.850   1.00 35.14 ? 111 LYS A CD   1 
ATOM   576  C CE   . LYS A 1 69  ? 1.283   -9.719  6.621   1.00 43.20 ? 111 LYS A CE   1 
ATOM   577  N NZ   . LYS A 1 69  ? 2.144   -10.666 5.847   1.00 53.29 ? 111 LYS A NZ   1 
ATOM   578  N N    . LYS A 1 70  ? -0.715  -4.347  8.203   1.00 22.74 ? 112 LYS A N    1 
ATOM   579  C CA   . LYS A 1 70  ? -0.898  -4.091  9.628   1.00 25.17 ? 112 LYS A CA   1 
ATOM   580  C C    . LYS A 1 70  ? -2.277  -3.505  9.907   1.00 23.84 ? 112 LYS A C    1 
ATOM   581  O O    . LYS A 1 70  ? -2.927  -3.855  10.908  1.00 25.87 ? 112 LYS A O    1 
ATOM   582  C CB   . LYS A 1 70  ? 0.201   -3.162  10.156  1.00 24.77 ? 112 LYS A CB   1 
ATOM   583  C CG   . LYS A 1 70  ? 1.570   -3.794  10.263  1.00 31.55 ? 112 LYS A CG   1 
ATOM   584  C CD   . LYS A 1 70  ? 2.571   -2.804  10.849  1.00 37.78 ? 112 LYS A CD   1 
ATOM   585  C CE   . LYS A 1 70  ? 3.591   -3.504  11.729  1.00 46.55 ? 112 LYS A CE   1 
ATOM   586  N NZ   . LYS A 1 70  ? 4.688   -4.083  10.914  1.00 50.85 ? 112 LYS A NZ   1 
ATOM   587  N N    . ARG A 1 71  ? -2.744  -2.602  9.042   1.00 22.33 ? 113 ARG A N    1 
ATOM   588  C CA   . ARG A 1 71  ? -4.073  -2.016  9.217   1.00 22.19 ? 113 ARG A CA   1 
ATOM   589  C C    . ARG A 1 71  ? -5.169  -3.075  9.139   1.00 23.64 ? 113 ARG A C    1 
ATOM   590  O O    . ARG A 1 71  ? -6.048  -3.136  10.004  1.00 23.67 ? 113 ARG A O    1 
ATOM   591  C CB   . ARG A 1 71  ? -4.290  -0.905  8.185   1.00 21.74 ? 113 ARG A CB   1 
ATOM   592  C CG   . ARG A 1 71  ? -3.606  0.368   8.575   1.00 22.94 ? 113 ARG A CG   1 
ATOM   593  C CD   . ARG A 1 71  ? -3.724  1.460   7.532   1.00 19.85 ? 113 ARG A CD   1 
ATOM   594  N NE   . ARG A 1 71  ? -3.122  2.689   8.029   1.00 20.07 ? 113 ARG A NE   1 
ATOM   595  C CZ   . ARG A 1 71  ? -3.418  3.902   7.587   1.00 23.04 ? 113 ARG A CZ   1 
ATOM   596  N NH1  . ARG A 1 71  ? -4.191  4.079   6.523   1.00 21.78 ? 113 ARG A NH1  1 
ATOM   597  N NH2  . ARG A 1 71  ? -2.878  4.961   8.189   1.00 23.93 ? 113 ARG A NH2  1 
ATOM   598  N N    . LEU A 1 72  ? -5.115  -3.930  8.114   1.00 25.06 ? 114 LEU A N    1 
ATOM   599  C CA   . LEU A 1 72  ? -6.085  -5.014  7.976   1.00 24.74 ? 114 LEU A CA   1 
ATOM   600  C C    . LEU A 1 72  ? -6.048  -5.946  9.186   1.00 26.35 ? 114 LEU A C    1 
ATOM   601  O O    . LEU A 1 72  ? -7.098  -6.335  9.711   1.00 27.83 ? 114 LEU A O    1 
ATOM   602  C CB   . LEU A 1 72  ? -5.789  -5.777  6.687   1.00 26.19 ? 114 LEU A CB   1 
ATOM   603  C CG   . LEU A 1 72  ? -6.260  -5.092  5.401   1.00 21.83 ? 114 LEU A CG   1 
ATOM   604  C CD1  . LEU A 1 72  ? -5.542  -5.707  4.190   1.00 23.94 ? 114 LEU A CD1  1 
ATOM   605  C CD2  . LEU A 1 72  ? -7.763  -5.206  5.218   1.00 27.48 ? 114 LEU A CD2  1 
ATOM   606  N N    . GLU A 1 73  ? -4.849  -6.300  9.661   1.00 28.20 ? 115 GLU A N    1 
ATOM   607  C CA   . GLU A 1 73  ? -4.747  -7.153  10.846  1.00 30.14 ? 115 GLU A CA   1 
ATOM   608  C C    . GLU A 1 73  ? -5.283  -6.486  12.107  1.00 35.28 ? 115 GLU A C    1 
ATOM   609  O O    . GLU A 1 73  ? -5.696  -7.192  13.035  1.00 36.97 ? 115 GLU A O    1 
ATOM   610  C CB   . GLU A 1 73  ? -3.306  -7.649  11.053  1.00 34.97 ? 115 GLU A CB   1 
ATOM   611  C CG   . GLU A 1 73  ? -2.850  -8.685  10.017  1.00 33.93 ? 115 GLU A CG   1 
ATOM   612  C CD   . GLU A 1 73  ? -1.338  -8.817  9.922   1.00 35.10 ? 115 GLU A CD   1 
ATOM   613  O OE1  . GLU A 1 73  ? -0.625  -7.999  10.540  1.00 41.24 ? 115 GLU A OE1  1 
ATOM   614  O OE2  . GLU A 1 73  ? -0.866  -9.741  9.226   1.00 45.28 ? 115 GLU A OE2  1 
ATOM   615  N N    . ASN A 1 74  ? -5.302  -5.156  12.168  1.00 27.52 ? 116 ASN A N    1 
ATOM   616  C CA   . ASN A 1 74  ? -5.858  -4.445  13.314  1.00 28.37 ? 116 ASN A CA   1 
ATOM   617  C C    . ASN A 1 74  ? -7.296  -3.981  13.090  1.00 30.23 ? 116 ASN A C    1 
ATOM   618  O O    . ASN A 1 74  ? -7.795  -3.164  13.863  1.00 28.44 ? 116 ASN A O    1 
ATOM   619  C CB   . ASN A 1 74  ? -4.978  -3.248  13.679  1.00 30.00 ? 116 ASN A CB   1 
ATOM   620  C CG   . ASN A 1 74  ? -3.641  -3.660  14.278  1.00 39.07 ? 116 ASN A CG   1 
ATOM   621  O OD1  . ASN A 1 74  ? -3.439  -4.817  14.656  1.00 44.04 ? 116 ASN A OD1  1 
ATOM   622  N ND2  . ASN A 1 74  ? -2.717  -2.705  14.367  1.00 36.30 ? 116 ASN A ND2  1 
ATOM   623  N N    . ASN A 1 75  ? -7.963  -4.457  12.044  1.00 27.68 ? 117 ASN A N    1 
ATOM   624  C CA   . ASN A 1 75  ? -9.321  -4.015  11.722  1.00 24.96 ? 117 ASN A CA   1 
ATOM   625  C C    . ASN A 1 75  ? -9.430  -2.492  11.628  1.00 30.00 ? 117 ASN A C    1 
ATOM   626  O O    . ASN A 1 75  ? -10.463 -1.895  11.955  1.00 26.51 ? 117 ASN A O    1 
ATOM   627  C CB   . ASN A 1 75  ? -10.356 -4.586  12.698  1.00 33.64 ? 117 ASN A CB   1 
ATOM   628  C CG   . ASN A 1 75  ? -10.465 -6.101  12.623  1.00 35.60 ? 117 ASN A CG   1 
ATOM   629  O OD1  . ASN A 1 75  ? -10.358 -6.693  11.550  1.00 36.00 ? 117 ASN A OD1  1 
ATOM   630  N ND2  . ASN A 1 75  ? -10.706 -6.732  13.765  1.00 46.91 ? 117 ASN A ND2  1 
ATOM   631  N N    . TYR A 1 76  ? -8.360  -1.856  11.144  1.00 27.24 ? 118 TYR A N    1 
ATOM   632  C CA   . TYR A 1 76  ? -8.295  -0.399  11.115  1.00 26.60 ? 118 TYR A CA   1 
ATOM   633  C C    . TYR A 1 76  ? -9.318  0.180   10.140  1.00 25.48 ? 118 TYR A C    1 
ATOM   634  O O    . TYR A 1 76  ? -9.747  1.332   10.295  1.00 25.24 ? 118 TYR A O    1 
ATOM   635  C CB   . TYR A 1 76  ? -6.868  -0.016  10.702  1.00 22.49 ? 118 TYR A CB   1 
ATOM   636  C CG   . TYR A 1 76  ? -6.480  1.441   10.758  1.00 22.99 ? 118 TYR A CG   1 
ATOM   637  C CD1  . TYR A 1 76  ? -5.970  1.987   11.936  1.00 18.80 ? 118 TYR A CD1  1 
ATOM   638  C CD2  . TYR A 1 76  ? -6.614  2.270   9.638   1.00 22.10 ? 118 TYR A CD2  1 
ATOM   639  C CE1  . TYR A 1 76  ? -5.601  3.294   12.004  1.00 24.16 ? 118 TYR A CE1  1 
ATOM   640  C CE2  . TYR A 1 76  ? -6.241  3.597   9.700   1.00 23.15 ? 118 TYR A CE2  1 
ATOM   641  C CZ   . TYR A 1 76  ? -5.733  4.102   10.884  1.00 25.46 ? 118 TYR A CZ   1 
ATOM   642  O OH   . TYR A 1 76  ? -5.344  5.423   10.980  1.00 30.46 ? 118 TYR A OH   1 
ATOM   643  N N    . TYR A 1 77  ? -9.732  -0.595  9.143   1.00 23.73 ? 119 TYR A N    1 
ATOM   644  C CA   . TYR A 1 77  ? -10.627 -0.091  8.111   1.00 24.07 ? 119 TYR A CA   1 
ATOM   645  C C    . TYR A 1 77  ? -12.075 -0.423  8.434   1.00 25.77 ? 119 TYR A C    1 
ATOM   646  O O    . TYR A 1 77  ? -12.379 -1.494  8.967   1.00 31.64 ? 119 TYR A O    1 
ATOM   647  C CB   . TYR A 1 77  ? -10.297 -0.687  6.747   1.00 23.47 ? 119 TYR A CB   1 
ATOM   648  C CG   . TYR A 1 77  ? -8.886  -0.447  6.261   1.00 21.25 ? 119 TYR A CG   1 
ATOM   649  C CD1  . TYR A 1 77  ? -8.462  0.828   5.930   1.00 18.43 ? 119 TYR A CD1  1 
ATOM   650  C CD2  . TYR A 1 77  ? -7.999  -1.504  6.083   1.00 22.09 ? 119 TYR A CD2  1 
ATOM   651  C CE1  . TYR A 1 77  ? -7.183  1.063   5.455   1.00 20.69 ? 119 TYR A CE1  1 
ATOM   652  C CE2  . TYR A 1 77  ? -6.730  -1.284  5.613   1.00 21.96 ? 119 TYR A CE2  1 
ATOM   653  C CZ   . TYR A 1 77  ? -6.318  -0.004  5.304   1.00 20.48 ? 119 TYR A CZ   1 
ATOM   654  O OH   . TYR A 1 77  ? -5.049  0.182   4.817   1.00 22.86 ? 119 TYR A OH   1 
ATOM   655  N N    . TRP A 1 78  ? -12.965 0.513   8.117   1.00 21.02 ? 120 TRP A N    1 
ATOM   656  C CA   . TRP A 1 78  ? -14.390 0.262   8.292   1.00 22.34 ? 120 TRP A CA   1 
ATOM   657  C C    . TRP A 1 78  ? -14.974 -0.445  7.090   1.00 24.10 ? 120 TRP A C    1 
ATOM   658  O O    . TRP A 1 78  ? -15.912 -1.248  7.223   1.00 22.27 ? 120 TRP A O    1 
ATOM   659  C CB   . TRP A 1 78  ? -15.126 1.587   8.467   1.00 23.85 ? 120 TRP A CB   1 
ATOM   660  C CG   . TRP A 1 78  ? -16.595 1.414   8.639   1.00 19.93 ? 120 TRP A CG   1 
ATOM   661  C CD1  . TRP A 1 78  ? -17.562 1.654   7.717   1.00 23.83 ? 120 TRP A CD1  1 
ATOM   662  C CD2  . TRP A 1 78  ? -17.274 1.016   9.841   1.00 21.57 ? 120 TRP A CD2  1 
ATOM   663  N NE1  . TRP A 1 78  ? -18.801 1.395   8.253   1.00 24.67 ? 120 TRP A NE1  1 
ATOM   664  C CE2  . TRP A 1 78  ? -18.649 1.010   9.559   1.00 21.37 ? 120 TRP A CE2  1 
ATOM   665  C CE3  . TRP A 1 78  ? -16.843 0.654   11.120  1.00 21.37 ? 120 TRP A CE3  1 
ATOM   666  C CZ2  . TRP A 1 78  ? -19.606 0.659   10.519  1.00 22.20 ? 120 TRP A CZ2  1 
ATOM   667  C CZ3  . TRP A 1 78  ? -17.784 0.310   12.066  1.00 21.47 ? 120 TRP A CZ3  1 
ATOM   668  C CH2  . TRP A 1 78  ? -19.149 0.306   11.756  1.00 22.02 ? 120 TRP A CH2  1 
ATOM   669  N N    . ASN A 1 79  ? -14.419 -0.191  5.909   1.00 22.03 ? 121 ASN A N    1 
ATOM   670  C CA   . ASN A 1 79  ? -14.947 -0.831  4.722   1.00 21.16 ? 121 ASN A CA   1 
ATOM   671  C C    . ASN A 1 79  ? -13.803 -1.058  3.738   1.00 19.04 ? 121 ASN A C    1 
ATOM   672  O O    . ASN A 1 79  ? -12.671 -0.580  3.921   1.00 19.75 ? 121 ASN A O    1 
ATOM   673  C CB   . ASN A 1 79  ? -16.129 -0.053  4.125   1.00 20.87 ? 121 ASN A CB   1 
ATOM   674  C CG   . ASN A 1 79  ? -15.758 1.348   3.709   1.00 26.41 ? 121 ASN A CG   1 
ATOM   675  O OD1  . ASN A 1 79  ? -14.621 1.611   3.315   1.00 24.13 ? 121 ASN A OD1  1 
ATOM   676  N ND2  . ASN A 1 79  ? -16.721 2.249   3.746   1.00 23.75 ? 121 ASN A ND2  1 
ATOM   677  N N    . ALA A 1 80  ? -14.116 -1.835  2.707   1.00 20.81 ? 122 ALA A N    1 
ATOM   678  C CA   . ALA A 1 80  ? -13.113 -2.181  1.708   1.00 19.74 ? 122 ALA A CA   1 
ATOM   679  C C    . ALA A 1 80  ? -12.641 -0.959  0.936   1.00 22.51 ? 122 ALA A C    1 
ATOM   680  O O    . ALA A 1 80  ? -11.481 -0.904  0.516   1.00 21.72 ? 122 ALA A O    1 
ATOM   681  C CB   . ALA A 1 80  ? -13.683 -3.230  0.765   1.00 24.18 ? 122 ALA A CB   1 
ATOM   682  N N    . GLN A 1 81  ? -13.509 0.034   0.754   1.00 21.72 ? 123 GLN A N    1 
ATOM   683  C CA   . GLN A 1 81  ? -13.122 1.232   0.017   1.00 21.46 ? 123 GLN A CA   1 
ATOM   684  C C    . GLN A 1 81  ? -11.971 1.957   0.703   1.00 22.51 ? 123 GLN A C    1 
ATOM   685  O O    . GLN A 1 81  ? -11.055 2.458   0.040   1.00 21.61 ? 123 GLN A O    1 
ATOM   686  C CB   . GLN A 1 81  ? -14.329 2.159   -0.118  1.00 26.39 ? 123 GLN A CB   1 
ATOM   687  C CG   . GLN A 1 81  ? -14.070 3.417   -0.929  1.00 35.06 ? 123 GLN A CG   1 
ATOM   688  N N    . GLU A 1 82  ? -12.008 2.034   2.031   1.00 21.36 ? 124 GLU A N    1 
ATOM   689  C CA   . GLU A 1 82  ? -10.900 2.658   2.746   1.00 20.49 ? 124 GLU A CA   1 
ATOM   690  C C    . GLU A 1 82  ? -9.592  1.943   2.450   1.00 22.15 ? 124 GLU A C    1 
ATOM   691  O O    . GLU A 1 82  ? -8.539  2.565   2.309   1.00 21.05 ? 124 GLU A O    1 
ATOM   692  C CB   . GLU A 1 82  ? -11.191 2.662   4.252   1.00 22.65 ? 124 GLU A CB   1 
ATOM   693  C CG   . GLU A 1 82  ? -12.371 3.526   4.667   1.00 25.83 ? 124 GLU A CG   1 
ATOM   694  C CD   . GLU A 1 82  ? -12.435 3.744   6.169   1.00 28.40 ? 124 GLU A CD   1 
ATOM   695  O OE1  . GLU A 1 82  ? -11.964 2.853   6.914   1.00 25.25 ? 124 GLU A OE1  1 
ATOM   696  O OE2  . GLU A 1 82  ? -12.987 4.785   6.603   1.00 27.57 ? 124 GLU A OE2  1 
ATOM   697  N N    . CYS A 1 83  ? -9.625  0.629   2.428   1.00 19.38 ? 125 CYS A N    1 
ATOM   698  C CA   . CYS A 1 83  ? -8.410  -0.135  2.156   1.00 21.72 ? 125 CYS A CA   1 
ATOM   699  C C    . CYS A 1 83  ? -7.926  -0.034  0.716   1.00 20.93 ? 125 CYS A C    1 
ATOM   700  O O    . CYS A 1 83  ? -6.722  0.169   0.476   1.00 20.06 ? 125 CYS A O    1 
ATOM   701  C CB   . CYS A 1 83  ? -8.582  -1.554  2.649   1.00 21.98 ? 125 CYS A CB   1 
ATOM   702  S SG   . CYS A 1 83  ? -7.289  -2.766  2.114   1.00 24.06 ? 125 CYS A SG   1 
ATOM   703  N N    . ILE A 1 84  ? -8.853  -0.112  -0.230  1.00 19.54 ? 126 ILE A N    1 
ATOM   704  C CA   . ILE A 1 84  ? -8.549  0.122   -1.630  1.00 16.70 ? 126 ILE A CA   1 
ATOM   705  C C    . ILE A 1 84  ? -7.942  1.511   -1.824  1.00 20.12 ? 126 ILE A C    1 
ATOM   706  O O    . ILE A 1 84  ? -7.018  1.692   -2.628  1.00 19.69 ? 126 ILE A O    1 
ATOM   707  C CB   . ILE A 1 84  ? -9.836  -0.086  -2.444  1.00 19.05 ? 126 ILE A CB   1 
ATOM   708  C CG1  . ILE A 1 84  ? -10.125 -1.584  -2.584  1.00 22.25 ? 126 ILE A CG1  1 
ATOM   709  C CG2  . ILE A 1 84  ? -9.733  0.567   -3.839  1.00 21.62 ? 126 ILE A CG2  1 
ATOM   710  C CD1  . ILE A 1 84  ? -11.582 -1.946  -2.851  1.00 23.07 ? 126 ILE A CD1  1 
ATOM   711  N N    . GLN A 1 85  ? -8.446  2.517   -1.100  1.00 20.84 ? 127 GLN A N    1 
ATOM   712  C CA   . GLN A 1 85  ? -7.868  3.859   -1.192  1.00 19.96 ? 127 GLN A CA   1 
ATOM   713  C C    . GLN A 1 85  ? -6.395  3.865   -0.809  1.00 19.46 ? 127 GLN A C    1 
ATOM   714  O O    . GLN A 1 85  ? -5.585  4.536   -1.459  1.00 21.42 ? 127 GLN A O    1 
ATOM   715  C CB   . GLN A 1 85  ? -8.658  4.853   -0.339  1.00 22.63 ? 127 GLN A CB   1 
ATOM   716  C CG   . GLN A 1 85  ? -8.187  6.296   -0.505  1.00 33.17 ? 127 GLN A CG   1 
ATOM   717  C CD   . GLN A 1 85  ? -7.952  6.679   -1.960  1.00 46.02 ? 127 GLN A CD   1 
ATOM   718  O OE1  . GLN A 1 85  ? -6.892  7.204   -2.314  1.00 46.22 ? 127 GLN A OE1  1 
ATOM   719  N NE2  . GLN A 1 85  ? -8.942  6.423   -2.812  1.00 52.60 ? 127 GLN A NE2  1 
ATOM   720  N N    . ASP A 1 86  ? -6.021  3.092   0.213   1.00 18.66 ? 128 ASP A N    1 
ATOM   721  C CA   . ASP A 1 86  ? -4.618  3.009   0.611   1.00 19.03 ? 128 ASP A CA   1 
ATOM   722  C C    . ASP A 1 86  ? -3.764  2.372   -0.475  1.00 18.94 ? 128 ASP A C    1 
ATOM   723  O O    . ASP A 1 86  ? -2.649  2.841   -0.737  1.00 19.82 ? 128 ASP A O    1 
ATOM   724  C CB   . ASP A 1 86  ? -4.501  2.236   1.928   1.00 17.82 ? 128 ASP A CB   1 
ATOM   725  C CG   . ASP A 1 86  ? -4.740  3.106   3.142   1.00 22.56 ? 128 ASP A CG   1 
ATOM   726  O OD1  . ASP A 1 86  ? -4.957  4.324   2.982   1.00 22.48 ? 128 ASP A OD1  1 
ATOM   727  O OD2  . ASP A 1 86  ? -4.805  2.535   4.257   1.00 21.92 ? 128 ASP A OD2  1 
ATOM   728  N N    . PHE A 1 87  ? -4.263  1.305   -1.113  1.00 18.33 ? 129 PHE A N    1 
ATOM   729  C CA   . PHE A 1 87  ? -3.540  0.714   -2.232  1.00 17.59 ? 129 PHE A CA   1 
ATOM   730  C C    . PHE A 1 87  ? -3.340  1.740   -3.335  1.00 19.19 ? 129 PHE A C    1 
ATOM   731  O O    . PHE A 1 87  ? -2.235  1.868   -3.883  1.00 19.36 ? 129 PHE A O    1 
ATOM   732  C CB   . PHE A 1 87  ? -4.321  -0.475  -2.784  1.00 17.78 ? 129 PHE A CB   1 
ATOM   733  C CG   . PHE A 1 87  ? -4.005  -1.775  -2.110  1.00 20.23 ? 129 PHE A CG   1 
ATOM   734  C CD1  . PHE A 1 87  ? -2.854  -2.483  -2.423  1.00 23.78 ? 129 PHE A CD1  1 
ATOM   735  C CD2  . PHE A 1 87  ? -4.858  -2.284  -1.140  1.00 19.47 ? 129 PHE A CD2  1 
ATOM   736  C CE1  . PHE A 1 87  ? -2.570  -3.681  -1.786  1.00 21.68 ? 129 PHE A CE1  1 
ATOM   737  C CE2  . PHE A 1 87  ? -4.576  -3.478  -0.517  1.00 23.07 ? 129 PHE A CE2  1 
ATOM   738  C CZ   . PHE A 1 87  ? -3.439  -4.183  -0.856  1.00 25.09 ? 129 PHE A CZ   1 
ATOM   739  N N    . ASN A 1 88  ? -4.397  2.485   -3.666  1.00 19.58 ? 130 ASN A N    1 
ATOM   740  C CA   . ASN A 1 88  ? -4.289  3.477   -4.736  1.00 22.99 ? 130 ASN A CA   1 
ATOM   741  C C    . ASN A 1 88  ? -3.342  4.613   -4.366  1.00 20.86 ? 130 ASN A C    1 
ATOM   742  O O    . ASN A 1 88  ? -2.611  5.120   -5.227  1.00 23.40 ? 130 ASN A O    1 
ATOM   743  C CB   . ASN A 1 88  ? -5.665  3.969   -5.181  1.00 22.75 ? 130 ASN A CB   1 
ATOM   744  C CG   . ASN A 1 88  ? -6.389  2.935   -6.051  1.00 25.29 ? 130 ASN A CG   1 
ATOM   745  O OD1  . ASN A 1 88  ? -5.745  2.217   -6.815  1.00 33.40 ? 130 ASN A OD1  1 
ATOM   746  N ND2  . ASN A 1 88  ? -7.709  2.844   -5.922  1.00 30.53 ? 130 ASN A ND2  1 
ATOM   747  N N    . THR A 1 89  ? -3.318  5.009   -3.093  1.00 19.88 ? 131 THR A N    1 
ATOM   748  C CA   . THR A 1 89  ? -2.351  6.005   -2.642  1.00 19.04 ? 131 THR A CA   1 
ATOM   749  C C    . THR A 1 89  ? -0.926  5.495   -2.825  1.00 18.55 ? 131 THR A C    1 
ATOM   750  O O    . THR A 1 89  ? -0.035  6.231   -3.274  1.00 20.35 ? 131 THR A O    1 
ATOM   751  C CB   . THR A 1 89  ? -2.623  6.320   -1.172  1.00 19.75 ? 131 THR A CB   1 
ATOM   752  O OG1  . THR A 1 89  ? -3.853  7.049   -1.057  1.00 23.50 ? 131 THR A OG1  1 
ATOM   753  C CG2  . THR A 1 89  ? -1.505  7.160   -0.591  1.00 20.32 ? 131 THR A CG2  1 
ATOM   754  N N    . MET A 1 90  ? -0.698  4.227   -2.488  1.00 20.10 ? 132 MET A N    1 
ATOM   755  C CA   . MET A 1 90  ? 0.612   3.614   -2.661  1.00 19.41 ? 132 MET A CA   1 
ATOM   756  C C    . MET A 1 90  ? 1.076   3.657   -4.112  1.00 18.31 ? 132 MET A C    1 
ATOM   757  O O    . MET A 1 90  ? 2.222   4.033   -4.405  1.00 20.13 ? 132 MET A O    1 
ATOM   758  C CB   . MET A 1 90  ? 0.584   2.184   -2.116  1.00 17.82 ? 132 MET A CB   1 
ATOM   759  C CG   . MET A 1 90  ? 1.925   1.473   -2.246  1.00 19.77 ? 132 MET A CG   1 
ATOM   760  S SD   . MET A 1 90  ? 1.802   -0.280  -1.866  1.00 20.02 ? 132 MET A SD   1 
ATOM   761  C CE   . MET A 1 90  ? 0.777   -0.882  -3.212  1.00 23.88 ? 132 MET A CE   1 
ATOM   762  N N    . PHE A 1 91  ? 0.209   3.261   -5.036  1.00 18.91 ? 133 PHE A N    1 
ATOM   763  C CA   . PHE A 1 91  ? 0.617   3.287   -6.442  1.00 16.46 ? 133 PHE A CA   1 
ATOM   764  C C    . PHE A 1 91  ? 0.821   4.717   -6.912  1.00 18.78 ? 133 PHE A C    1 
ATOM   765  O O    . PHE A 1 91  ? 1.820   5.029   -7.589  1.00 20.15 ? 133 PHE A O    1 
ATOM   766  C CB   . PHE A 1 91  ? -0.446  2.594   -7.299  1.00 18.94 ? 133 PHE A CB   1 
ATOM   767  C CG   . PHE A 1 91  ? -0.590  1.122   -7.013  1.00 18.17 ? 133 PHE A CG   1 
ATOM   768  C CD1  . PHE A 1 91  ? 0.513   0.289   -7.041  1.00 23.80 ? 133 PHE A CD1  1 
ATOM   769  C CD2  . PHE A 1 91  ? -1.825  0.583   -6.702  1.00 22.07 ? 133 PHE A CD2  1 
ATOM   770  C CE1  . PHE A 1 91  ? 0.381   -1.062  -6.770  1.00 24.48 ? 133 PHE A CE1  1 
ATOM   771  C CE2  . PHE A 1 91  ? -1.959  -0.773  -6.421  1.00 23.16 ? 133 PHE A CE2  1 
ATOM   772  C CZ   . PHE A 1 91  ? -0.850  -1.582  -6.439  1.00 20.70 ? 133 PHE A CZ   1 
ATOM   773  N N    . THR A 1 92  ? -0.133  5.594   -6.580  1.00 19.91 ? 134 THR A N    1 
ATOM   774  C CA   . THR A 1 92  ? -0.070  6.974   -7.038  1.00 21.91 ? 134 THR A CA   1 
ATOM   775  C C    . THR A 1 92  ? 1.174   7.676   -6.504  1.00 23.02 ? 134 THR A C    1 
ATOM   776  O O    . THR A 1 92  ? 1.798   8.463   -7.223  1.00 23.17 ? 134 THR A O    1 
ATOM   777  C CB   . THR A 1 92  ? -1.345  7.725   -6.647  1.00 28.35 ? 134 THR A CB   1 
ATOM   778  O OG1  . THR A 1 92  ? -2.472  7.194   -7.372  1.00 31.05 ? 134 THR A OG1  1 
ATOM   779  C CG2  . THR A 1 92  ? -1.210  9.181   -7.012  1.00 36.23 ? 134 THR A CG2  1 
ATOM   780  N N    . ASN A 1 93  ? 1.557   7.411   -5.243  1.00 19.66 ? 135 ASN A N    1 
ATOM   781  C CA   . ASN A 1 93  ? 2.786   8.016   -4.733  1.00 20.23 ? 135 ASN A CA   1 
ATOM   782  C C    . ASN A 1 93  ? 3.974   7.655   -5.602  1.00 21.11 ? 135 ASN A C    1 
ATOM   783  O O    . ASN A 1 93  ? 4.842   8.496   -5.858  1.00 19.33 ? 135 ASN A O    1 
ATOM   784  C CB   . ASN A 1 93  ? 3.093   7.574   -3.307  1.00 19.01 ? 135 ASN A CB   1 
ATOM   785  C CG   . ASN A 1 93  ? 2.168   8.173   -2.310  1.00 19.63 ? 135 ASN A CG   1 
ATOM   786  O OD1  . ASN A 1 93  ? 1.476   9.158   -2.596  1.00 21.12 ? 135 ASN A OD1  1 
ATOM   787  N ND2  . ASN A 1 93  ? 2.176   7.621   -1.099  1.00 19.39 ? 135 ASN A ND2  1 
ATOM   788  N N    . CYS A 1 94  ? 4.045   6.389   -6.019  1.00 21.02 ? 136 CYS A N    1 
ATOM   789  C CA   . CYS A 1 94  ? 5.148   5.931   -6.859  1.00 18.28 ? 136 CYS A CA   1 
ATOM   790  C C    . CYS A 1 94  ? 5.152   6.654   -8.195  1.00 21.93 ? 136 CYS A C    1 
ATOM   791  O O    . CYS A 1 94  ? 6.204   7.096   -8.672  1.00 20.15 ? 136 CYS A O    1 
ATOM   792  C CB   . CYS A 1 94  ? 5.014   4.426   -7.047  1.00 20.45 ? 136 CYS A CB   1 
ATOM   793  S SG   . CYS A 1 94  ? 6.412   3.659   -7.852  1.00 21.74 ? 136 CYS A SG   1 
ATOM   794  N N    . TYR A 1 95  ? 3.976   6.803   -8.809  1.00 21.36 ? 137 TYR A N    1 
ATOM   795  C CA   . TYR A 1 95  ? 3.916   7.471   -10.110 1.00 20.11 ? 137 TYR A CA   1 
ATOM   796  C C    . TYR A 1 95  ? 4.208   8.958   -9.993  1.00 21.84 ? 137 TYR A C    1 
ATOM   797  O O    . TYR A 1 95  ? 4.744   9.556   -10.934 1.00 23.79 ? 137 TYR A O    1 
ATOM   798  C CB   . TYR A 1 95  ? 2.558   7.238   -10.764 1.00 19.85 ? 137 TYR A CB   1 
ATOM   799  C CG   . TYR A 1 95  ? 2.161   5.781   -10.841 1.00 21.60 ? 137 TYR A CG   1 
ATOM   800  C CD1  . TYR A 1 95  ? 3.102   4.795   -11.106 1.00 21.12 ? 137 TYR A CD1  1 
ATOM   801  C CD2  . TYR A 1 95  ? 0.830   5.393   -10.701 1.00 21.71 ? 137 TYR A CD2  1 
ATOM   802  C CE1  . TYR A 1 95  ? 2.731   3.448   -11.195 1.00 22.30 ? 137 TYR A CE1  1 
ATOM   803  C CE2  . TYR A 1 95  ? 0.454   4.057   -10.802 1.00 22.65 ? 137 TYR A CE2  1 
ATOM   804  C CZ   . TYR A 1 95  ? 1.402   3.091   -11.034 1.00 20.12 ? 137 TYR A CZ   1 
ATOM   805  O OH   . TYR A 1 95  ? 1.034   1.774   -11.134 1.00 26.19 ? 137 TYR A OH   1 
ATOM   806  N N    . ILE A 1 96  ? 3.871   9.564   -8.858  1.00 21.95 ? 138 ILE A N    1 
ATOM   807  C CA   . ILE A 1 96  ? 4.166   10.975  -8.633  1.00 20.15 ? 138 ILE A CA   1 
ATOM   808  C C    . ILE A 1 96  ? 5.672   11.194  -8.514  1.00 23.14 ? 138 ILE A C    1 
ATOM   809  O O    . ILE A 1 96  ? 6.254   12.037  -9.209  1.00 24.48 ? 138 ILE A O    1 
ATOM   810  C CB   . ILE A 1 96  ? 3.426   11.486  -7.380  1.00 23.00 ? 138 ILE A CB   1 
ATOM   811  C CG1  . ILE A 1 96  ? 1.934   11.692  -7.656  1.00 26.19 ? 138 ILE A CG1  1 
ATOM   812  C CG2  . ILE A 1 96  ? 4.032   12.795  -6.907  1.00 24.62 ? 138 ILE A CG2  1 
ATOM   813  C CD1  . ILE A 1 96  ? 1.093   11.811  -6.373  1.00 32.33 ? 138 ILE A CD1  1 
ATOM   814  N N    . TYR A 1 97  ? 6.333   10.424  -7.644  1.00 21.25 ? 139 TYR A N    1 
ATOM   815  C CA   . TYR A 1 97  ? 7.740   10.687  -7.356  1.00 19.24 ? 139 TYR A CA   1 
ATOM   816  C C    . TYR A 1 97  ? 8.653   10.268  -8.520  1.00 19.07 ? 139 TYR A C    1 
ATOM   817  O O    . TYR A 1 97  ? 9.695   10.893  -8.752  1.00 20.88 ? 139 TYR A O    1 
ATOM   818  C CB   . TYR A 1 97  ? 8.140   9.962   -6.061  1.00 21.78 ? 139 TYR A CB   1 
ATOM   819  C CG   . TYR A 1 97  ? 9.570   10.242  -5.663  1.00 20.90 ? 139 TYR A CG   1 
ATOM   820  C CD1  . TYR A 1 97  ? 9.914   11.440  -5.053  1.00 20.29 ? 139 TYR A CD1  1 
ATOM   821  C CD2  . TYR A 1 97  ? 10.585  9.350   -5.979  1.00 20.65 ? 139 TYR A CD2  1 
ATOM   822  C CE1  . TYR A 1 97  ? 11.259  11.715  -4.703  1.00 21.63 ? 139 TYR A CE1  1 
ATOM   823  C CE2  . TYR A 1 97  ? 11.912  9.614   -5.673  1.00 21.78 ? 139 TYR A CE2  1 
ATOM   824  C CZ   . TYR A 1 97  ? 12.245  10.788  -5.031  1.00 21.68 ? 139 TYR A CZ   1 
ATOM   825  O OH   . TYR A 1 97  ? 13.585  10.995  -4.751  1.00 24.79 ? 139 TYR A OH   1 
ATOM   826  N N    . ASN A 1 98  ? 8.291   9.216   -9.246  1.00 21.93 ? 140 ASN A N    1 
ATOM   827  C CA   . ASN A 1 98  ? 9.115   8.652   -10.311 1.00 22.08 ? 140 ASN A CA   1 
ATOM   828  C C    . ASN A 1 98  ? 8.545   9.064   -11.669 1.00 21.30 ? 140 ASN A C    1 
ATOM   829  O O    . ASN A 1 98  ? 7.618   9.881   -11.744 1.00 26.00 ? 140 ASN A O    1 
ATOM   830  C CB   . ASN A 1 98  ? 9.221   7.146   -10.077 1.00 23.26 ? 140 ASN A CB   1 
ATOM   831  C CG   . ASN A 1 98  ? 9.740   6.825   -8.682  1.00 19.19 ? 140 ASN A CG   1 
ATOM   832  O OD1  . ASN A 1 98  ? 8.960   6.429   -7.775  1.00 22.84 ? 140 ASN A OD1  1 
ATOM   833  N ND2  . ASN A 1 98  ? 11.027  6.948   -8.497  1.00 19.45 ? 140 ASN A ND2  1 
ATOM   834  N N    . LYS A 1 99  ? 9.101   8.513   -12.745 1.00 25.51 ? 141 LYS A N    1 
ATOM   835  C CA   . LYS A 1 99  ? 8.715   8.827   -14.112 1.00 26.17 ? 141 LYS A CA   1 
ATOM   836  C C    . LYS A 1 99  ? 8.439   7.562   -14.910 1.00 24.32 ? 141 LYS A C    1 
ATOM   837  O O    . LYS A 1 99  ? 8.979   6.488   -14.611 1.00 23.59 ? 141 LYS A O    1 
ATOM   838  C CB   . LYS A 1 99  ? 9.783   9.641   -14.859 1.00 24.17 ? 141 LYS A CB   1 
ATOM   839  C CG   . LYS A 1 99  ? 10.243  10.887  -14.153 1.00 32.51 ? 141 LYS A CG   1 
ATOM   840  C CD   . LYS A 1 99  ? 11.390  11.490  -14.927 1.00 32.20 ? 141 LYS A CD   1 
ATOM   841  N N    . PRO A 1 100 ? 7.609   7.670   -15.945 1.00 22.55 ? 142 PRO A N    1 
ATOM   842  C CA   . PRO A 1 100 ? 7.319   6.510   -16.794 1.00 22.44 ? 142 PRO A CA   1 
ATOM   843  C C    . PRO A 1 100 ? 8.613   5.877   -17.272 1.00 25.04 ? 142 PRO A C    1 
ATOM   844  O O    . PRO A 1 100 ? 9.566   6.563   -17.635 1.00 27.57 ? 142 PRO A O    1 
ATOM   845  C CB   . PRO A 1 100 ? 6.526   7.122   -17.954 1.00 30.59 ? 142 PRO A CB   1 
ATOM   846  C CG   . PRO A 1 100 ? 5.840   8.302   -17.333 1.00 26.97 ? 142 PRO A CG   1 
ATOM   847  C CD   . PRO A 1 100 ? 6.818   8.854   -16.322 1.00 24.97 ? 142 PRO A CD   1 
ATOM   848  N N    . GLY A 1 101 ? 8.655   4.552   -17.212 1.00 33.77 ? 143 GLY A N    1 
ATOM   849  C CA   . GLY A 1 101 ? 9.809   3.808   -17.639 1.00 32.95 ? 143 GLY A CA   1 
ATOM   850  C C    . GLY A 1 101 ? 10.787  3.463   -16.545 1.00 33.11 ? 143 GLY A C    1 
ATOM   851  O O    . GLY A 1 101 ? 11.595  2.546   -16.729 1.00 35.67 ? 143 GLY A O    1 
ATOM   852  N N    . ASP A 1 102 ? 10.764  4.181   -15.423 1.00 25.15 ? 144 ASP A N    1 
ATOM   853  C CA   . ASP A 1 102 ? 11.655  3.828   -14.330 1.00 25.24 ? 144 ASP A CA   1 
ATOM   854  C C    . ASP A 1 102 ? 11.323  2.410   -13.894 1.00 22.39 ? 144 ASP A C    1 
ATOM   855  O O    . ASP A 1 102 ? 10.164  1.990   -13.942 1.00 22.20 ? 144 ASP A O    1 
ATOM   856  C CB   . ASP A 1 102 ? 11.391  4.757   -13.152 1.00 23.34 ? 144 ASP A CB   1 
ATOM   857  C CG   . ASP A 1 102 ? 11.972  6.145   -13.341 1.00 28.30 ? 144 ASP A CG   1 
ATOM   858  O OD1  . ASP A 1 102 ? 11.627  7.039   -12.528 1.00 25.36 ? 144 ASP A OD1  1 
ATOM   859  O OD2  . ASP A 1 102 ? 12.785  6.352   -14.279 1.00 29.42 ? 144 ASP A OD2  1 
ATOM   860  N N    . ASP A 1 103 ? 12.337  1.671   -13.445 1.00 21.51 ? 145 ASP A N    1 
ATOM   861  C CA   . ASP A 1 103 ? 12.095  0.303   -12.984 1.00 23.02 ? 145 ASP A CA   1 
ATOM   862  C C    . ASP A 1 103 ? 10.998  0.239   -11.920 1.00 20.28 ? 145 ASP A C    1 
ATOM   863  O O    . ASP A 1 103 ? 10.129  -0.639  -11.962 1.00 21.83 ? 145 ASP A O    1 
ATOM   864  C CB   . ASP A 1 103 ? 13.379  -0.311  -12.428 1.00 22.39 ? 145 ASP A CB   1 
ATOM   865  C CG   . ASP A 1 103 ? 14.365  -0.695  -13.510 1.00 26.19 ? 145 ASP A CG   1 
ATOM   866  O OD1  . ASP A 1 103 ? 14.102  -0.400  -14.705 1.00 31.53 ? 145 ASP A OD1  1 
ATOM   867  O OD2  . ASP A 1 103 ? 15.406  -1.286  -13.148 1.00 29.13 ? 145 ASP A OD2  1 
ATOM   868  N N    . ILE A 1 104 ? 11.049  1.142   -10.931 1.00 20.93 ? 146 ILE A N    1 
ATOM   869  C CA   . ILE A 1 104 ? 10.078  1.098   -9.840  1.00 21.01 ? 146 ILE A CA   1 
ATOM   870  C C    . ILE A 1 104 ? 8.664   1.328   -10.367 1.00 21.12 ? 146 ILE A C    1 
ATOM   871  O O    . ILE A 1 104 ? 7.703   0.728   -9.872  1.00 23.37 ? 146 ILE A O    1 
ATOM   872  C CB   . ILE A 1 104 ? 10.484  2.069   -8.711  1.00 18.76 ? 146 ILE A CB   1 
ATOM   873  C CG1  . ILE A 1 104 ? 9.629   1.837   -7.465  1.00 21.69 ? 146 ILE A CG1  1 
ATOM   874  C CG2  . ILE A 1 104 ? 10.360  3.540   -9.147  1.00 20.22 ? 146 ILE A CG2  1 
ATOM   875  C CD1  . ILE A 1 104 ? 9.781   0.448   -6.886  1.00 21.99 ? 146 ILE A CD1  1 
ATOM   876  N N    . VAL A 1 105 ? 8.519   2.171   -11.395 1.00 21.53 ? 147 VAL A N    1 
ATOM   877  C CA   . VAL A 1 105 ? 7.204   2.420   -11.991 1.00 20.42 ? 147 VAL A CA   1 
ATOM   878  C C    . VAL A 1 105 ? 6.701   1.201   -12.760 1.00 20.43 ? 147 VAL A C    1 
ATOM   879  O O    . VAL A 1 105 ? 5.502   0.884   -12.735 1.00 21.91 ? 147 VAL A O    1 
ATOM   880  C CB   . VAL A 1 105 ? 7.272   3.675   -12.875 1.00 21.29 ? 147 VAL A CB   1 
ATOM   881  C CG1  . VAL A 1 105 ? 6.029   3.830   -13.695 1.00 22.52 ? 147 VAL A CG1  1 
ATOM   882  C CG2  . VAL A 1 105 ? 7.503   4.910   -12.010 1.00 23.78 ? 147 VAL A CG2  1 
ATOM   883  N N    . LEU A 1 106 ? 7.586   0.517   -13.494 1.00 20.83 ? 148 LEU A N    1 
ATOM   884  C CA   . LEU A 1 106 ? 7.155   -0.721  -14.135 1.00 20.76 ? 148 LEU A CA   1 
ATOM   885  C C    . LEU A 1 106 ? 6.702   -1.737  -13.105 1.00 21.26 ? 148 LEU A C    1 
ATOM   886  O O    . LEU A 1 106 ? 5.741   -2.477  -13.332 1.00 23.09 ? 148 LEU A O    1 
ATOM   887  C CB   . LEU A 1 106 ? 8.267   -1.313  -14.999 1.00 26.35 ? 148 LEU A CB   1 
ATOM   888  C CG   . LEU A 1 106 ? 8.946   -0.392  -15.995 1.00 32.96 ? 148 LEU A CG   1 
ATOM   889  C CD1  . LEU A 1 106 ? 10.156  -1.117  -16.550 1.00 27.20 ? 148 LEU A CD1  1 
ATOM   890  C CD2  . LEU A 1 106 ? 7.975   -0.001  -17.091 1.00 34.96 ? 148 LEU A CD2  1 
ATOM   891  N N    . MET A 1 107 ? 7.363   -1.765  -11.945 1.00 22.53 ? 149 MET A N    1 
ATOM   892  C CA   . MET A 1 107 ? 7.003   -2.740  -10.925 1.00 21.18 ? 149 MET A CA   1 
ATOM   893  C C    . MET A 1 107 ? 5.641   -2.404  -10.322 1.00 25.30 ? 149 MET A C    1 
ATOM   894  O O    . MET A 1 107 ? 4.795   -3.290  -10.138 1.00 23.75 ? 149 MET A O    1 
ATOM   895  C CB   . MET A 1 107 ? 8.070   -2.738  -9.825  1.00 21.89 ? 149 MET A CB   1 
ATOM   896  C CG   . MET A 1 107 ? 9.368   -3.436  -10.249 1.00 25.64 ? 149 MET A CG   1 
ATOM   897  S SD   . MET A 1 107 ? 10.750  -3.006  -9.180  1.00 23.44 ? 149 MET A SD   1 
ATOM   898  C CE   . MET A 1 107 ? 10.789  -4.500  -8.209  1.00 19.75 ? 149 MET A CE   1 
ATOM   899  N N    . ALA A 1 108 ? 5.417   -1.123  -10.018 1.00 21.13 ? 150 ALA A N    1 
ATOM   900  C CA   . ALA A 1 108 ? 4.130   -0.692  -9.485  1.00 21.32 ? 150 ALA A CA   1 
ATOM   901  C C    . ALA A 1 108 ? 3.020   -0.929  -10.497 1.00 20.20 ? 150 ALA A C    1 
ATOM   902  O O    . ALA A 1 108 ? 1.937   -1.398  -10.146 1.00 20.91 ? 150 ALA A O    1 
ATOM   903  C CB   . ALA A 1 108 ? 4.208   0.791   -9.109  1.00 21.25 ? 150 ALA A CB   1 
ATOM   904  N N    . GLU A 1 109 ? 3.300   -0.663  -11.775 1.00 22.33 ? 151 GLU A N    1 
ATOM   905  C CA   . GLU A 1 109 ? 2.303   -0.867  -12.814 1.00 23.28 ? 151 GLU A CA   1 
ATOM   906  C C    . GLU A 1 109 ? 1.853   -2.320  -12.859 1.00 23.52 ? 151 GLU A C    1 
ATOM   907  O O    . GLU A 1 109 ? 0.668   -2.602  -13.057 1.00 22.07 ? 151 GLU A O    1 
ATOM   908  C CB   . GLU A 1 109 ? 2.902   -0.482  -14.166 1.00 23.88 ? 151 GLU A CB   1 
ATOM   909  C CG   . GLU A 1 109 ? 2.747   0.979   -14.571 1.00 28.93 ? 151 GLU A CG   1 
ATOM   910  C CD   . GLU A 1 109 ? 3.785   1.423   -15.598 1.00 26.42 ? 151 GLU A CD   1 
ATOM   911  O OE1  . GLU A 1 109 ? 4.476   0.554   -16.172 1.00 30.92 ? 151 GLU A OE1  1 
ATOM   912  O OE2  . GLU A 1 109 ? 3.883   2.636   -15.871 1.00 29.86 ? 151 GLU A OE2  1 
ATOM   913  N N    . ALA A 1 110 ? 2.794   -3.257  -12.700 1.00 24.56 ? 152 ALA A N    1 
ATOM   914  C CA   . ALA A 1 110 ? 2.446   -4.674  -12.725 1.00 24.24 ? 152 ALA A CA   1 
ATOM   915  C C    . ALA A 1 110 ? 1.579   -5.048  -11.540 1.00 22.53 ? 152 ALA A C    1 
ATOM   916  O O    . ALA A 1 110 ? 0.600   -5.788  -11.688 1.00 26.80 ? 152 ALA A O    1 
ATOM   917  C CB   . ALA A 1 110 ? 3.707   -5.528  -12.714 1.00 26.22 ? 152 ALA A CB   1 
ATOM   918  N N    . LEU A 1 111 ? 1.948   -4.560  -10.352 1.00 22.92 ? 153 LEU A N    1 
ATOM   919  C CA   . LEU A 1 111 ? 1.181   -4.842  -9.141  1.00 25.66 ? 153 LEU A CA   1 
ATOM   920  C C    . LEU A 1 111 ? -0.196  -4.208  -9.200  1.00 23.90 ? 153 LEU A C    1 
ATOM   921  O O    . LEU A 1 111 ? -1.176  -4.796  -8.736  1.00 24.41 ? 153 LEU A O    1 
ATOM   922  C CB   . LEU A 1 111 ? 1.937   -4.301  -7.929  1.00 26.65 ? 153 LEU A CB   1 
ATOM   923  C CG   . LEU A 1 111 ? 3.114   -5.144  -7.439  1.00 30.73 ? 153 LEU A CG   1 
ATOM   924  C CD1  . LEU A 1 111 ? 3.894   -4.395  -6.368  1.00 30.62 ? 153 LEU A CD1  1 
ATOM   925  C CD2  . LEU A 1 111 ? 2.609   -6.468  -6.884  1.00 30.37 ? 153 LEU A CD2  1 
ATOM   926  N N    . GLU A 1 112 ? -0.283  -2.987  -9.724  1.00 22.18 ? 154 GLU A N    1 
ATOM   927  C CA   . GLU A 1 112 ? -1.578  -2.346  -9.867  1.00 20.95 ? 154 GLU A CA   1 
ATOM   928  C C    . GLU A 1 112 ? -2.488  -3.140  -10.788 1.00 23.26 ? 154 GLU A C    1 
ATOM   929  O O    . GLU A 1 112 ? -3.673  -3.322  -10.498 1.00 23.68 ? 154 GLU A O    1 
ATOM   930  C CB   . GLU A 1 112 ? -1.399  -0.917  -10.352 1.00 23.23 ? 154 GLU A CB   1 
ATOM   931  C CG   . GLU A 1 112 ? -2.666  -0.144  -10.326 1.00 22.52 ? 154 GLU A CG   1 
ATOM   932  C CD   . GLU A 1 112 ? -2.506  1.246   -10.883 1.00 28.48 ? 154 GLU A CD   1 
ATOM   933  O OE1  . GLU A 1 112 ? -1.523  1.497   -11.610 1.00 31.71 ? 154 GLU A OE1  1 
ATOM   934  O OE2  . GLU A 1 112 ? -3.421  2.062   -10.681 1.00 36.63 ? 154 GLU A OE2  1 
ATOM   935  N N    . LYS A 1 113 ? -1.958  -3.613  -11.909 1.00 23.64 ? 155 LYS A N    1 
ATOM   936  C CA   . LYS A 1 113 ? -2.788  -4.402  -12.810 1.00 23.97 ? 155 LYS A CA   1 
ATOM   937  C C    . LYS A 1 113 ? -3.355  -5.617  -12.093 1.00 23.75 ? 155 LYS A C    1 
ATOM   938  O O    . LYS A 1 113 ? -4.551  -5.920  -12.207 1.00 24.07 ? 155 LYS A O    1 
ATOM   939  C CB   . LYS A 1 113 ? -1.948  -4.840  -14.002 1.00 26.00 ? 155 LYS A CB   1 
ATOM   940  C CG   . LYS A 1 113 ? -1.943  -3.838  -15.132 1.00 39.31 ? 155 LYS A CG   1 
ATOM   941  C CD   . LYS A 1 113 ? -0.909  -4.206  -16.183 1.00 37.77 ? 155 LYS A CD   1 
ATOM   942  C CE   . LYS A 1 113 ? -0.665  -3.054  -17.141 1.00 45.51 ? 155 LYS A CE   1 
ATOM   943  N NZ   . LYS A 1 113 ? -0.657  -3.528  -18.558 1.00 46.28 ? 155 LYS A NZ   1 
ATOM   944  N N    . LEU A 1 114 ? -2.493  -6.357  -11.398 1.00 23.51 ? 156 LEU A N    1 
ATOM   945  C CA   . LEU A 1 114 ? -2.952  -7.514  -10.641 1.00 25.92 ? 156 LEU A CA   1 
ATOM   946  C C    . LEU A 1 114 ? -3.941  -7.100  -9.560  1.00 24.76 ? 156 LEU A C    1 
ATOM   947  O O    . LEU A 1 114 ? -4.965  -7.759  -9.361  1.00 25.95 ? 156 LEU A O    1 
ATOM   948  C CB   . LEU A 1 114 ? -1.757  -8.234  -10.023 1.00 25.38 ? 156 LEU A CB   1 
ATOM   949  C CG   . LEU A 1 114 ? -2.018  -9.518  -9.235  1.00 31.91 ? 156 LEU A CG   1 
ATOM   950  C CD1  . LEU A 1 114 ? -2.599  -10.612 -10.130 1.00 30.83 ? 156 LEU A CD1  1 
ATOM   951  C CD2  . LEU A 1 114 ? -0.744  -9.998  -8.562  1.00 34.83 ? 156 LEU A CD2  1 
ATOM   952  N N    . PHE A 1 115 ? -3.645  -6.016  -8.848  1.00 22.64 ? 157 PHE A N    1 
ATOM   953  C CA   . PHE A 1 115 ? -4.560  -5.539  -7.813  1.00 22.74 ? 157 PHE A CA   1 
ATOM   954  C C    . PHE A 1 115 ? -5.946  -5.273  -8.393  1.00 23.95 ? 157 PHE A C    1 
ATOM   955  O O    . PHE A 1 115 ? -6.962  -5.688  -7.822  1.00 25.10 ? 157 PHE A O    1 
ATOM   956  C CB   . PHE A 1 115 ? -3.973  -4.275  -7.192  1.00 21.33 ? 157 PHE A CB   1 
ATOM   957  C CG   . PHE A 1 115 ? -4.909  -3.543  -6.270  1.00 20.73 ? 157 PHE A CG   1 
ATOM   958  C CD1  . PHE A 1 115 ? -5.230  -4.055  -5.029  1.00 22.22 ? 157 PHE A CD1  1 
ATOM   959  C CD2  . PHE A 1 115 ? -5.481  -2.345  -6.668  1.00 20.94 ? 157 PHE A CD2  1 
ATOM   960  C CE1  . PHE A 1 115 ? -6.091  -3.366  -4.193  1.00 23.01 ? 157 PHE A CE1  1 
ATOM   961  C CE2  . PHE A 1 115 ? -6.344  -1.660  -5.846  1.00 26.93 ? 157 PHE A CE2  1 
ATOM   962  C CZ   . PHE A 1 115 ? -6.646  -2.165  -4.613  1.00 20.18 ? 157 PHE A CZ   1 
ATOM   963  N N    . LEU A 1 116 ? -6.012  -4.578  -9.532  1.00 27.44 ? 158 LEU A N    1 
ATOM   964  C CA   . LEU A 1 116 ? -7.305  -4.282  -10.140 1.00 25.43 ? 158 LEU A CA   1 
ATOM   965  C C    . LEU A 1 116 ? -8.012  -5.556  -10.580 1.00 25.28 ? 158 LEU A C    1 
ATOM   966  O O    . LEU A 1 116 ? -9.240  -5.662  -10.481 1.00 26.62 ? 158 LEU A O    1 
ATOM   967  C CB   . LEU A 1 116 ? -7.143  -3.298  -11.300 1.00 25.92 ? 158 LEU A CB   1 
ATOM   968  C CG   . LEU A 1 116 ? -6.678  -1.907  -10.849 1.00 29.42 ? 158 LEU A CG   1 
ATOM   969  C CD1  . LEU A 1 116 ? -6.231  -1.069  -12.044 1.00 34.01 ? 158 LEU A CD1  1 
ATOM   970  C CD2  . LEU A 1 116 ? -7.790  -1.208  -10.079 1.00 33.37 ? 158 LEU A CD2  1 
ATOM   971  N N    . GLN A 1 117 ? -7.256  -6.544  -11.061 1.00 24.76 ? 159 GLN A N    1 
ATOM   972  C CA   . GLN A 1 117 ? -7.875  -7.810  -11.435 1.00 29.90 ? 159 GLN A CA   1 
ATOM   973  C C    . GLN A 1 117 ? -8.476  -8.515  -10.219 1.00 27.69 ? 159 GLN A C    1 
ATOM   974  O O    . GLN A 1 117 ? -9.576  -9.070  -10.302 1.00 31.35 ? 159 GLN A O    1 
ATOM   975  C CB   . GLN A 1 117 ? -6.847  -8.677  -12.169 1.00 32.65 ? 159 GLN A CB   1 
ATOM   976  C CG   . GLN A 1 117 ? -7.281  -10.111 -12.441 1.00 38.28 ? 159 GLN A CG   1 
ATOM   977  C CD   . GLN A 1 117 ? -6.136  -10.955 -12.974 1.00 45.60 ? 159 GLN A CD   1 
ATOM   978  O OE1  . GLN A 1 117 ? -5.051  -10.441 -13.244 1.00 41.61 ? 159 GLN A OE1  1 
ATOM   979  N NE2  . GLN A 1 117 ? -6.374  -12.255 -13.134 1.00 49.93 ? 159 GLN A NE2  1 
ATOM   980  N N    . LYS A 1 118 ? -7.788  -8.475  -9.072  1.00 29.28 ? 160 LYS A N    1 
ATOM   981  C CA   . LYS A 1 118 ? -8.266  -9.185  -7.884  1.00 28.77 ? 160 LYS A CA   1 
ATOM   982  C C    . LYS A 1 118 ? -9.427  -8.472  -7.201  1.00 28.79 ? 160 LYS A C    1 
ATOM   983  O O    . LYS A 1 118 ? -10.267 -9.126  -6.563  1.00 29.30 ? 160 LYS A O    1 
ATOM   984  C CB   . LYS A 1 118 ? -7.107  -9.414  -6.910  1.00 32.57 ? 160 LYS A CB   1 
ATOM   985  C CG   . LYS A 1 118 ? -6.069  -10.471 -7.339  1.00 35.08 ? 160 LYS A CG   1 
ATOM   986  C CD   . LYS A 1 118 ? -6.687  -11.709 -7.998  1.00 42.83 ? 160 LYS A CD   1 
ATOM   987  C CE   . LYS A 1 118 ? -7.175  -11.471 -9.426  1.00 43.40 ? 160 LYS A CE   1 
ATOM   988  N NZ   . LYS A 1 118 ? -7.848  -12.667 -10.038 1.00 47.28 ? 160 LYS A NZ   1 
ATOM   989  N N    . ILE A 1 119 ? -9.500  -7.141  -7.306  1.00 25.13 ? 161 ILE A N    1 
ATOM   990  C CA   . ILE A 1 119 ? -10.616 -6.412  -6.693  1.00 25.50 ? 161 ILE A CA   1 
ATOM   991  C C    . ILE A 1 119 ? -11.795 -6.216  -7.639  1.00 24.31 ? 161 ILE A C    1 
ATOM   992  O O    . ILE A 1 119 ? -12.846 -5.718  -7.202  1.00 28.47 ? 161 ILE A O    1 
ATOM   993  C CB   . ILE A 1 119 ? -10.180 -5.100  -6.005  1.00 25.03 ? 161 ILE A CB   1 
ATOM   994  C CG1  . ILE A 1 119 ? -9.666  -4.071  -7.023  1.00 27.56 ? 161 ILE A CG1  1 
ATOM   995  C CG2  . ILE A 1 119 ? -9.192  -5.374  -4.888  1.00 26.87 ? 161 ILE A CG2  1 
ATOM   996  C CD1  . ILE A 1 119 ? -9.790  -2.608  -6.507  1.00 23.03 ? 161 ILE A CD1  1 
ATOM   997  N N    . ASN A 1 120 ? -11.662 -6.592  -8.915  1.00 29.00 ? 162 ASN A N    1 
ATOM   998  C CA   . ASN A 1 120 ? -12.788 -6.479  -9.834  1.00 27.59 ? 162 ASN A CA   1 
ATOM   999  C C    . ASN A 1 120 ? -14.031 -7.153  -9.253  1.00 32.90 ? 162 ASN A C    1 
ATOM   1000 O O    . ASN A 1 120 ? -15.148 -6.644  -9.391  1.00 35.55 ? 162 ASN A O    1 
ATOM   1001 C CB   . ASN A 1 120 ? -12.418 -7.087  -11.190 1.00 31.97 ? 162 ASN A CB   1 
ATOM   1002 C CG   . ASN A 1 120 ? -13.559 -7.031  -12.185 1.00 34.57 ? 162 ASN A CG   1 
ATOM   1003 O OD1  . ASN A 1 120 ? -13.966 -5.951  -12.608 1.00 40.68 ? 162 ASN A OD1  1 
ATOM   1004 N ND2  . ASN A 1 120 ? -14.095 -8.195  -12.550 1.00 36.48 ? 162 ASN A ND2  1 
ATOM   1005 N N    . GLU A 1 121 ? -13.847 -8.281  -8.565  1.00 30.22 ? 163 GLU A N    1 
ATOM   1006 C CA   . GLU A 1 121 ? -14.940 -8.999  -7.919  1.00 31.41 ? 163 GLU A CA   1 
ATOM   1007 C C    . GLU A 1 121 ? -14.587 -9.226  -6.453  1.00 29.13 ? 163 GLU A C    1 
ATOM   1008 O O    . GLU A 1 121 ? -13.585 -9.883  -6.146  1.00 31.17 ? 163 GLU A O    1 
ATOM   1009 C CB   . GLU A 1 121 ? -15.178 -10.343 -8.613  1.00 33.98 ? 163 GLU A CB   1 
ATOM   1010 C CG   . GLU A 1 121 ? -16.535 -10.945 -8.342  1.00 33.65 ? 163 GLU A CG   1 
ATOM   1011 C CD   . GLU A 1 121 ? -16.883 -12.035 -9.327  1.00 34.79 ? 163 GLU A CD   1 
ATOM   1012 O OE1  . GLU A 1 121 ? -15.987 -12.840 -9.667  1.00 35.38 ? 163 GLU A OE1  1 
ATOM   1013 O OE2  . GLU A 1 121 ? -18.049 -12.083 -9.761  1.00 41.37 ? 163 GLU A OE2  1 
ATOM   1014 N N    . LEU A 1 122 ? -15.404 -8.690  -5.552  1.00 31.01 ? 164 LEU A N    1 
ATOM   1015 C CA   . LEU A 1 122 ? -15.248 -8.914  -4.125  1.00 29.14 ? 164 LEU A CA   1 
ATOM   1016 C C    . LEU A 1 122 ? -16.425 -9.721  -3.598  1.00 28.93 ? 164 LEU A C    1 
ATOM   1017 O O    . LEU A 1 122 ? -17.465 -9.821  -4.257  1.00 31.66 ? 164 LEU A O    1 
ATOM   1018 C CB   . LEU A 1 122 ? -15.185 -7.576  -3.374  1.00 30.12 ? 164 LEU A CB   1 
ATOM   1019 C CG   . LEU A 1 122 ? -14.032 -6.646  -3.759  1.00 34.02 ? 164 LEU A CG   1 
ATOM   1020 C CD1  . LEU A 1 122 ? -14.114 -5.347  -2.980  1.00 33.08 ? 164 LEU A CD1  1 
ATOM   1021 C CD2  . LEU A 1 122 ? -12.707 -7.338  -3.466  1.00 31.03 ? 164 LEU A CD2  1 
ATOM   1022 N N    . PRO A 1 123 ? -16.292 -10.341 -2.416  1.00 25.89 ? 165 PRO A N    1 
ATOM   1023 C CA   . PRO A 1 123 ? -17.458 -11.022 -1.832  1.00 31.39 ? 165 PRO A CA   1 
ATOM   1024 C C    . PRO A 1 123 ? -18.434 -10.027 -1.208  1.00 35.59 ? 165 PRO A C    1 
ATOM   1025 O O    . PRO A 1 123 ? -18.455 -8.868  -1.632  1.00 35.09 ? 165 PRO A O    1 
ATOM   1026 C CB   . PRO A 1 123 ? -16.838 -11.895 -0.739  1.00 38.06 ? 165 PRO A CB   1 
ATOM   1027 C CG   . PRO A 1 123 ? -15.570 -11.179 -0.361  1.00 29.63 ? 165 PRO A CG   1 
ATOM   1028 C CD   . PRO A 1 123 ? -15.066 -10.537 -1.620  1.00 31.69 ? 165 PRO A CD   1 
HETATM 1029 C C10  . OWO B 2 .   ? 11.081  3.699   -4.579  1.00 19.26 ? 201 OWO A C10  1 
HETATM 1030 C C17  . OWO B 2 .   ? 9.852   1.932   -3.494  1.00 19.34 ? 201 OWO A C17  1 
HETATM 1031 C C20  . OWO B 2 .   ? 14.758  0.148   -7.787  1.00 26.96 ? 201 OWO A C20  1 
HETATM 1032 C C21  . OWO B 2 .   ? 13.528  -0.645  -8.173  1.00 26.46 ? 201 OWO A C21  1 
HETATM 1033 C C24  . OWO B 2 .   ? 17.935  1.664   -8.543  1.00 29.79 ? 201 OWO A C24  1 
HETATM 1034 C C01  . OWO B 2 .   ? 17.051  2.072   -5.605  1.00 26.42 ? 201 OWO A C01  1 
HETATM 1035 C C02  . OWO B 2 .   ? 16.294  1.320   -6.696  1.00 25.62 ? 201 OWO A C02  1 
HETATM 1036 C C03  . OWO B 2 .   ? 15.084  0.692   -6.548  1.00 24.71 ? 201 OWO A C03  1 
HETATM 1037 C C04  . OWO B 2 .   ? 14.229  0.648   -5.255  1.00 25.00 ? 201 OWO A C04  1 
HETATM 1038 C C05  . OWO B 2 .   ? 14.540  -0.147  -4.172  1.00 24.37 ? 201 OWO A C05  1 
HETATM 1039 C C06  . OWO B 2 .   ? 13.734  -0.132  -3.039  1.00 24.96 ? 201 OWO A C06  1 
HETATM 1040 C C07  . OWO B 2 .   ? 12.597  0.650   -2.955  1.00 21.27 ? 201 OWO A C07  1 
HETATM 1041 C C08  . OWO B 2 .   ? 12.292  1.496   -3.996  1.00 21.08 ? 201 OWO A C08  1 
HETATM 1042 C C09  . OWO B 2 .   ? 11.051  2.382   -4.017  1.00 18.87 ? 201 OWO A C09  1 
HETATM 1043 C C12  . OWO B 2 .   ? 11.524  5.626   -5.524  1.00 23.51 ? 201 OWO A C12  1 
HETATM 1044 C C14  . OWO B 2 .   ? 9.924   4.420   -4.616  1.00 19.51 ? 201 OWO A C14  1 
HETATM 1045 C C16  . OWO B 2 .   ? 8.711   2.719   -3.583  1.00 22.47 ? 201 OWO A C16  1 
HETATM 1046 C C18  . OWO B 2 .   ? 13.091  1.434   -5.167  1.00 23.96 ? 201 OWO A C18  1 
HETATM 1047 F F19  . OWO B 2 .   ? 12.863  2.178   -6.293  1.00 23.22 ? 201 OWO A F19  1 
HETATM 1048 N N11  . OWO B 2 .   ? 12.061  4.459   -5.133  1.00 21.68 ? 201 OWO A N11  1 
HETATM 1049 N N13  . OWO B 2 .   ? 10.225  5.619   -5.200  1.00 22.39 ? 201 OWO A N13  1 
HETATM 1050 N N15  . OWO B 2 .   ? 8.757   3.920   -4.117  1.00 18.63 ? 201 OWO A N15  1 
HETATM 1051 N N22  . OWO B 2 .   ? 15.769  0.451   -8.614  1.00 26.60 ? 201 OWO A N22  1 
HETATM 1052 N N23  . OWO B 2 .   ? 16.704  1.160   -7.944  1.00 27.38 ? 201 OWO A N23  1 
HETATM 1053 H H171 . OWO B 2 .   ? 9.803   0.962   -3.015  1.00 23.21 ? 201 OWO A H171 1 
HETATM 1054 H H211 . OWO B 2 .   ? 13.783  -1.348  -8.960  1.00 31.75 ? 201 OWO A H211 1 
HETATM 1055 H H213 . OWO B 2 .   ? 12.757  0.033   -8.529  1.00 31.75 ? 201 OWO A H213 1 
HETATM 1056 H H212 . OWO B 2 .   ? 13.160  -1.188  -7.308  1.00 31.75 ? 201 OWO A H212 1 
HETATM 1057 H H241 . OWO B 2 .   ? 18.123  1.141   -9.478  1.00 35.75 ? 201 OWO A H241 1 
HETATM 1058 H H242 . OWO B 2 .   ? 18.765  1.497   -7.861  1.00 35.75 ? 201 OWO A H242 1 
HETATM 1059 H H243 . OWO B 2 .   ? 17.834  2.728   -8.737  1.00 35.75 ? 201 OWO A H243 1 
HETATM 1060 H H013 . OWO B 2 .   ? 17.870  2.629   -6.051  1.00 31.71 ? 201 OWO A H013 1 
HETATM 1061 H H011 . OWO B 2 .   ? 17.446  1.363   -4.883  1.00 31.71 ? 201 OWO A H011 1 
HETATM 1062 H H012 . OWO B 2 .   ? 16.377  2.760   -5.104  1.00 31.71 ? 201 OWO A H012 1 
HETATM 1063 H H051 . OWO B 2 .   ? 15.415  -0.785  -4.205  1.00 29.25 ? 201 OWO A H051 1 
HETATM 1064 H H061 . OWO B 2 .   ? 14.006  -0.754  -2.195  1.00 29.95 ? 201 OWO A H061 1 
HETATM 1065 H H071 . OWO B 2 .   ? 11.955  0.597   -2.083  1.00 25.53 ? 201 OWO A H071 1 
HETATM 1066 H H121 . OWO B 2 .   ? 12.051  6.434   -6.016  1.00 28.21 ? 201 OWO A H121 1 
HETATM 1067 H H161 . OWO B 2 .   ? 7.769   2.338   -3.207  1.00 26.96 ? 201 OWO A H161 1 
HETATM 1068 H H111 . OWO B 2 .   ? 13.022  4.194   -5.233  1.00 26.02 ? 201 OWO A H111 1 
HETATM 1069 O O    . HOH C 3 .   ? 10.249  -6.919  2.516   1.00 41.32 ? 301 HOH A O    1 
HETATM 1070 O O    . HOH C 3 .   ? 6.538   5.561   -3.859  1.00 19.81 ? 302 HOH A O    1 
HETATM 1071 O O    . HOH C 3 .   ? -18.985 -11.784 -5.166  1.00 36.04 ? 303 HOH A O    1 
HETATM 1072 O O    . HOH C 3 .   ? 6.224   -15.456 -6.541  1.00 30.18 ? 304 HOH A O    1 
HETATM 1073 O O    . HOH C 3 .   ? 4.626   5.909   -0.412  1.00 20.43 ? 305 HOH A O    1 
HETATM 1074 O O    . HOH C 3 .   ? 4.879   8.000   7.099   1.00 23.02 ? 306 HOH A O    1 
HETATM 1075 O O    . HOH C 3 .   ? 2.489   2.290   12.300  1.00 32.26 ? 307 HOH A O    1 
HETATM 1076 O O    . HOH C 3 .   ? 4.512   4.278   4.007   1.00 22.52 ? 308 HOH A O    1 
HETATM 1077 O O    . HOH C 3 .   ? -7.716  4.505   4.010   1.00 27.27 ? 309 HOH A O    1 
HETATM 1078 O O    . HOH C 3 .   ? -0.255  8.337   4.800   1.00 32.34 ? 310 HOH A O    1 
HETATM 1079 O O    . HOH C 3 .   ? 10.997  1.066   5.932   1.00 29.23 ? 311 HOH A O    1 
HETATM 1080 O O    . HOH C 3 .   ? 22.167  4.715   2.015   1.00 32.47 ? 312 HOH A O    1 
HETATM 1081 O O    . HOH C 3 .   ? -18.071 -13.589 -12.049 1.00 29.44 ? 313 HOH A O    1 
HETATM 1082 O O    . HOH C 3 .   ? -5.054  6.698   1.385   1.00 28.84 ? 314 HOH A O    1 
HETATM 1083 O O    . HOH C 3 .   ? 6.208   3.235   -17.218 1.00 29.72 ? 315 HOH A O    1 
HETATM 1084 O O    . HOH C 3 .   ? 5.111   2.072   -1.135  1.00 22.63 ? 316 HOH A O    1 
HETATM 1085 O O    . HOH C 3 .   ? 7.532   1.199   -0.234  1.00 23.32 ? 317 HOH A O    1 
HETATM 1086 O O    . HOH C 3 .   ? -11.832 -10.155 -9.148  1.00 31.80 ? 318 HOH A O    1 
HETATM 1087 O O    . HOH C 3 .   ? 4.261   -0.014  8.402   1.00 33.18 ? 319 HOH A O    1 
HETATM 1088 O O    . HOH C 3 .   ? 4.487   4.110   -2.799  1.00 23.12 ? 320 HOH A O    1 
HETATM 1089 O O    . HOH C 3 .   ? 9.830   12.357  -11.111 1.00 27.17 ? 321 HOH A O    1 
HETATM 1090 O O    . HOH C 3 .   ? 12.730  12.019  2.189   1.00 24.87 ? 322 HOH A O    1 
HETATM 1091 O O    . HOH C 3 .   ? 1.098   11.522  -1.115  1.00 27.09 ? 323 HOH A O    1 
HETATM 1092 O O    . HOH C 3 .   ? -9.140  -8.110  7.064   1.00 36.65 ? 324 HOH A O    1 
HETATM 1093 O O    . HOH C 3 .   ? 10.750  5.356   6.349   1.00 22.80 ? 325 HOH A O    1 
HETATM 1094 O O    . HOH C 3 .   ? -10.268 -3.294  8.545   1.00 29.79 ? 326 HOH A O    1 
HETATM 1095 O O    . HOH C 3 .   ? 14.790  4.549   -5.790  1.00 27.41 ? 327 HOH A O    1 
HETATM 1096 O O    . HOH C 3 .   ? 11.366  -0.616  0.046   1.00 25.69 ? 328 HOH A O    1 
HETATM 1097 O O    . HOH C 3 .   ? 0.206   3.061   14.811  1.00 26.93 ? 329 HOH A O    1 
HETATM 1098 O O    . HOH C 3 .   ? 3.638   6.177   13.606  1.00 32.99 ? 330 HOH A O    1 
HETATM 1099 O O    . HOH C 3 .   ? 8.338   5.810   7.646   1.00 21.54 ? 331 HOH A O    1 
HETATM 1100 O O    . HOH C 3 .   ? -1.085  9.783   -3.822  1.00 30.36 ? 332 HOH A O    1 
HETATM 1101 O O    . HOH C 3 .   ? 14.955  2.927   -13.181 1.00 35.48 ? 333 HOH A O    1 
HETATM 1102 O O    . HOH C 3 .   ? 6.141   4.516   1.871   1.00 26.58 ? 334 HOH A O    1 
HETATM 1103 O O    . HOH C 3 .   ? -9.758  -6.030  8.520   1.00 31.66 ? 335 HOH A O    1 
HETATM 1104 O O    . HOH C 3 .   ? -22.180 -2.689  5.270   1.00 32.61 ? 336 HOH A O    1 
HETATM 1105 O O    . HOH C 3 .   ? -1.237  8.001   9.524   1.00 27.40 ? 337 HOH A O    1 
HETATM 1106 O O    . HOH C 3 .   ? -19.887 -11.096 -7.662  1.00 32.80 ? 338 HOH A O    1 
HETATM 1107 O O    . HOH C 3 .   ? -13.324 4.409   9.522   1.00 29.23 ? 339 HOH A O    1 
HETATM 1108 O O    . HOH C 3 .   ? -16.571 -3.462  3.039   1.00 28.49 ? 340 HOH A O    1 
HETATM 1109 O O    . HOH C 3 .   ? -13.768 -15.452 0.453   1.00 33.11 ? 341 HOH A O    1 
HETATM 1110 O O    . HOH C 3 .   ? -16.439 4.709   2.040   1.00 33.27 ? 342 HOH A O    1 
HETATM 1111 O O    . HOH C 3 .   ? -21.442 1.522   6.780   1.00 30.04 ? 343 HOH A O    1 
HETATM 1112 O O    . HOH C 3 .   ? 6.389   6.160   5.656   1.00 21.45 ? 344 HOH A O    1 
HETATM 1113 O O    . HOH C 3 .   ? -19.589 2.334   4.789   1.00 28.83 ? 345 HOH A O    1 
HETATM 1114 O O    . HOH C 3 .   ? -16.549 -0.254  0.667   1.00 30.64 ? 346 HOH A O    1 
HETATM 1115 O O    . HOH C 3 .   ? 17.073  16.382  -4.612  1.00 25.73 ? 347 HOH A O    1 
HETATM 1116 O O    . HOH C 3 .   ? 12.148  12.770  11.113  1.00 36.75 ? 348 HOH A O    1 
HETATM 1117 O O    . HOH C 3 .   ? 1.749   13.916  -2.090  1.00 34.85 ? 349 HOH A O    1 
HETATM 1118 O O    . HOH C 3 .   ? 13.342  -4.598  0.867   1.00 32.44 ? 350 HOH A O    1 
HETATM 1119 O O    . HOH C 3 .   ? 11.794  3.324   7.204   1.00 33.55 ? 351 HOH A O    1 
HETATM 1120 O O    . HOH C 3 .   ? -12.851 -11.558 -11.313 1.00 36.88 ? 352 HOH A O    1 
HETATM 1121 O O    . HOH C 3 .   ? -8.002  4.836   6.682   1.00 32.14 ? 353 HOH A O    1 
HETATM 1122 O O    . HOH C 3 .   ? 5.589   -2.194  7.629   1.00 37.19 ? 354 HOH A O    1 
HETATM 1123 O O    . HOH C 3 .   ? -8.375  -14.514 -6.437  1.00 32.28 ? 355 HOH A O    1 
HETATM 1124 O O    . HOH C 3 .   ? 9.130   3.515   9.174   1.00 30.07 ? 356 HOH A O    1 
HETATM 1125 O O    . HOH C 3 .   ? 13.573  -0.858  3.198   1.00 33.97 ? 357 HOH A O    1 
HETATM 1126 O O    . HOH C 3 .   ? -9.301  -10.565 8.514   1.00 38.57 ? 358 HOH A O    1 
# 
loop_
_pdbx_poly_seq_scheme.asym_id 
_pdbx_poly_seq_scheme.entity_id 
_pdbx_poly_seq_scheme.seq_id 
_pdbx_poly_seq_scheme.mon_id 
_pdbx_poly_seq_scheme.ndb_seq_num 
_pdbx_poly_seq_scheme.pdb_seq_num 
_pdbx_poly_seq_scheme.auth_seq_num 
_pdbx_poly_seq_scheme.pdb_mon_id 
_pdbx_poly_seq_scheme.auth_mon_id 
_pdbx_poly_seq_scheme.pdb_strand_id 
_pdbx_poly_seq_scheme.pdb_ins_code 
_pdbx_poly_seq_scheme.hetero 
A 1 1   MET 1   43  43  MET MET A . n 
A 1 2   ASN 2   44  44  ASN ASN A . n 
A 1 3   PRO 3   45  45  PRO PRO A . n 
A 1 4   PRO 4   46  46  PRO PRO A . n 
A 1 5   PRO 5   47  47  PRO PRO A . n 
A 1 6   PRO 6   48  48  PRO PRO A . n 
A 1 7   GLU 7   49  49  GLU GLU A . n 
A 1 8   THR 8   50  50  THR THR A . n 
A 1 9   SER 9   51  51  SER SER A . n 
A 1 10  ASN 10  52  52  ASN ASN A . n 
A 1 11  PRO 11  53  53  PRO PRO A . n 
A 1 12  ASN 12  54  54  ASN ASN A . n 
A 1 13  LYS 13  55  55  LYS LYS A . n 
A 1 14  PRO 14  56  56  PRO PRO A . n 
A 1 15  LYS 15  57  57  LYS LYS A . n 
A 1 16  ARG 16  58  58  ARG ARG A . n 
A 1 17  GLN 17  59  59  GLN GLN A . n 
A 1 18  THR 18  60  60  THR THR A . n 
A 1 19  ASN 19  61  61  ASN ASN A . n 
A 1 20  GLN 20  62  62  GLN GLN A . n 
A 1 21  LEU 21  63  63  LEU LEU A . n 
A 1 22  GLN 22  64  64  GLN GLN A . n 
A 1 23  TYR 23  65  65  TYR TYR A . n 
A 1 24  LEU 24  66  66  LEU LEU A . n 
A 1 25  LEU 25  67  67  LEU LEU A . n 
A 1 26  ARG 26  68  68  ARG ARG A . n 
A 1 27  VAL 27  69  69  VAL VAL A . n 
A 1 28  VAL 28  70  70  VAL VAL A . n 
A 1 29  LEU 29  71  71  LEU LEU A . n 
A 1 30  LYS 30  72  72  LYS LYS A . n 
A 1 31  THR 31  73  73  THR THR A . n 
A 1 32  LEU 32  74  74  LEU LEU A . n 
A 1 33  TRP 33  75  75  TRP TRP A . n 
A 1 34  LYS 34  76  76  LYS LYS A . n 
A 1 35  HIS 35  77  77  HIS HIS A . n 
A 1 36  GLN 36  78  78  GLN GLN A . n 
A 1 37  PHE 37  79  79  PHE PHE A . n 
A 1 38  ALA 38  80  80  ALA ALA A . n 
A 1 39  TRP 39  81  81  TRP TRP A . n 
A 1 40  PRO 40  82  82  PRO PRO A . n 
A 1 41  PHE 41  83  83  PHE PHE A . n 
A 1 42  GLN 42  84  84  GLN GLN A . n 
A 1 43  GLN 43  85  85  GLN GLN A . n 
A 1 44  PRO 44  86  86  PRO PRO A . n 
A 1 45  VAL 45  87  87  VAL VAL A . n 
A 1 46  ASP 46  88  88  ASP ASP A . n 
A 1 47  ALA 47  89  89  ALA ALA A . n 
A 1 48  VAL 48  90  90  VAL VAL A . n 
A 1 49  LYS 49  91  91  LYS LYS A . n 
A 1 50  LEU 50  92  92  LEU LEU A . n 
A 1 51  ASN 51  93  93  ASN ASN A . n 
A 1 52  LEU 52  94  94  LEU LEU A . n 
A 1 53  PRO 53  95  95  PRO PRO A . n 
A 1 54  ASP 54  96  96  ASP ASP A . n 
A 1 55  TYR 55  97  97  TYR TYR A . n 
A 1 56  TYR 56  98  98  TYR TYR A . n 
A 1 57  LYS 57  99  99  LYS LYS A . n 
A 1 58  ILE 58  100 100 ILE ILE A . n 
A 1 59  ILE 59  101 101 ILE ILE A . n 
A 1 60  LYS 60  102 102 LYS LYS A . n 
A 1 61  THR 61  103 103 THR THR A . n 
A 1 62  PRO 62  104 104 PRO PRO A . n 
A 1 63  MET 63  105 105 MET MET A . n 
A 1 64  ASP 64  106 106 ASP ASP A . n 
A 1 65  MET 65  107 107 MET MET A . n 
A 1 66  GLY 66  108 108 GLY GLY A . n 
A 1 67  THR 67  109 109 THR THR A . n 
A 1 68  ILE 68  110 110 ILE ILE A . n 
A 1 69  LYS 69  111 111 LYS LYS A . n 
A 1 70  LYS 70  112 112 LYS LYS A . n 
A 1 71  ARG 71  113 113 ARG ARG A . n 
A 1 72  LEU 72  114 114 LEU LEU A . n 
A 1 73  GLU 73  115 115 GLU GLU A . n 
A 1 74  ASN 74  116 116 ASN ASN A . n 
A 1 75  ASN 75  117 117 ASN ASN A . n 
A 1 76  TYR 76  118 118 TYR TYR A . n 
A 1 77  TYR 77  119 119 TYR TYR A . n 
A 1 78  TRP 78  120 120 TRP TRP A . n 
A 1 79  ASN 79  121 121 ASN ASN A . n 
A 1 80  ALA 80  122 122 ALA ALA A . n 
A 1 81  GLN 81  123 123 GLN GLN A . n 
A 1 82  GLU 82  124 124 GLU GLU A . n 
A 1 83  CYS 83  125 125 CYS CYS A . n 
A 1 84  ILE 84  126 126 ILE ILE A . n 
A 1 85  GLN 85  127 127 GLN GLN A . n 
A 1 86  ASP 86  128 128 ASP ASP A . n 
A 1 87  PHE 87  129 129 PHE PHE A . n 
A 1 88  ASN 88  130 130 ASN ASN A . n 
A 1 89  THR 89  131 131 THR THR A . n 
A 1 90  MET 90  132 132 MET MET A . n 
A 1 91  PHE 91  133 133 PHE PHE A . n 
A 1 92  THR 92  134 134 THR THR A . n 
A 1 93  ASN 93  135 135 ASN ASN A . n 
A 1 94  CYS 94  136 136 CYS CYS A . n 
A 1 95  TYR 95  137 137 TYR TYR A . n 
A 1 96  ILE 96  138 138 ILE ILE A . n 
A 1 97  TYR 97  139 139 TYR TYR A . n 
A 1 98  ASN 98  140 140 ASN ASN A . n 
A 1 99  LYS 99  141 141 LYS LYS A . n 
A 1 100 PRO 100 142 142 PRO PRO A . n 
A 1 101 GLY 101 143 143 GLY GLY A . n 
A 1 102 ASP 102 144 144 ASP ASP A . n 
A 1 103 ASP 103 145 145 ASP ASP A . n 
A 1 104 ILE 104 146 146 ILE ILE A . n 
A 1 105 VAL 105 147 147 VAL VAL A . n 
A 1 106 LEU 106 148 148 LEU LEU A . n 
A 1 107 MET 107 149 149 MET MET A . n 
A 1 108 ALA 108 150 150 ALA ALA A . n 
A 1 109 GLU 109 151 151 GLU GLU A . n 
A 1 110 ALA 110 152 152 ALA ALA A . n 
A 1 111 LEU 111 153 153 LEU LEU A . n 
A 1 112 GLU 112 154 154 GLU GLU A . n 
A 1 113 LYS 113 155 155 LYS LYS A . n 
A 1 114 LEU 114 156 156 LEU LEU A . n 
A 1 115 PHE 115 157 157 PHE PHE A . n 
A 1 116 LEU 116 158 158 LEU LEU A . n 
A 1 117 GLN 117 159 159 GLN GLN A . n 
A 1 118 LYS 118 160 160 LYS LYS A . n 
A 1 119 ILE 119 161 161 ILE ILE A . n 
A 1 120 ASN 120 162 162 ASN ASN A . n 
A 1 121 GLU 121 163 163 GLU GLU A . n 
A 1 122 LEU 122 164 164 LEU LEU A . n 
A 1 123 PRO 123 165 165 PRO PRO A . n 
# 
loop_
_pdbx_contact_author.id 
_pdbx_contact_author.email 
_pdbx_contact_author.name_first 
_pdbx_contact_author.name_last 
_pdbx_contact_author.name_mi 
_pdbx_contact_author.role 
_pdbx_contact_author.identifier_ORCID 
4 chenxuetao3@163.com Xuetao Chen ? 'principal investigator/group leader' 0000-0003-4137-3949 
5 caody@simm.ac.cn    DANYAN CAO  ? 'principal investigator/group leader' 0000-0002-7716-1000 
# 
loop_
_pdbx_nonpoly_scheme.asym_id 
_pdbx_nonpoly_scheme.entity_id 
_pdbx_nonpoly_scheme.mon_id 
_pdbx_nonpoly_scheme.ndb_seq_num 
_pdbx_nonpoly_scheme.pdb_seq_num 
_pdbx_nonpoly_scheme.auth_seq_num 
_pdbx_nonpoly_scheme.pdb_mon_id 
_pdbx_nonpoly_scheme.auth_mon_id 
_pdbx_nonpoly_scheme.pdb_strand_id 
_pdbx_nonpoly_scheme.pdb_ins_code 
B 2 OWO 1  201 201 OWO LIG A . 
C 3 HOH 1  301 35  HOH HOH A . 
C 3 HOH 2  302 5   HOH HOH A . 
C 3 HOH 3  303 56  HOH HOH A . 
C 3 HOH 4  304 49  HOH HOH A . 
C 3 HOH 5  305 3   HOH HOH A . 
C 3 HOH 6  306 8   HOH HOH A . 
C 3 HOH 7  307 39  HOH HOH A . 
C 3 HOH 8  308 13  HOH HOH A . 
C 3 HOH 9  309 38  HOH HOH A . 
C 3 HOH 10 310 72  HOH HOH A . 
C 3 HOH 11 311 27  HOH HOH A . 
C 3 HOH 12 312 36  HOH HOH A . 
C 3 HOH 13 313 47  HOH HOH A . 
C 3 HOH 14 314 16  HOH HOH A . 
C 3 HOH 15 315 25  HOH HOH A . 
C 3 HOH 16 316 10  HOH HOH A . 
C 3 HOH 17 317 2   HOH HOH A . 
C 3 HOH 18 318 48  HOH HOH A . 
C 3 HOH 19 319 62  HOH HOH A . 
C 3 HOH 20 320 23  HOH HOH A . 
C 3 HOH 21 321 31  HOH HOH A . 
C 3 HOH 22 322 12  HOH HOH A . 
C 3 HOH 23 323 9   HOH HOH A . 
C 3 HOH 24 324 68  HOH HOH A . 
C 3 HOH 25 325 15  HOH HOH A . 
C 3 HOH 26 326 44  HOH HOH A . 
C 3 HOH 27 327 29  HOH HOH A . 
C 3 HOH 28 328 6   HOH HOH A . 
C 3 HOH 29 329 30  HOH HOH A . 
C 3 HOH 30 330 43  HOH HOH A . 
C 3 HOH 31 331 7   HOH HOH A . 
C 3 HOH 32 332 26  HOH HOH A . 
C 3 HOH 33 333 98  HOH HOH A . 
C 3 HOH 34 334 19  HOH HOH A . 
C 3 HOH 35 335 33  HOH HOH A . 
C 3 HOH 36 336 51  HOH HOH A . 
C 3 HOH 37 337 87  HOH HOH A . 
C 3 HOH 38 338 57  HOH HOH A . 
C 3 HOH 39 339 66  HOH HOH A . 
C 3 HOH 40 340 20  HOH HOH A . 
C 3 HOH 41 341 52  HOH HOH A . 
C 3 HOH 42 342 41  HOH HOH A . 
C 3 HOH 43 343 22  HOH HOH A . 
C 3 HOH 44 344 14  HOH HOH A . 
C 3 HOH 45 345 37  HOH HOH A . 
C 3 HOH 46 346 28  HOH HOH A . 
C 3 HOH 47 347 17  HOH HOH A . 
C 3 HOH 48 348 50  HOH HOH A . 
C 3 HOH 49 349 21  HOH HOH A . 
C 3 HOH 50 350 89  HOH HOH A . 
C 3 HOH 51 351 61  HOH HOH A . 
C 3 HOH 52 352 90  HOH HOH A . 
C 3 HOH 53 353 32  HOH HOH A . 
C 3 HOH 54 354 64  HOH HOH A . 
C 3 HOH 55 355 40  HOH HOH A . 
C 3 HOH 56 356 46  HOH HOH A . 
C 3 HOH 57 357 34  HOH HOH A . 
C 3 HOH 58 358 86  HOH HOH A . 
# 
_pdbx_struct_assembly.id                   1 
_pdbx_struct_assembly.details              author_defined_assembly 
_pdbx_struct_assembly.method_details       ? 
_pdbx_struct_assembly.oligomeric_details   monomeric 
_pdbx_struct_assembly.oligomeric_count     1 
# 
_pdbx_struct_assembly_gen.assembly_id       1 
_pdbx_struct_assembly_gen.oper_expression   1 
_pdbx_struct_assembly_gen.asym_id_list      A,B,C 
# 
_pdbx_struct_oper_list.id                   1 
_pdbx_struct_oper_list.type                 'identity operation' 
_pdbx_struct_oper_list.name                 1_555 
_pdbx_struct_oper_list.symmetry_operation   x,y,z 
_pdbx_struct_oper_list.matrix[1][1]         1.0000000000 
_pdbx_struct_oper_list.matrix[1][2]         0.0000000000 
_pdbx_struct_oper_list.matrix[1][3]         0.0000000000 
_pdbx_struct_oper_list.vector[1]            0.0000000000 
_pdbx_struct_oper_list.matrix[2][1]         0.0000000000 
_pdbx_struct_oper_list.matrix[2][2]         1.0000000000 
_pdbx_struct_oper_list.matrix[2][3]         0.0000000000 
_pdbx_struct_oper_list.vector[2]            0.0000000000 
_pdbx_struct_oper_list.matrix[3][1]         0.0000000000 
_pdbx_struct_oper_list.matrix[3][2]         0.0000000000 
_pdbx_struct_oper_list.matrix[3][3]         1.0000000000 
_pdbx_struct_oper_list.vector[3]            0.0000000000 
# 
_pdbx_audit_revision_history.ordinal             1 
_pdbx_audit_revision_history.data_content_type   'Structure model' 
_pdbx_audit_revision_history.major_revision      1 
_pdbx_audit_revision_history.minor_revision      0 
_pdbx_audit_revision_history.revision_date       2023-10-04 
# 
_pdbx_audit_revision_details.ordinal             1 
_pdbx_audit_revision_details.revision_ordinal    1 
_pdbx_audit_revision_details.data_content_type   'Structure model' 
_pdbx_audit_revision_details.provider            repository 
_pdbx_audit_revision_details.type                'Initial release' 
_pdbx_audit_revision_details.description         ? 
_pdbx_audit_revision_details.details             ? 
# 
loop_
_software.citation_id 
_software.classification 
_software.compiler_name 
_software.compiler_version 
_software.contact_author 
_software.contact_author_email 
_software.date 
_software.description 
_software.dependencies 
_software.hardware 
_software.language 
_software.location 
_software.mods 
_software.name 
_software.os 
_software.os_version 
_software.type 
_software.version 
_software.pdbx_ordinal 
? refinement       ? ? ? ? ? ? ? ? ? ? ? PHENIX   ? ? ? 1.19. 1 
? 'data reduction' ? ? ? ? ? ? ? ? ? ? ? HKL-3000 ? ? ? 7.21  2 
? 'data scaling'   ? ? ? ? ? ? ? ? ? ? ? HKL-3000 ? ? ? 7.21  3 
? phasing          ? ? ? ? ? ? ? ? ? ? ? PHASER   ? ? ? 2.7.0 4 
# 
_pdbx_entry_details.entry_id                 8IBQ 
_pdbx_entry_details.has_ligand_of_interest   Y 
_pdbx_entry_details.compound_details         ? 
_pdbx_entry_details.source_details           ? 
_pdbx_entry_details.nonpolymer_details       ? 
_pdbx_entry_details.sequence_details         ? 
# 
_pdbx_validate_torsion.id              1 
_pdbx_validate_torsion.PDB_model_num   1 
_pdbx_validate_torsion.auth_comp_id    LEU 
_pdbx_validate_torsion.auth_asym_id    A 
_pdbx_validate_torsion.auth_seq_id     94 
_pdbx_validate_torsion.PDB_ins_code    ? 
_pdbx_validate_torsion.label_alt_id    ? 
_pdbx_validate_torsion.phi             -119.99 
_pdbx_validate_torsion.psi             63.62 
# 
loop_
_pdbx_unobs_or_zero_occ_atoms.id 
_pdbx_unobs_or_zero_occ_atoms.PDB_model_num 
_pdbx_unobs_or_zero_occ_atoms.polymer_flag 
_pdbx_unobs_or_zero_occ_atoms.occupancy_flag 
_pdbx_unobs_or_zero_occ_atoms.auth_asym_id 
_pdbx_unobs_or_zero_occ_atoms.auth_comp_id 
_pdbx_unobs_or_zero_occ_atoms.auth_seq_id 
_pdbx_unobs_or_zero_occ_atoms.PDB_ins_code 
_pdbx_unobs_or_zero_occ_atoms.auth_atom_id 
_pdbx_unobs_or_zero_occ_atoms.label_alt_id 
_pdbx_unobs_or_zero_occ_atoms.label_asym_id 
_pdbx_unobs_or_zero_occ_atoms.label_comp_id 
_pdbx_unobs_or_zero_occ_atoms.label_seq_id 
_pdbx_unobs_or_zero_occ_atoms.label_atom_id 
1  1 Y 1 A GLN 59  ? CG  ? A GLN 17 CG  
2  1 Y 1 A GLN 59  ? CD  ? A GLN 17 CD  
3  1 Y 1 A GLN 59  ? OE1 ? A GLN 17 OE1 
4  1 Y 1 A GLN 59  ? NE2 ? A GLN 17 NE2 
5  1 Y 1 A GLN 78  ? CD  ? A GLN 36 CD  
6  1 Y 1 A GLN 78  ? OE1 ? A GLN 36 OE1 
7  1 Y 1 A GLN 78  ? NE2 ? A GLN 36 NE2 
8  1 Y 1 A LYS 91  ? CD  ? A LYS 49 CD  
9  1 Y 1 A LYS 91  ? CE  ? A LYS 49 CE  
10 1 Y 1 A LYS 91  ? NZ  ? A LYS 49 NZ  
11 1 Y 1 A LYS 102 ? CG  ? A LYS 60 CG  
12 1 Y 1 A LYS 102 ? CD  ? A LYS 60 CD  
13 1 Y 1 A LYS 102 ? CE  ? A LYS 60 CE  
14 1 Y 1 A LYS 102 ? NZ  ? A LYS 60 NZ  
15 1 Y 1 A GLN 123 ? CD  ? A GLN 81 CD  
16 1 Y 1 A GLN 123 ? OE1 ? A GLN 81 OE1 
17 1 Y 1 A GLN 123 ? NE2 ? A GLN 81 NE2 
18 1 Y 1 A LYS 141 ? CE  ? A LYS 99 CE  
19 1 Y 1 A LYS 141 ? NZ  ? A LYS 99 NZ  
# 
loop_
_chem_comp_atom.comp_id 
_chem_comp_atom.atom_id 
_chem_comp_atom.type_symbol 
_chem_comp_atom.pdbx_aromatic_flag 
_chem_comp_atom.pdbx_stereo_config 
_chem_comp_atom.pdbx_ordinal 
ALA N    N N N 1   
ALA CA   C N S 2   
ALA C    C N N 3   
ALA O    O N N 4   
ALA CB   C N N 5   
ALA OXT  O N N 6   
ALA H    H N N 7   
ALA H2   H N N 8   
ALA HA   H N N 9   
ALA HB1  H N N 10  
ALA HB2  H N N 11  
ALA HB3  H N N 12  
ALA HXT  H N N 13  
ARG N    N N N 14  
ARG CA   C N S 15  
ARG C    C N N 16  
ARG O    O N N 17  
ARG CB   C N N 18  
ARG CG   C N N 19  
ARG CD   C N N 20  
ARG NE   N N N 21  
ARG CZ   C N N 22  
ARG NH1  N N N 23  
ARG NH2  N N N 24  
ARG OXT  O N N 25  
ARG H    H N N 26  
ARG H2   H N N 27  
ARG HA   H N N 28  
ARG HB2  H N N 29  
ARG HB3  H N N 30  
ARG HG2  H N N 31  
ARG HG3  H N N 32  
ARG HD2  H N N 33  
ARG HD3  H N N 34  
ARG HE   H N N 35  
ARG HH11 H N N 36  
ARG HH12 H N N 37  
ARG HH21 H N N 38  
ARG HH22 H N N 39  
ARG HXT  H N N 40  
ASN N    N N N 41  
ASN CA   C N S 42  
ASN C    C N N 43  
ASN O    O N N 44  
ASN CB   C N N 45  
ASN CG   C N N 46  
ASN OD1  O N N 47  
ASN ND2  N N N 48  
ASN OXT  O N N 49  
ASN H    H N N 50  
ASN H2   H N N 51  
ASN HA   H N N 52  
ASN HB2  H N N 53  
ASN HB3  H N N 54  
ASN HD21 H N N 55  
ASN HD22 H N N 56  
ASN HXT  H N N 57  
ASP N    N N N 58  
ASP CA   C N S 59  
ASP C    C N N 60  
ASP O    O N N 61  
ASP CB   C N N 62  
ASP CG   C N N 63  
ASP OD1  O N N 64  
ASP OD2  O N N 65  
ASP OXT  O N N 66  
ASP H    H N N 67  
ASP H2   H N N 68  
ASP HA   H N N 69  
ASP HB2  H N N 70  
ASP HB3  H N N 71  
ASP HD2  H N N 72  
ASP HXT  H N N 73  
CYS N    N N N 74  
CYS CA   C N R 75  
CYS C    C N N 76  
CYS O    O N N 77  
CYS CB   C N N 78  
CYS SG   S N N 79  
CYS OXT  O N N 80  
CYS H    H N N 81  
CYS H2   H N N 82  
CYS HA   H N N 83  
CYS HB2  H N N 84  
CYS HB3  H N N 85  
CYS HG   H N N 86  
CYS HXT  H N N 87  
GLN N    N N N 88  
GLN CA   C N S 89  
GLN C    C N N 90  
GLN O    O N N 91  
GLN CB   C N N 92  
GLN CG   C N N 93  
GLN CD   C N N 94  
GLN OE1  O N N 95  
GLN NE2  N N N 96  
GLN OXT  O N N 97  
GLN H    H N N 98  
GLN H2   H N N 99  
GLN HA   H N N 100 
GLN HB2  H N N 101 
GLN HB3  H N N 102 
GLN HG2  H N N 103 
GLN HG3  H N N 104 
GLN HE21 H N N 105 
GLN HE22 H N N 106 
GLN HXT  H N N 107 
GLU N    N N N 108 
GLU CA   C N S 109 
GLU C    C N N 110 
GLU O    O N N 111 
GLU CB   C N N 112 
GLU CG   C N N 113 
GLU CD   C N N 114 
GLU OE1  O N N 115 
GLU OE2  O N N 116 
GLU OXT  O N N 117 
GLU H    H N N 118 
GLU H2   H N N 119 
GLU HA   H N N 120 
GLU HB2  H N N 121 
GLU HB3  H N N 122 
GLU HG2  H N N 123 
GLU HG3  H N N 124 
GLU HE2  H N N 125 
GLU HXT  H N N 126 
GLY N    N N N 127 
GLY CA   C N N 128 
GLY C    C N N 129 
GLY O    O N N 130 
GLY OXT  O N N 131 
GLY H    H N N 132 
GLY H2   H N N 133 
GLY HA2  H N N 134 
GLY HA3  H N N 135 
GLY HXT  H N N 136 
HIS N    N N N 137 
HIS CA   C N S 138 
HIS C    C N N 139 
HIS O    O N N 140 
HIS CB   C N N 141 
HIS CG   C Y N 142 
HIS ND1  N Y N 143 
HIS CD2  C Y N 144 
HIS CE1  C Y N 145 
HIS NE2  N Y N 146 
HIS OXT  O N N 147 
HIS H    H N N 148 
HIS H2   H N N 149 
HIS HA   H N N 150 
HIS HB2  H N N 151 
HIS HB3  H N N 152 
HIS HD1  H N N 153 
HIS HD2  H N N 154 
HIS HE1  H N N 155 
HIS HE2  H N N 156 
HIS HXT  H N N 157 
HOH O    O N N 158 
HOH H1   H N N 159 
HOH H2   H N N 160 
ILE N    N N N 161 
ILE CA   C N S 162 
ILE C    C N N 163 
ILE O    O N N 164 
ILE CB   C N S 165 
ILE CG1  C N N 166 
ILE CG2  C N N 167 
ILE CD1  C N N 168 
ILE OXT  O N N 169 
ILE H    H N N 170 
ILE H2   H N N 171 
ILE HA   H N N 172 
ILE HB   H N N 173 
ILE HG12 H N N 174 
ILE HG13 H N N 175 
ILE HG21 H N N 176 
ILE HG22 H N N 177 
ILE HG23 H N N 178 
ILE HD11 H N N 179 
ILE HD12 H N N 180 
ILE HD13 H N N 181 
ILE HXT  H N N 182 
LEU N    N N N 183 
LEU CA   C N S 184 
LEU C    C N N 185 
LEU O    O N N 186 
LEU CB   C N N 187 
LEU CG   C N N 188 
LEU CD1  C N N 189 
LEU CD2  C N N 190 
LEU OXT  O N N 191 
LEU H    H N N 192 
LEU H2   H N N 193 
LEU HA   H N N 194 
LEU HB2  H N N 195 
LEU HB3  H N N 196 
LEU HG   H N N 197 
LEU HD11 H N N 198 
LEU HD12 H N N 199 
LEU HD13 H N N 200 
LEU HD21 H N N 201 
LEU HD22 H N N 202 
LEU HD23 H N N 203 
LEU HXT  H N N 204 
LYS N    N N N 205 
LYS CA   C N S 206 
LYS C    C N N 207 
LYS O    O N N 208 
LYS CB   C N N 209 
LYS CG   C N N 210 
LYS CD   C N N 211 
LYS CE   C N N 212 
LYS NZ   N N N 213 
LYS OXT  O N N 214 
LYS H    H N N 215 
LYS H2   H N N 216 
LYS HA   H N N 217 
LYS HB2  H N N 218 
LYS HB3  H N N 219 
LYS HG2  H N N 220 
LYS HG3  H N N 221 
LYS HD2  H N N 222 
LYS HD3  H N N 223 
LYS HE2  H N N 224 
LYS HE3  H N N 225 
LYS HZ1  H N N 226 
LYS HZ2  H N N 227 
LYS HZ3  H N N 228 
LYS HXT  H N N 229 
MET N    N N N 230 
MET CA   C N S 231 
MET C    C N N 232 
MET O    O N N 233 
MET CB   C N N 234 
MET CG   C N N 235 
MET SD   S N N 236 
MET CE   C N N 237 
MET OXT  O N N 238 
MET H    H N N 239 
MET H2   H N N 240 
MET HA   H N N 241 
MET HB2  H N N 242 
MET HB3  H N N 243 
MET HG2  H N N 244 
MET HG3  H N N 245 
MET HE1  H N N 246 
MET HE2  H N N 247 
MET HE3  H N N 248 
MET HXT  H N N 249 
OWO C10  C Y N 250 
OWO C17  C Y N 251 
OWO C20  C Y N 252 
OWO C21  C N N 253 
OWO C24  C N N 254 
OWO C01  C N N 255 
OWO C02  C Y N 256 
OWO C03  C Y N 257 
OWO C04  C Y N 258 
OWO C05  C Y N 259 
OWO C06  C Y N 260 
OWO C07  C Y N 261 
OWO C08  C Y N 262 
OWO C09  C Y N 263 
OWO C12  C Y N 264 
OWO C14  C Y N 265 
OWO C16  C Y N 266 
OWO C18  C Y N 267 
OWO F19  F N N 268 
OWO N11  N Y N 269 
OWO N13  N Y N 270 
OWO N15  N Y N 271 
OWO N22  N Y N 272 
OWO N23  N Y N 273 
OWO H171 H N N 274 
OWO H211 H N N 275 
OWO H213 H N N 276 
OWO H212 H N N 277 
OWO H241 H N N 278 
OWO H242 H N N 279 
OWO H243 H N N 280 
OWO H013 H N N 281 
OWO H011 H N N 282 
OWO H012 H N N 283 
OWO H051 H N N 284 
OWO H061 H N N 285 
OWO H071 H N N 286 
OWO H121 H N N 287 
OWO H161 H N N 288 
OWO H111 H N N 289 
PHE N    N N N 290 
PHE CA   C N S 291 
PHE C    C N N 292 
PHE O    O N N 293 
PHE CB   C N N 294 
PHE CG   C Y N 295 
PHE CD1  C Y N 296 
PHE CD2  C Y N 297 
PHE CE1  C Y N 298 
PHE CE2  C Y N 299 
PHE CZ   C Y N 300 
PHE OXT  O N N 301 
PHE H    H N N 302 
PHE H2   H N N 303 
PHE HA   H N N 304 
PHE HB2  H N N 305 
PHE HB3  H N N 306 
PHE HD1  H N N 307 
PHE HD2  H N N 308 
PHE HE1  H N N 309 
PHE HE2  H N N 310 
PHE HZ   H N N 311 
PHE HXT  H N N 312 
PRO N    N N N 313 
PRO CA   C N S 314 
PRO C    C N N 315 
PRO O    O N N 316 
PRO CB   C N N 317 
PRO CG   C N N 318 
PRO CD   C N N 319 
PRO OXT  O N N 320 
PRO H    H N N 321 
PRO HA   H N N 322 
PRO HB2  H N N 323 
PRO HB3  H N N 324 
PRO HG2  H N N 325 
PRO HG3  H N N 326 
PRO HD2  H N N 327 
PRO HD3  H N N 328 
PRO HXT  H N N 329 
SER N    N N N 330 
SER CA   C N S 331 
SER C    C N N 332 
SER O    O N N 333 
SER CB   C N N 334 
SER OG   O N N 335 
SER OXT  O N N 336 
SER H    H N N 337 
SER H2   H N N 338 
SER HA   H N N 339 
SER HB2  H N N 340 
SER HB3  H N N 341 
SER HG   H N N 342 
SER HXT  H N N 343 
THR N    N N N 344 
THR CA   C N S 345 
THR C    C N N 346 
THR O    O N N 347 
THR CB   C N R 348 
THR OG1  O N N 349 
THR CG2  C N N 350 
THR OXT  O N N 351 
THR H    H N N 352 
THR H2   H N N 353 
THR HA   H N N 354 
THR HB   H N N 355 
THR HG1  H N N 356 
THR HG21 H N N 357 
THR HG22 H N N 358 
THR HG23 H N N 359 
THR HXT  H N N 360 
TRP N    N N N 361 
TRP CA   C N S 362 
TRP C    C N N 363 
TRP O    O N N 364 
TRP CB   C N N 365 
TRP CG   C Y N 366 
TRP CD1  C Y N 367 
TRP CD2  C Y N 368 
TRP NE1  N Y N 369 
TRP CE2  C Y N 370 
TRP CE3  C Y N 371 
TRP CZ2  C Y N 372 
TRP CZ3  C Y N 373 
TRP CH2  C Y N 374 
TRP OXT  O N N 375 
TRP H    H N N 376 
TRP H2   H N N 377 
TRP HA   H N N 378 
TRP HB2  H N N 379 
TRP HB3  H N N 380 
TRP HD1  H N N 381 
TRP HE1  H N N 382 
TRP HE3  H N N 383 
TRP HZ2  H N N 384 
TRP HZ3  H N N 385 
TRP HH2  H N N 386 
TRP HXT  H N N 387 
TYR N    N N N 388 
TYR CA   C N S 389 
TYR C    C N N 390 
TYR O    O N N 391 
TYR CB   C N N 392 
TYR CG   C Y N 393 
TYR CD1  C Y N 394 
TYR CD2  C Y N 395 
TYR CE1  C Y N 396 
TYR CE2  C Y N 397 
TYR CZ   C Y N 398 
TYR OH   O N N 399 
TYR OXT  O N N 400 
TYR H    H N N 401 
TYR H2   H N N 402 
TYR HA   H N N 403 
TYR HB2  H N N 404 
TYR HB3  H N N 405 
TYR HD1  H N N 406 
TYR HD2  H N N 407 
TYR HE1  H N N 408 
TYR HE2  H N N 409 
TYR HH   H N N 410 
TYR HXT  H N N 411 
VAL N    N N N 412 
VAL CA   C N S 413 
VAL C    C N N 414 
VAL O    O N N 415 
VAL CB   C N N 416 
VAL CG1  C N N 417 
VAL CG2  C N N 418 
VAL OXT  O N N 419 
VAL H    H N N 420 
VAL H2   H N N 421 
VAL HA   H N N 422 
VAL HB   H N N 423 
VAL HG11 H N N 424 
VAL HG12 H N N 425 
VAL HG13 H N N 426 
VAL HG21 H N N 427 
VAL HG22 H N N 428 
VAL HG23 H N N 429 
VAL HXT  H N N 430 
# 
loop_
_chem_comp_bond.comp_id 
_chem_comp_bond.atom_id_1 
_chem_comp_bond.atom_id_2 
_chem_comp_bond.value_order 
_chem_comp_bond.pdbx_aromatic_flag 
_chem_comp_bond.pdbx_stereo_config 
_chem_comp_bond.pdbx_ordinal 
ALA N   CA   sing N N 1   
ALA N   H    sing N N 2   
ALA N   H2   sing N N 3   
ALA CA  C    sing N N 4   
ALA CA  CB   sing N N 5   
ALA CA  HA   sing N N 6   
ALA C   O    doub N N 7   
ALA C   OXT  sing N N 8   
ALA CB  HB1  sing N N 9   
ALA CB  HB2  sing N N 10  
ALA CB  HB3  sing N N 11  
ALA OXT HXT  sing N N 12  
ARG N   CA   sing N N 13  
ARG N   H    sing N N 14  
ARG N   H2   sing N N 15  
ARG CA  C    sing N N 16  
ARG CA  CB   sing N N 17  
ARG CA  HA   sing N N 18  
ARG C   O    doub N N 19  
ARG C   OXT  sing N N 20  
ARG CB  CG   sing N N 21  
ARG CB  HB2  sing N N 22  
ARG CB  HB3  sing N N 23  
ARG CG  CD   sing N N 24  
ARG CG  HG2  sing N N 25  
ARG CG  HG3  sing N N 26  
ARG CD  NE   sing N N 27  
ARG CD  HD2  sing N N 28  
ARG CD  HD3  sing N N 29  
ARG NE  CZ   sing N N 30  
ARG NE  HE   sing N N 31  
ARG CZ  NH1  sing N N 32  
ARG CZ  NH2  doub N N 33  
ARG NH1 HH11 sing N N 34  
ARG NH1 HH12 sing N N 35  
ARG NH2 HH21 sing N N 36  
ARG NH2 HH22 sing N N 37  
ARG OXT HXT  sing N N 38  
ASN N   CA   sing N N 39  
ASN N   H    sing N N 40  
ASN N   H2   sing N N 41  
ASN CA  C    sing N N 42  
ASN CA  CB   sing N N 43  
ASN CA  HA   sing N N 44  
ASN C   O    doub N N 45  
ASN C   OXT  sing N N 46  
ASN CB  CG   sing N N 47  
ASN CB  HB2  sing N N 48  
ASN CB  HB3  sing N N 49  
ASN CG  OD1  doub N N 50  
ASN CG  ND2  sing N N 51  
ASN ND2 HD21 sing N N 52  
ASN ND2 HD22 sing N N 53  
ASN OXT HXT  sing N N 54  
ASP N   CA   sing N N 55  
ASP N   H    sing N N 56  
ASP N   H2   sing N N 57  
ASP CA  C    sing N N 58  
ASP CA  CB   sing N N 59  
ASP CA  HA   sing N N 60  
ASP C   O    doub N N 61  
ASP C   OXT  sing N N 62  
ASP CB  CG   sing N N 63  
ASP CB  HB2  sing N N 64  
ASP CB  HB3  sing N N 65  
ASP CG  OD1  doub N N 66  
ASP CG  OD2  sing N N 67  
ASP OD2 HD2  sing N N 68  
ASP OXT HXT  sing N N 69  
CYS N   CA   sing N N 70  
CYS N   H    sing N N 71  
CYS N   H2   sing N N 72  
CYS CA  C    sing N N 73  
CYS CA  CB   sing N N 74  
CYS CA  HA   sing N N 75  
CYS C   O    doub N N 76  
CYS C   OXT  sing N N 77  
CYS CB  SG   sing N N 78  
CYS CB  HB2  sing N N 79  
CYS CB  HB3  sing N N 80  
CYS SG  HG   sing N N 81  
CYS OXT HXT  sing N N 82  
GLN N   CA   sing N N 83  
GLN N   H    sing N N 84  
GLN N   H2   sing N N 85  
GLN CA  C    sing N N 86  
GLN CA  CB   sing N N 87  
GLN CA  HA   sing N N 88  
GLN C   O    doub N N 89  
GLN C   OXT  sing N N 90  
GLN CB  CG   sing N N 91  
GLN CB  HB2  sing N N 92  
GLN CB  HB3  sing N N 93  
GLN CG  CD   sing N N 94  
GLN CG  HG2  sing N N 95  
GLN CG  HG3  sing N N 96  
GLN CD  OE1  doub N N 97  
GLN CD  NE2  sing N N 98  
GLN NE2 HE21 sing N N 99  
GLN NE2 HE22 sing N N 100 
GLN OXT HXT  sing N N 101 
GLU N   CA   sing N N 102 
GLU N   H    sing N N 103 
GLU N   H2   sing N N 104 
GLU CA  C    sing N N 105 
GLU CA  CB   sing N N 106 
GLU CA  HA   sing N N 107 
GLU C   O    doub N N 108 
GLU C   OXT  sing N N 109 
GLU CB  CG   sing N N 110 
GLU CB  HB2  sing N N 111 
GLU CB  HB3  sing N N 112 
GLU CG  CD   sing N N 113 
GLU CG  HG2  sing N N 114 
GLU CG  HG3  sing N N 115 
GLU CD  OE1  doub N N 116 
GLU CD  OE2  sing N N 117 
GLU OE2 HE2  sing N N 118 
GLU OXT HXT  sing N N 119 
GLY N   CA   sing N N 120 
GLY N   H    sing N N 121 
GLY N   H2   sing N N 122 
GLY CA  C    sing N N 123 
GLY CA  HA2  sing N N 124 
GLY CA  HA3  sing N N 125 
GLY C   O    doub N N 126 
GLY C   OXT  sing N N 127 
GLY OXT HXT  sing N N 128 
HIS N   CA   sing N N 129 
HIS N   H    sing N N 130 
HIS N   H2   sing N N 131 
HIS CA  C    sing N N 132 
HIS CA  CB   sing N N 133 
HIS CA  HA   sing N N 134 
HIS C   O    doub N N 135 
HIS C   OXT  sing N N 136 
HIS CB  CG   sing N N 137 
HIS CB  HB2  sing N N 138 
HIS CB  HB3  sing N N 139 
HIS CG  ND1  sing Y N 140 
HIS CG  CD2  doub Y N 141 
HIS ND1 CE1  doub Y N 142 
HIS ND1 HD1  sing N N 143 
HIS CD2 NE2  sing Y N 144 
HIS CD2 HD2  sing N N 145 
HIS CE1 NE2  sing Y N 146 
HIS CE1 HE1  sing N N 147 
HIS NE2 HE2  sing N N 148 
HIS OXT HXT  sing N N 149 
HOH O   H1   sing N N 150 
HOH O   H2   sing N N 151 
ILE N   CA   sing N N 152 
ILE N   H    sing N N 153 
ILE N   H2   sing N N 154 
ILE CA  C    sing N N 155 
ILE CA  CB   sing N N 156 
ILE CA  HA   sing N N 157 
ILE C   O    doub N N 158 
ILE C   OXT  sing N N 159 
ILE CB  CG1  sing N N 160 
ILE CB  CG2  sing N N 161 
ILE CB  HB   sing N N 162 
ILE CG1 CD1  sing N N 163 
ILE CG1 HG12 sing N N 164 
ILE CG1 HG13 sing N N 165 
ILE CG2 HG21 sing N N 166 
ILE CG2 HG22 sing N N 167 
ILE CG2 HG23 sing N N 168 
ILE CD1 HD11 sing N N 169 
ILE CD1 HD12 sing N N 170 
ILE CD1 HD13 sing N N 171 
ILE OXT HXT  sing N N 172 
LEU N   CA   sing N N 173 
LEU N   H    sing N N 174 
LEU N   H2   sing N N 175 
LEU CA  C    sing N N 176 
LEU CA  CB   sing N N 177 
LEU CA  HA   sing N N 178 
LEU C   O    doub N N 179 
LEU C   OXT  sing N N 180 
LEU CB  CG   sing N N 181 
LEU CB  HB2  sing N N 182 
LEU CB  HB3  sing N N 183 
LEU CG  CD1  sing N N 184 
LEU CG  CD2  sing N N 185 
LEU CG  HG   sing N N 186 
LEU CD1 HD11 sing N N 187 
LEU CD1 HD12 sing N N 188 
LEU CD1 HD13 sing N N 189 
LEU CD2 HD21 sing N N 190 
LEU CD2 HD22 sing N N 191 
LEU CD2 HD23 sing N N 192 
LEU OXT HXT  sing N N 193 
LYS N   CA   sing N N 194 
LYS N   H    sing N N 195 
LYS N   H2   sing N N 196 
LYS CA  C    sing N N 197 
LYS CA  CB   sing N N 198 
LYS CA  HA   sing N N 199 
LYS C   O    doub N N 200 
LYS C   OXT  sing N N 201 
LYS CB  CG   sing N N 202 
LYS CB  HB2  sing N N 203 
LYS CB  HB3  sing N N 204 
LYS CG  CD   sing N N 205 
LYS CG  HG2  sing N N 206 
LYS CG  HG3  sing N N 207 
LYS CD  CE   sing N N 208 
LYS CD  HD2  sing N N 209 
LYS CD  HD3  sing N N 210 
LYS CE  NZ   sing N N 211 
LYS CE  HE2  sing N N 212 
LYS CE  HE3  sing N N 213 
LYS NZ  HZ1  sing N N 214 
LYS NZ  HZ2  sing N N 215 
LYS NZ  HZ3  sing N N 216 
LYS OXT HXT  sing N N 217 
MET N   CA   sing N N 218 
MET N   H    sing N N 219 
MET N   H2   sing N N 220 
MET CA  C    sing N N 221 
MET CA  CB   sing N N 222 
MET CA  HA   sing N N 223 
MET C   O    doub N N 224 
MET C   OXT  sing N N 225 
MET CB  CG   sing N N 226 
MET CB  HB2  sing N N 227 
MET CB  HB3  sing N N 228 
MET CG  SD   sing N N 229 
MET CG  HG2  sing N N 230 
MET CG  HG3  sing N N 231 
MET SD  CE   sing N N 232 
MET CE  HE1  sing N N 233 
MET CE  HE2  sing N N 234 
MET CE  HE3  sing N N 235 
MET OXT HXT  sing N N 236 
OWO C24 N23  sing N N 237 
OWO N22 N23  sing Y N 238 
OWO N22 C20  doub Y N 239 
OWO N23 C02  sing Y N 240 
OWO C20 C21  sing N N 241 
OWO C20 C03  sing Y N 242 
OWO C02 C03  doub Y N 243 
OWO C02 C01  sing N N 244 
OWO C03 C04  sing N N 245 
OWO F19 C18  sing N N 246 
OWO C04 C05  doub Y N 247 
OWO C04 C18  sing Y N 248 
OWO C05 C06  sing Y N 249 
OWO C18 C08  doub Y N 250 
OWO N11 C12  sing Y N 251 
OWO N11 C10  sing Y N 252 
OWO C12 N13  doub Y N 253 
OWO C06 C07  doub Y N 254 
OWO C08 C07  sing Y N 255 
OWO C08 C09  sing N N 256 
OWO C10 C09  doub Y N 257 
OWO C10 C14  sing Y N 258 
OWO N13 C14  sing Y N 259 
OWO C09 C17  sing Y N 260 
OWO C14 N15  doub Y N 261 
OWO C17 C16  doub Y N 262 
OWO N15 C16  sing Y N 263 
OWO C17 H171 sing N N 264 
OWO C21 H211 sing N N 265 
OWO C21 H213 sing N N 266 
OWO C21 H212 sing N N 267 
OWO C24 H241 sing N N 268 
OWO C24 H242 sing N N 269 
OWO C24 H243 sing N N 270 
OWO C01 H013 sing N N 271 
OWO C01 H011 sing N N 272 
OWO C01 H012 sing N N 273 
OWO C05 H051 sing N N 274 
OWO C06 H061 sing N N 275 
OWO C07 H071 sing N N 276 
OWO C12 H121 sing N N 277 
OWO C16 H161 sing N N 278 
OWO N11 H111 sing N N 279 
PHE N   CA   sing N N 280 
PHE N   H    sing N N 281 
PHE N   H2   sing N N 282 
PHE CA  C    sing N N 283 
PHE CA  CB   sing N N 284 
PHE CA  HA   sing N N 285 
PHE C   O    doub N N 286 
PHE C   OXT  sing N N 287 
PHE CB  CG   sing N N 288 
PHE CB  HB2  sing N N 289 
PHE CB  HB3  sing N N 290 
PHE CG  CD1  doub Y N 291 
PHE CG  CD2  sing Y N 292 
PHE CD1 CE1  sing Y N 293 
PHE CD1 HD1  sing N N 294 
PHE CD2 CE2  doub Y N 295 
PHE CD2 HD2  sing N N 296 
PHE CE1 CZ   doub Y N 297 
PHE CE1 HE1  sing N N 298 
PHE CE2 CZ   sing Y N 299 
PHE CE2 HE2  sing N N 300 
PHE CZ  HZ   sing N N 301 
PHE OXT HXT  sing N N 302 
PRO N   CA   sing N N 303 
PRO N   CD   sing N N 304 
PRO N   H    sing N N 305 
PRO CA  C    sing N N 306 
PRO CA  CB   sing N N 307 
PRO CA  HA   sing N N 308 
PRO C   O    doub N N 309 
PRO C   OXT  sing N N 310 
PRO CB  CG   sing N N 311 
PRO CB  HB2  sing N N 312 
PRO CB  HB3  sing N N 313 
PRO CG  CD   sing N N 314 
PRO CG  HG2  sing N N 315 
PRO CG  HG3  sing N N 316 
PRO CD  HD2  sing N N 317 
PRO CD  HD3  sing N N 318 
PRO OXT HXT  sing N N 319 
SER N   CA   sing N N 320 
SER N   H    sing N N 321 
SER N   H2   sing N N 322 
SER CA  C    sing N N 323 
SER CA  CB   sing N N 324 
SER CA  HA   sing N N 325 
SER C   O    doub N N 326 
SER C   OXT  sing N N 327 
SER CB  OG   sing N N 328 
SER CB  HB2  sing N N 329 
SER CB  HB3  sing N N 330 
SER OG  HG   sing N N 331 
SER OXT HXT  sing N N 332 
THR N   CA   sing N N 333 
THR N   H    sing N N 334 
THR N   H2   sing N N 335 
THR CA  C    sing N N 336 
THR CA  CB   sing N N 337 
THR CA  HA   sing N N 338 
THR C   O    doub N N 339 
THR C   OXT  sing N N 340 
THR CB  OG1  sing N N 341 
THR CB  CG2  sing N N 342 
THR CB  HB   sing N N 343 
THR OG1 HG1  sing N N 344 
THR CG2 HG21 sing N N 345 
THR CG2 HG22 sing N N 346 
THR CG2 HG23 sing N N 347 
THR OXT HXT  sing N N 348 
TRP N   CA   sing N N 349 
TRP N   H    sing N N 350 
TRP N   H2   sing N N 351 
TRP CA  C    sing N N 352 
TRP CA  CB   sing N N 353 
TRP CA  HA   sing N N 354 
TRP C   O    doub N N 355 
TRP C   OXT  sing N N 356 
TRP CB  CG   sing N N 357 
TRP CB  HB2  sing N N 358 
TRP CB  HB3  sing N N 359 
TRP CG  CD1  doub Y N 360 
TRP CG  CD2  sing Y N 361 
TRP CD1 NE1  sing Y N 362 
TRP CD1 HD1  sing N N 363 
TRP CD2 CE2  doub Y N 364 
TRP CD2 CE3  sing Y N 365 
TRP NE1 CE2  sing Y N 366 
TRP NE1 HE1  sing N N 367 
TRP CE2 CZ2  sing Y N 368 
TRP CE3 CZ3  doub Y N 369 
TRP CE3 HE3  sing N N 370 
TRP CZ2 CH2  doub Y N 371 
TRP CZ2 HZ2  sing N N 372 
TRP CZ3 CH2  sing Y N 373 
TRP CZ3 HZ3  sing N N 374 
TRP CH2 HH2  sing N N 375 
TRP OXT HXT  sing N N 376 
TYR N   CA   sing N N 377 
TYR N   H    sing N N 378 
TYR N   H2   sing N N 379 
TYR CA  C    sing N N 380 
TYR CA  CB   sing N N 381 
TYR CA  HA   sing N N 382 
TYR C   O    doub N N 383 
TYR C   OXT  sing N N 384 
TYR CB  CG   sing N N 385 
TYR CB  HB2  sing N N 386 
TYR CB  HB3  sing N N 387 
TYR CG  CD1  doub Y N 388 
TYR CG  CD2  sing Y N 389 
TYR CD1 CE1  sing Y N 390 
TYR CD1 HD1  sing N N 391 
TYR CD2 CE2  doub Y N 392 
TYR CD2 HD2  sing N N 393 
TYR CE1 CZ   doub Y N 394 
TYR CE1 HE1  sing N N 395 
TYR CE2 CZ   sing Y N 396 
TYR CE2 HE2  sing N N 397 
TYR CZ  OH   sing N N 398 
TYR OH  HH   sing N N 399 
TYR OXT HXT  sing N N 400 
VAL N   CA   sing N N 401 
VAL N   H    sing N N 402 
VAL N   H2   sing N N 403 
VAL CA  C    sing N N 404 
VAL CA  CB   sing N N 405 
VAL CA  HA   sing N N 406 
VAL C   O    doub N N 407 
VAL C   OXT  sing N N 408 
VAL CB  CG1  sing N N 409 
VAL CB  CG2  sing N N 410 
VAL CB  HB   sing N N 411 
VAL CG1 HG11 sing N N 412 
VAL CG1 HG12 sing N N 413 
VAL CG1 HG13 sing N N 414 
VAL CG2 HG21 sing N N 415 
VAL CG2 HG22 sing N N 416 
VAL CG2 HG23 sing N N 417 
VAL OXT HXT  sing N N 418 
# 
loop_
_pdbx_audit_support.funding_organization 
_pdbx_audit_support.country 
_pdbx_audit_support.grant_number 
_pdbx_audit_support.ordinal 
'National Natural Science Foundation of China (NSFC)' China 82173680 1 
'National Natural Science Foundation of China (NSFC)' China 81930100 2 
# 
_pdbx_entity_instance_feature.ordinal        1 
_pdbx_entity_instance_feature.comp_id        OWO 
_pdbx_entity_instance_feature.asym_id        ? 
_pdbx_entity_instance_feature.seq_num        ? 
_pdbx_entity_instance_feature.auth_comp_id   OWO 
_pdbx_entity_instance_feature.auth_asym_id   ? 
_pdbx_entity_instance_feature.auth_seq_num   ? 
_pdbx_entity_instance_feature.feature_type   'SUBJECT OF INVESTIGATION' 
_pdbx_entity_instance_feature.details        ? 
# 
loop_
_pdbx_entity_nonpoly.entity_id 
_pdbx_entity_nonpoly.name 
_pdbx_entity_nonpoly.comp_id 
2 '7-[2-fluoranyl-3-(1,3,5-trimethylpyrazol-4-yl)phenyl]-1~{H}-imidazo[4,5-b]pyridine' OWO 
3 water                                                                                HOH 
# 
_pdbx_initial_refinement_model.id               1 
_pdbx_initial_refinement_model.entity_id_list   ? 
_pdbx_initial_refinement_model.type             'experimental model' 
_pdbx_initial_refinement_model.source_name      PDB 
_pdbx_initial_refinement_model.accession_code   5you 
_pdbx_initial_refinement_model.details          ? 
# 
_pdbx_struct_assembly_auth_evidence.id                     1 
_pdbx_struct_assembly_auth_evidence.assembly_id            1 
_pdbx_struct_assembly_auth_evidence.experimental_support   'gel filtration' 
_pdbx_struct_assembly_auth_evidence.details                ? 
# 
